data_6RYR
#
_entry.id   6RYR
#
_cell.length_a   1.00
_cell.length_b   1.00
_cell.length_c   1.00
_cell.angle_alpha   90.00
_cell.angle_beta   90.00
_cell.angle_gamma   90.00
#
_symmetry.space_group_name_H-M   'P 1'
#
loop_
_entity.id
_entity.type
_entity.pdbx_description
1 polymer 'Histone H3.2'
2 polymer 'Histone H4'
3 polymer 'Histone H2A type 1'
4 polymer 'Histone H2B 1.1'
5 polymer 'DNA (149-MER)'
6 polymer 'DNA (149-MER)'
7 polymer 'Chromodomain-helicase-DNA-binding protein 4,Chromodomain-helicase-DNA-binding protein 4,Chromodomain-helicase-DNA-binding protein 4'
8 non-polymer 'PHOSPHOAMINOPHOSPHONIC ACID-ADENYLATE ESTER'
9 non-polymer 'MAGNESIUM ION'
10 non-polymer 'ZINC ION'
#
loop_
_entity_poly.entity_id
_entity_poly.type
_entity_poly.pdbx_seq_one_letter_code
_entity_poly.pdbx_strand_id
1 'polypeptide(L)'
;MARTKQTARKSTGGKAPRKQLATKAARKSAPATGGVKKPHRYRPGTVALREIRRYQKSTELLIRKLPFQRLVREIAQDFK
TDLRFQSSAVMALQEASEAYLVALFEDTNLCAIHAKRVTIMPKDIQLARRIRGERA
;
A,E
2 'polypeptide(L)'
;MSGRGKGGKGLGKGGAKRHRKVLRDNIQGITKPAIRRLARRGGVKRISGLIYEETRGVLKVFLENVIRDAVTYTEHAKRK
TVTAMDVVYALKRQGRTLYGFGG
;
B,F
3 'polypeptide(L)'
;MSGRGKQGGKTRAKAKTRSSRAGLQFPVGRVHRLLRKGNYAERVGAGAPVYLAAVLEYLTAEILELAGNAARDNKKTRII
PRHLQLAVRNDEELNKLLGRVTIAQGGVLPNIQSVLLPKKTESSKSAKSK
;
C,G
4 'polypeptide(L)'
;MAKSAPAPKKGSKKAVTKTQKKDGKKRRKTRKESYAIYVYKVLKQVHPDTGISSKAMSIMNSFVNDVFERIAGEASRLAH
YNKRSTITSREIQTAVRLLLPGELAKHAVSEGTKAVTKYTSAK
;
D,H
5 'polydeoxyribonucleotide'
;(DA)(DT)(DC)(DA)(DG)(DA)(DA)(DT)(DC)(DC)(DC)(DG)(DG)(DT)(DG)(DC)(DC)(DG)(DA)(DG)
(DG)(DC)(DC)(DG)(DC)(DT)(DC)(DA)(DA)(DT)(DT)(DG)(DG)(DT)(DC)(DG)(DT)(DA)(DG)(DA)
(DC)(DA)(DG)(DC)(DT)(DC)(DT)(DA)(DG)(DC)(DA)(DC)(DC)(DG)(DC)(DT)(DT)(DA)(DA)(DA)
(DC)(DG)(DC)(DA)(DC)(DG)(DT)(DA)(DC)(DG)(DC)(DG)(DC)(DT)(DG)(DT)(DC)(DC)(DC)(DC)
(DC)(DG)(DC)(DG)(DT)(DT)(DT)(DT)(DA)(DA)(DC)(DC)(DG)(DC)(DC)(DA)(DA)(DG)(DG)(DG)
(DG)(DA)(DT)(DT)(DA)(DC)(DT)(DC)(DC)(DC)(DT)(DA)(DG)(DT)(DC)(DT)(DC)(DC)(DA)(DG)
(DG)(DC)(DA)(DC)(DG)(DT)(DG)(DT)(DC)(DA)(DG)(DA)(DT)(DA)(DT)(DA)(DT)(DA)(DC)(DA)
(DT)(DC)(DG)(DA)(DT)(DA)(DG)(DG)(DC)
;
I
6 'polydeoxyribonucleotide'
;(DG)(DC)(DC)(DT)(DA)(DT)(DC)(DG)(DA)(DT)(DG)(DT)(DA)(DT)(DA)(DT)(DA)(DT)(DC)(DT)
(DG)(DA)(DC)(DA)(DC)(DG)(DT)(DG)(DC)(DC)(DT)(DG)(DG)(DA)(DG)(DA)(DC)(DT)(DA)(DG)
(DG)(DG)(DA)(DG)(DT)(DA)(DA)(DT)(DC)(DC)(DC)(DC)(DT)(DT)(DG)(DG)(DC)(DG)(DG)(DT)
(DT)(DA)(DA)(DA)(DA)(DC)(DG)(DC)(DG)(DG)(DG)(DG)(DG)(DA)(DC)(DA)(DG)(DC)(DG)(DC)
(DG)(DT)(DA)(DC)(DG)(DT)(DG)(DC)(DG)(DT)(DT)(DT)(DA)(DA)(DG)(DC)(DG)(DG)(DT)(DG)
(DC)(DT)(DA)(DG)(DA)(DG)(DC)(DT)(DG)(DT)(DC)(DT)(DA)(DC)(DG)(DA)(DC)(DC)(DA)(DA)
(DT)(DT)(DG)(DA)(DG)(DC)(DG)(DG)(DC)(DC)(DT)(DC)(DG)(DG)(DC)(DA)(DC)(DC)(DG)(DG)
(DG)(DA)(DT)(DT)(DC)(DT)(DG)(DA)(DT)
;
J
7 'polypeptide(L)'
;SNAMASGLGSPSPCSAGSEEEDMDALLNNSLPPPHPENEEDPEEDLSETETPKLKKKKKPKKPRDPKIPKSKRQKKERML
LCRQLGDSSGEGPEFVEEEEEVALRSDSEGSDYTPGKKKKKKLGPKKEKKSKSKRKEEEEEEDDDDDSKEPKSSAQLLED
WGMEDIDHVFSEEDYRTLTNYKAFSQFVRPLIAAKNPKIAVSKMMMVLGAKWREFSTNNPFKGSSGASVAAAAAAAVAVV
ESMVTATEVAPPPPPVEVPIRKAKTKEGKGPNARRKPKGSPRVPDAKKPKPKKVAPLKIKLGGFGSKRKRSSSEDDDLDV
ESDFDDASINSYSVSDGSTSRSSRSRKKLRTTKKKKKGEEEVTAVDGYETDHQDYCEVCQQGGEIILCDTCPRAYHMVCL
DPDMEKAPEGKWSCPHCEKEGIQWEAKEDNSEGEEILEEVGGDLEEEDDHHMEFCRVCKDGGELLCCDTCPSSYHIHCLN
PPLPEIPNGEWLCPRCTCPALKGKVQKILIWKWGQPPSPTPVPRPPDADPNTPSPKPLEGRPERQFFVKWQGMSYWHCSW
VSELQLELHCQVMFRNYQRKNDMDEPPSGDFGGDEEKSRKRKNKDPKFAEMEERFYRYGIKPEWMMIHRILNHSVDKKGH
VHYLIKWRDLPYDQASWESEDVEIQDYDLFKQSYWNHRELMRGEEGRPGKKLKKVKLRKLERPPETPTVDPTVKYERQPE
YLDATGGTLHPYQMEGLNWLRFSWAQGTDTILADEMGLGKTVQTAVFLYSLYKEGHSKGPFLVSAPLSTIINWEREFEMW
APDMYVVTYVGDKDSRAIIRENEFSFEDNAIRGGKKASRMKKEASVKFHVLLTSYELITIDMAILGSIDWACLIVDEAHR
LKNNQSKFFRVLNGYSLQHKLLLTGTPLQNNLEELFHLLNFLTPERFHNLEGFLEEFADIAKEDQIKKLHDMLGPHMLRR
LKADVFKNMPSKTELIVRVELSPMQKKYYKYILTRNFEALNARGGGNQVSLLNVVMDLKKCCNHPYLFPVAAMEAPKMPN
GMYDGSALIRASGKLLLLQKMLKNLKEGGHRVLIFSQMTKMLDLLEDFLEHEGYKYERIDGGITGNMRQEAIDRFNAPGA
QQFCFLLSTRAGGLGINLATADTVIIYDSDWNPHNDIQAFSRAHRIGQNKKVMIYRFVTRASVEERITQVAKKKMMLTHL
VVR(UNK)(UNK)(UNK)(UNK)(UNK)(UNK)(UNK)(UNK)(UNK)(UNK)(UNK)(UNK)PGLGSKTGSMSKQELDD
ILKFGTEELFKDEATDGGGDNKEGEDSSVIHYDDKAIERLLDRNQDETEDTELQGMNEYLSSFKVAQYVVREEEMGEEEE
VEREIIKQEESVDPDYWEKLLRHHYEQQQEDLARNLGKGKRIRKQVNYNDGSQEDRDWQDDQSDNQSDYSVASEEGDEDF
DERSEAPRRPSRKGLRNDKDKPLPPLLARVGGNIEVLGFNARQRKAFLNAIMRYGMPPQDAFTTQWLVRDLRGKSEKEFK
AYVSLFMRHLCEPGADGAETFADGVPREGLSRQHVLTRIGVMSLIRKKVQEFEHVNGRWSMPELAEVEENKKMSQPGSPS
PKTPTPSTPGDTQPNTPAPVPPAEDGIKIEENSLKEEESIEGEKEVKSTAPETAIECTQAPAPASEDEKVVVEPPEGEEK
VEKAEVKERTEEPMETEPKGAADVEKVEEKSAIDLTPIVVEDKEEKKEEEEKKEVMLQNGETPKDLNDEKQKKNIKQRFM
FNIADGGFTELHSLWQNEERAATVTKKTYEIWHRRHDYWLLAGIINHGYARWQDIQNDPRYAILNEPFKGEMNRGNFLEI
KNKFLARRFKLLEQALVIEEQLRRAAYLNMSEDPSHPSMALNTRFAEVECLAESHQHLSKESMAGNKPANAVLHKVLKQL
EELLSDMKADVTRLPATIARIPPVAVRLQMSERNILSRLANRAPEPTPQQVAQQQ
;
W
#
loop_
_chem_comp.id
_chem_comp.type
_chem_comp.name
_chem_comp.formula
ANP non-polymer 'PHOSPHOAMINOPHOSPHONIC ACID-ADENYLATE ESTER' 'C10 H17 N6 O12 P3'
DA DNA linking 2'-DEOXYADENOSINE-5'-MONOPHOSPHATE 'C10 H14 N5 O6 P'
DC DNA linking 2'-DEOXYCYTIDINE-5'-MONOPHOSPHATE 'C9 H14 N3 O7 P'
DG DNA linking 2'-DEOXYGUANOSINE-5'-MONOPHOSPHATE 'C10 H14 N5 O7 P'
DT DNA linking THYMIDINE-5'-MONOPHOSPHATE 'C10 H15 N2 O8 P'
MG non-polymer 'MAGNESIUM ION' 'Mg 2'
ZN non-polymer 'ZINC ION' 'Zn 2'
#
# COMPACT_ATOMS: atom_id res chain seq x y z
N PRO A 39 26.66 24.39 15.54
CA PRO A 39 25.50 23.51 15.30
C PRO A 39 25.87 22.02 15.35
N HIS A 40 24.87 21.16 15.33
CA HIS A 40 25.06 19.72 15.43
C HIS A 40 24.85 19.10 14.06
N ARG A 41 25.88 18.42 13.55
CA ARG A 41 25.88 17.82 12.21
C ARG A 41 26.46 16.42 12.31
N TYR A 42 25.63 15.41 12.12
CA TYR A 42 26.14 14.05 12.01
C TYR A 42 26.83 13.86 10.67
N ARG A 43 27.61 12.78 10.59
CA ARG A 43 28.57 12.57 9.53
C ARG A 43 28.08 11.48 8.57
N PRO A 44 28.65 11.40 7.37
CA PRO A 44 28.27 10.31 6.46
C PRO A 44 28.38 8.95 7.12
N GLY A 45 27.23 8.27 7.26
CA GLY A 45 27.19 6.93 7.81
C GLY A 45 26.76 6.84 9.26
N THR A 46 26.80 7.95 10.00
CA THR A 46 26.40 7.90 11.42
C THR A 46 24.91 7.71 11.57
N VAL A 47 24.12 8.48 10.82
CA VAL A 47 22.66 8.32 10.90
C VAL A 47 22.24 7.01 10.27
N ALA A 48 22.99 6.54 9.26
CA ALA A 48 22.64 5.32 8.57
C ALA A 48 22.59 4.14 9.53
N LEU A 49 23.57 4.03 10.43
CA LEU A 49 23.61 2.91 11.36
C LEU A 49 22.40 2.92 12.28
N ARG A 50 22.01 4.09 12.77
CA ARG A 50 20.81 4.15 13.60
C ARG A 50 19.59 3.74 12.80
N GLU A 51 19.54 4.10 11.52
CA GLU A 51 18.43 3.63 10.68
C GLU A 51 18.44 2.11 10.57
N ILE A 52 19.62 1.50 10.39
CA ILE A 52 19.68 0.05 10.29
C ILE A 52 19.15 -0.58 11.58
N ARG A 53 19.62 -0.09 12.73
CA ARG A 53 19.16 -0.66 13.99
C ARG A 53 17.65 -0.48 14.17
N ARG A 54 17.13 0.69 13.82
CA ARG A 54 15.71 0.94 13.97
C ARG A 54 14.89 -0.03 13.11
N TYR A 55 15.23 -0.13 11.81
CA TYR A 55 14.38 -0.89 10.91
C TYR A 55 14.59 -2.41 11.05
N GLN A 56 15.76 -2.85 11.49
CA GLN A 56 15.96 -4.28 11.72
C GLN A 56 15.22 -4.77 12.96
N LYS A 57 14.78 -3.86 13.83
CA LYS A 57 14.04 -4.20 15.04
C LYS A 57 12.53 -4.13 14.86
N SER A 58 12.06 -3.87 13.65
CA SER A 58 10.65 -3.60 13.39
C SER A 58 10.08 -4.57 12.37
N THR A 59 8.78 -4.86 12.52
CA THR A 59 8.04 -5.69 11.57
C THR A 59 7.21 -4.87 10.59
N GLU A 60 7.28 -3.55 10.65
CA GLU A 60 6.43 -2.72 9.83
C GLU A 60 6.73 -2.93 8.35
N LEU A 61 5.71 -2.70 7.52
CA LEU A 61 5.81 -2.88 6.08
C LEU A 61 6.34 -1.59 5.48
N LEU A 62 7.56 -1.62 4.93
CA LEU A 62 8.29 -0.39 4.64
C LEU A 62 7.94 0.24 3.30
N ILE A 63 7.19 -0.43 2.44
CA ILE A 63 6.62 0.19 1.24
C ILE A 63 5.20 0.64 1.57
N ARG A 64 4.86 1.84 1.13
CA ARG A 64 3.52 2.36 1.37
C ARG A 64 2.51 1.59 0.54
N LYS A 65 1.32 1.38 1.12
CA LYS A 65 0.40 0.36 0.61
C LYS A 65 -0.31 0.80 -0.67
N LEU A 66 -0.74 2.07 -0.76
CA LEU A 66 -1.55 2.47 -1.91
C LEU A 66 -0.78 2.43 -3.22
N PRO A 67 0.42 3.01 -3.33
CA PRO A 67 1.15 2.91 -4.60
C PRO A 67 1.45 1.48 -5.00
N PHE A 68 1.79 0.64 -4.02
CA PHE A 68 2.08 -0.76 -4.32
C PHE A 68 0.82 -1.48 -4.80
N GLN A 69 -0.33 -1.15 -4.21
CA GLN A 69 -1.59 -1.72 -4.68
C GLN A 69 -1.86 -1.32 -6.13
N ARG A 70 -1.66 -0.05 -6.46
CA ARG A 70 -1.86 0.38 -7.85
C ARG A 70 -0.93 -0.36 -8.80
N LEU A 71 0.35 -0.49 -8.41
CA LEU A 71 1.30 -1.19 -9.24
C LEU A 71 0.89 -2.65 -9.41
N VAL A 72 0.42 -3.29 -8.34
CA VAL A 72 -0.02 -4.68 -8.43
C VAL A 72 -1.17 -4.80 -9.43
N ARG A 73 -2.14 -3.90 -9.35
CA ARG A 73 -3.28 -4.01 -10.25
C ARG A 73 -2.86 -3.85 -11.70
N GLU A 74 -1.97 -2.90 -11.99
CA GLU A 74 -1.58 -2.74 -13.39
C GLU A 74 -0.63 -3.83 -13.88
N ILE A 75 0.15 -4.45 -12.99
CA ILE A 75 0.88 -5.65 -13.41
C ILE A 75 -0.10 -6.78 -13.68
N ALA A 76 -1.19 -6.88 -12.91
CA ALA A 76 -2.17 -7.92 -13.12
C ALA A 76 -3.03 -7.67 -14.36
N GLN A 77 -3.10 -6.42 -14.83
CA GLN A 77 -4.02 -6.09 -15.91
C GLN A 77 -3.49 -6.44 -17.29
N ASP A 78 -2.19 -6.73 -17.42
CA ASP A 78 -1.69 -7.22 -18.70
C ASP A 78 -2.08 -8.67 -18.91
N PHE A 79 -2.11 -9.46 -17.84
CA PHE A 79 -2.46 -10.87 -17.94
C PHE A 79 -3.96 -11.08 -18.11
N LYS A 80 -4.77 -10.28 -17.41
CA LYS A 80 -6.21 -10.40 -17.51
C LYS A 80 -6.85 -9.09 -17.09
N THR A 81 -7.86 -8.67 -17.85
CA THR A 81 -8.61 -7.46 -17.55
C THR A 81 -9.86 -7.82 -16.74
N ASP A 82 -10.42 -6.80 -16.09
CA ASP A 82 -11.62 -6.98 -15.27
C ASP A 82 -11.32 -7.88 -14.07
N LEU A 83 -10.25 -7.57 -13.36
CA LEU A 83 -9.79 -8.37 -12.23
C LEU A 83 -9.89 -7.55 -10.95
N ARG A 84 -10.43 -8.17 -9.90
CA ARG A 84 -10.56 -7.55 -8.59
C ARG A 84 -9.61 -8.24 -7.62
N PHE A 85 -9.30 -7.54 -6.53
CA PHE A 85 -8.37 -8.03 -5.53
C PHE A 85 -8.97 -7.89 -4.15
N GLN A 86 -8.72 -8.87 -3.29
CA GLN A 86 -9.13 -8.78 -1.90
C GLN A 86 -8.14 -7.92 -1.12
N SER A 87 -8.60 -7.45 0.05
CA SER A 87 -7.75 -6.61 0.88
C SER A 87 -6.50 -7.33 1.36
N SER A 88 -6.55 -8.66 1.45
CA SER A 88 -5.43 -9.44 1.97
C SER A 88 -4.48 -9.93 0.88
N ALA A 89 -4.96 -10.08 -0.35
CA ALA A 89 -4.07 -10.52 -1.43
C ALA A 89 -2.96 -9.51 -1.69
N VAL A 90 -3.31 -8.23 -1.73
CA VAL A 90 -2.32 -7.20 -1.98
C VAL A 90 -1.34 -7.12 -0.82
N MET A 91 -1.82 -7.27 0.42
CA MET A 91 -0.92 -7.25 1.56
C MET A 91 0.04 -8.43 1.54
N ALA A 92 -0.45 -9.61 1.17
CA ALA A 92 0.44 -10.76 1.03
C ALA A 92 1.48 -10.52 -0.04
N LEU A 93 1.06 -9.96 -1.18
CA LEU A 93 2.00 -9.65 -2.24
C LEU A 93 3.07 -8.69 -1.75
N GLN A 94 2.68 -7.65 -1.02
CA GLN A 94 3.65 -6.67 -0.53
C GLN A 94 4.60 -7.29 0.47
N GLU A 95 4.10 -8.11 1.38
CA GLU A 95 4.97 -8.77 2.35
C GLU A 95 6.00 -9.65 1.65
N ALA A 96 5.55 -10.46 0.69
CA ALA A 96 6.48 -11.29 -0.05
C ALA A 96 7.49 -10.43 -0.81
N SER A 97 7.03 -9.33 -1.39
CA SER A 97 7.91 -8.49 -2.20
C SER A 97 9.02 -7.88 -1.35
N GLU A 98 8.68 -7.33 -0.18
CA GLU A 98 9.74 -6.75 0.62
C GLU A 98 10.62 -7.81 1.28
N ALA A 99 10.08 -9.00 1.57
CA ALA A 99 10.95 -10.08 2.04
C ALA A 99 12.00 -10.42 0.98
N TYR A 100 11.55 -10.58 -0.27
CA TYR A 100 12.45 -10.84 -1.37
C TYR A 100 13.48 -9.73 -1.52
N LEU A 101 13.03 -8.48 -1.48
CA LEU A 101 13.95 -7.36 -1.69
C LEU A 101 14.95 -7.22 -0.56
N VAL A 102 14.53 -7.49 0.68
CA VAL A 102 15.45 -7.41 1.81
C VAL A 102 16.53 -8.48 1.69
N ALA A 103 16.13 -9.71 1.34
CA ALA A 103 17.14 -10.76 1.14
C ALA A 103 18.09 -10.39 0.01
N LEU A 104 17.54 -9.83 -1.07
CA LEU A 104 18.37 -9.44 -2.20
C LEU A 104 19.35 -8.35 -1.82
N PHE A 105 18.91 -7.41 -0.97
CA PHE A 105 19.82 -6.35 -0.52
C PHE A 105 20.87 -6.88 0.44
N GLU A 106 20.55 -7.89 1.24
CA GLU A 106 21.60 -8.53 2.04
C GLU A 106 22.67 -9.11 1.13
N ASP A 107 22.25 -9.86 0.10
CA ASP A 107 23.22 -10.42 -0.83
C ASP A 107 24.00 -9.30 -1.54
N THR A 108 23.32 -8.20 -1.88
CA THR A 108 23.97 -7.10 -2.58
C THR A 108 25.04 -6.44 -1.72
N ASN A 109 24.74 -6.22 -0.43
CA ASN A 109 25.73 -5.66 0.49
C ASN A 109 26.93 -6.59 0.63
N LEU A 110 26.68 -7.89 0.67
CA LEU A 110 27.78 -8.85 0.85
C LEU A 110 28.65 -8.94 -0.40
N CYS A 111 28.04 -8.84 -1.58
CA CYS A 111 28.83 -8.71 -2.80
C CYS A 111 29.63 -7.41 -2.80
N ALA A 112 29.02 -6.32 -2.30
CA ALA A 112 29.75 -5.05 -2.24
C ALA A 112 30.97 -5.17 -1.33
N ILE A 113 30.79 -5.78 -0.15
CA ILE A 113 31.92 -5.96 0.75
C ILE A 113 32.95 -6.89 0.13
N HIS A 114 32.52 -7.82 -0.71
CA HIS A 114 33.48 -8.71 -1.36
C HIS A 114 34.47 -7.93 -2.22
N ALA A 115 34.01 -6.89 -2.91
CA ALA A 115 34.85 -6.09 -3.78
C ALA A 115 35.54 -4.93 -3.04
N LYS A 116 35.69 -5.04 -1.72
CA LYS A 116 36.33 -4.00 -0.92
C LYS A 116 35.61 -2.66 -1.08
N ARG A 117 34.28 -2.70 -0.98
CA ARG A 117 33.46 -1.51 -1.05
C ARG A 117 32.41 -1.55 0.05
N VAL A 118 31.96 -0.37 0.46
CA VAL A 118 30.83 -0.23 1.36
C VAL A 118 29.57 0.21 0.63
N THR A 119 29.69 0.80 -0.55
CA THR A 119 28.53 1.15 -1.35
C THR A 119 28.02 -0.06 -2.10
N ILE A 120 26.70 -0.19 -2.17
CA ILE A 120 26.05 -1.23 -2.96
C ILE A 120 25.65 -0.63 -4.30
N MET A 121 26.07 -1.27 -5.38
CA MET A 121 25.94 -0.77 -6.73
C MET A 121 25.12 -1.74 -7.58
N PRO A 122 24.63 -1.30 -8.75
CA PRO A 122 23.82 -2.21 -9.58
C PRO A 122 24.55 -3.47 -9.98
N LYS A 123 25.87 -3.41 -10.19
CA LYS A 123 26.63 -4.63 -10.47
C LYS A 123 26.46 -5.64 -9.35
N ASP A 124 26.38 -5.16 -8.11
CA ASP A 124 26.20 -6.06 -6.98
C ASP A 124 24.85 -6.79 -7.06
N ILE A 125 23.79 -6.07 -7.39
CA ILE A 125 22.48 -6.71 -7.53
C ILE A 125 22.50 -7.71 -8.68
N GLN A 126 23.11 -7.32 -9.80
CA GLN A 126 23.14 -8.23 -10.94
C GLN A 126 23.89 -9.51 -10.60
N LEU A 127 25.02 -9.39 -9.90
CA LEU A 127 25.74 -10.59 -9.47
C LEU A 127 24.93 -11.42 -8.49
N ALA A 128 24.33 -10.76 -7.49
CA ALA A 128 23.57 -11.46 -6.46
C ALA A 128 22.32 -12.13 -7.03
N ARG A 129 21.86 -11.72 -8.21
CA ARG A 129 20.77 -12.41 -8.86
C ARG A 129 21.23 -13.40 -9.91
N ARG A 130 22.44 -13.26 -10.42
CA ARG A 130 22.99 -14.25 -11.35
C ARG A 130 23.36 -15.54 -10.62
N ILE A 131 24.01 -15.42 -9.46
CA ILE A 131 24.48 -16.60 -8.75
C ILE A 131 23.29 -17.44 -8.27
N ARG A 132 22.16 -16.82 -8.00
CA ARG A 132 20.95 -17.50 -7.56
C ARG A 132 20.08 -18.00 -8.71
N GLY A 133 20.49 -17.76 -9.96
CA GLY A 133 19.80 -18.30 -11.11
C GLY A 133 18.65 -17.45 -11.62
N GLU A 134 18.28 -16.39 -10.92
CA GLU A 134 17.18 -15.56 -11.38
C GLU A 134 17.60 -14.68 -12.55
N ARG A 135 16.69 -14.48 -13.48
CA ARG A 135 16.97 -13.69 -14.68
C ARG A 135 15.74 -12.88 -15.09
N LYS B 17 -0.38 24.08 -12.05
CA LYS B 17 -1.11 24.86 -11.02
C LYS B 17 -2.60 24.89 -11.35
N ARG B 18 -3.42 24.17 -10.58
CA ARG B 18 -4.87 24.09 -10.72
C ARG B 18 -5.34 23.71 -12.12
N HIS B 19 -4.43 23.19 -12.96
CA HIS B 19 -4.81 22.59 -14.23
C HIS B 19 -4.94 21.07 -14.09
N ARG B 20 -3.83 20.42 -13.74
CA ARG B 20 -3.78 18.98 -13.53
C ARG B 20 -2.48 18.64 -12.81
N LYS B 21 -2.17 17.34 -12.69
CA LYS B 21 -0.94 16.90 -12.04
C LYS B 21 -0.13 16.08 -13.04
N VAL B 22 1.08 15.71 -12.62
CA VAL B 22 2.03 15.05 -13.51
C VAL B 22 1.53 13.69 -13.97
N LEU B 23 0.70 13.03 -13.15
CA LEU B 23 0.36 11.62 -13.35
C LEU B 23 1.63 10.77 -13.43
N ARG B 24 2.36 10.76 -12.32
CA ARG B 24 3.62 10.02 -12.26
C ARG B 24 3.40 8.55 -12.60
N ASP B 25 4.32 7.99 -13.36
CA ASP B 25 4.38 6.54 -13.49
C ASP B 25 4.56 5.94 -12.10
N ASN B 26 3.77 4.93 -11.77
CA ASN B 26 3.68 4.49 -10.38
C ASN B 26 4.73 3.48 -9.98
N ILE B 27 5.52 2.96 -10.93
CA ILE B 27 6.74 2.26 -10.53
C ILE B 27 7.70 3.22 -9.87
N GLN B 28 7.56 4.52 -10.16
CA GLN B 28 8.23 5.55 -9.38
C GLN B 28 7.54 5.79 -8.04
N GLY B 29 6.28 5.36 -7.92
CA GLY B 29 5.59 5.42 -6.64
C GLY B 29 6.28 4.63 -5.54
N ILE B 30 7.12 3.68 -5.91
CA ILE B 30 8.03 3.06 -4.95
C ILE B 30 9.19 4.04 -4.81
N THR B 31 9.06 4.95 -3.86
CA THR B 31 9.90 6.14 -3.84
C THR B 31 11.31 5.80 -3.34
N LYS B 32 12.22 6.74 -3.56
CA LYS B 32 13.61 6.58 -3.12
C LYS B 32 13.73 6.26 -1.64
N PRO B 33 13.08 6.99 -0.72
CA PRO B 33 13.18 6.62 0.69
C PRO B 33 12.64 5.23 1.01
N ALA B 34 11.65 4.74 0.26
CA ALA B 34 11.15 3.39 0.51
C ALA B 34 12.22 2.35 0.17
N ILE B 35 12.86 2.48 -0.97
CA ILE B 35 13.93 1.56 -1.35
C ILE B 35 15.10 1.68 -0.37
N ARG B 36 15.41 2.90 0.05
CA ARG B 36 16.47 3.09 1.03
C ARG B 36 16.12 2.40 2.35
N ARG B 37 14.85 2.49 2.76
CA ARG B 37 14.42 1.84 3.98
C ARG B 37 14.53 0.32 3.88
N LEU B 38 14.14 -0.24 2.73
CA LEU B 38 14.31 -1.67 2.52
C LEU B 38 15.78 -2.06 2.59
N ALA B 39 16.66 -1.25 1.99
CA ALA B 39 18.08 -1.55 2.04
C ALA B 39 18.59 -1.51 3.49
N ARG B 40 18.16 -0.51 4.26
CA ARG B 40 18.62 -0.41 5.64
C ARG B 40 18.11 -1.56 6.50
N ARG B 41 16.89 -2.05 6.25
CA ARG B 41 16.51 -3.28 6.94
C ARG B 41 17.36 -4.46 6.50
N GLY B 42 17.97 -4.39 5.31
CA GLY B 42 18.90 -5.40 4.84
C GLY B 42 20.31 -5.23 5.33
N GLY B 43 20.60 -4.20 6.12
CA GLY B 43 21.93 -4.00 6.65
C GLY B 43 22.88 -3.26 5.73
N VAL B 44 22.37 -2.33 4.93
CA VAL B 44 23.19 -1.57 3.98
C VAL B 44 23.50 -0.21 4.59
N LYS B 45 24.78 0.12 4.67
CA LYS B 45 25.19 1.39 5.25
C LYS B 45 25.12 2.53 4.25
N ARG B 46 25.72 2.34 3.07
CA ARG B 46 25.81 3.38 2.06
C ARG B 46 25.26 2.85 0.75
N ILE B 47 24.51 3.69 0.03
CA ILE B 47 23.75 3.26 -1.13
C ILE B 47 24.11 4.15 -2.31
N SER B 48 24.14 3.54 -3.50
CA SER B 48 24.42 4.27 -4.73
C SER B 48 23.18 5.01 -5.20
N GLY B 49 23.31 5.74 -6.31
CA GLY B 49 22.22 6.52 -6.84
C GLY B 49 21.54 5.88 -8.03
N LEU B 50 22.20 4.90 -8.64
CA LEU B 50 21.65 4.19 -9.79
C LEU B 50 20.96 2.89 -9.40
N ILE B 51 20.85 2.60 -8.10
CA ILE B 51 20.32 1.33 -7.63
C ILE B 51 18.83 1.40 -7.36
N TYR B 52 18.20 2.54 -7.61
CA TYR B 52 16.76 2.67 -7.41
C TYR B 52 15.98 2.21 -8.63
N GLU B 53 16.38 2.67 -9.82
CA GLU B 53 15.71 2.24 -11.04
C GLU B 53 15.98 0.78 -11.39
N GLU B 54 17.00 0.18 -10.77
CA GLU B 54 17.26 -1.25 -10.92
C GLU B 54 16.42 -2.06 -9.94
N THR B 55 16.32 -1.58 -8.69
CA THR B 55 15.45 -2.24 -7.73
C THR B 55 14.00 -2.19 -8.18
N ARG B 56 13.59 -1.09 -8.80
CA ARG B 56 12.23 -1.01 -9.33
C ARG B 56 11.99 -2.08 -10.38
N GLY B 57 12.94 -2.27 -11.29
CA GLY B 57 12.78 -3.31 -12.30
C GLY B 57 12.75 -4.71 -11.70
N VAL B 58 13.62 -4.96 -10.72
CA VAL B 58 13.63 -6.28 -10.07
C VAL B 58 12.29 -6.56 -9.41
N LEU B 59 11.78 -5.58 -8.65
CA LEU B 59 10.50 -5.74 -8.00
C LEU B 59 9.38 -5.94 -9.02
N LYS B 60 9.43 -5.17 -10.12
CA LYS B 60 8.40 -5.32 -11.13
C LYS B 60 8.40 -6.72 -11.73
N VAL B 61 9.59 -7.26 -12.04
CA VAL B 61 9.66 -8.60 -12.62
C VAL B 61 9.14 -9.64 -11.63
N PHE B 62 9.55 -9.54 -10.37
CA PHE B 62 9.05 -10.46 -9.35
C PHE B 62 7.53 -10.42 -9.30
N LEU B 63 6.96 -9.22 -9.30
CA LEU B 63 5.51 -9.09 -9.24
C LEU B 63 4.85 -9.67 -10.49
N GLU B 64 5.45 -9.46 -11.67
CA GLU B 64 4.85 -10.05 -12.87
C GLU B 64 4.77 -11.56 -12.75
N ASN B 65 5.87 -12.19 -12.32
CA ASN B 65 5.84 -13.65 -12.19
C ASN B 65 4.75 -14.09 -11.22
N VAL B 66 4.77 -13.51 -10.00
CA VAL B 66 3.87 -13.99 -8.96
C VAL B 66 2.43 -13.73 -9.35
N ILE B 67 2.15 -12.54 -9.88
CA ILE B 67 0.79 -12.17 -10.23
C ILE B 67 0.29 -12.97 -11.42
N ARG B 68 1.16 -13.30 -12.38
CA ARG B 68 0.72 -14.13 -13.49
C ARG B 68 0.31 -15.51 -13.00
N ASP B 69 1.11 -16.09 -12.10
CA ASP B 69 0.73 -17.39 -11.56
C ASP B 69 -0.56 -17.32 -10.75
N ALA B 70 -0.75 -16.25 -9.96
CA ALA B 70 -1.95 -16.15 -9.15
C ALA B 70 -3.18 -15.82 -9.99
N VAL B 71 -3.00 -15.15 -11.13
CA VAL B 71 -4.12 -14.88 -12.02
C VAL B 71 -4.48 -16.12 -12.81
N THR B 72 -3.49 -16.96 -13.15
CA THR B 72 -3.83 -18.26 -13.71
C THR B 72 -4.62 -19.11 -12.71
N TYR B 73 -4.19 -19.14 -11.45
CA TYR B 73 -4.96 -19.82 -10.42
C TYR B 73 -6.39 -19.28 -10.35
N THR B 74 -6.54 -17.95 -10.33
CA THR B 74 -7.87 -17.36 -10.23
C THR B 74 -8.72 -17.70 -11.43
N GLU B 75 -8.16 -17.63 -12.64
CA GLU B 75 -8.94 -17.90 -13.85
C GLU B 75 -9.38 -19.35 -13.90
N HIS B 76 -8.52 -20.28 -13.47
CA HIS B 76 -8.91 -21.69 -13.53
C HIS B 76 -10.15 -21.97 -12.71
N ALA B 77 -10.26 -21.33 -11.54
CA ALA B 77 -11.42 -21.51 -10.67
C ALA B 77 -12.64 -20.75 -11.15
N LYS B 78 -12.56 -20.03 -12.26
CA LYS B 78 -13.67 -19.24 -12.80
C LYS B 78 -14.13 -18.20 -11.78
N ARG B 79 -13.19 -17.33 -11.40
CA ARG B 79 -13.44 -16.24 -10.48
C ARG B 79 -12.90 -14.94 -11.07
N LYS B 80 -13.52 -13.83 -10.69
CA LYS B 80 -13.05 -12.51 -11.08
C LYS B 80 -12.25 -11.81 -10.00
N THR B 81 -12.16 -12.39 -8.80
CA THR B 81 -11.46 -11.79 -7.68
C THR B 81 -10.24 -12.62 -7.33
N VAL B 82 -9.09 -11.96 -7.20
CA VAL B 82 -7.85 -12.65 -6.85
C VAL B 82 -7.82 -12.83 -5.34
N THR B 83 -7.94 -14.08 -4.89
CA THR B 83 -7.97 -14.37 -3.47
C THR B 83 -6.56 -14.43 -2.91
N ALA B 84 -6.45 -14.30 -1.59
CA ALA B 84 -5.15 -14.43 -0.94
C ALA B 84 -4.59 -15.84 -1.11
N MET B 85 -5.47 -16.85 -1.16
CA MET B 85 -5.01 -18.21 -1.40
C MET B 85 -4.35 -18.34 -2.76
N ASP B 86 -4.85 -17.62 -3.76
CA ASP B 86 -4.21 -17.65 -5.07
C ASP B 86 -2.78 -17.12 -4.99
N VAL B 87 -2.58 -16.02 -4.27
CA VAL B 87 -1.24 -15.45 -4.11
C VAL B 87 -0.34 -16.42 -3.37
N VAL B 88 -0.86 -17.04 -2.30
CA VAL B 88 -0.05 -17.97 -1.52
C VAL B 88 0.34 -19.17 -2.38
N TYR B 89 -0.60 -19.68 -3.18
CA TYR B 89 -0.29 -20.81 -4.06
C TYR B 89 0.74 -20.43 -5.11
N ALA B 90 0.61 -19.23 -5.69
CA ALA B 90 1.58 -18.78 -6.67
C ALA B 90 2.97 -18.66 -6.06
N LEU B 91 3.05 -18.13 -4.84
CA LEU B 91 4.35 -18.01 -4.18
C LEU B 91 4.93 -19.39 -3.85
N LYS B 92 4.11 -20.30 -3.35
CA LYS B 92 4.59 -21.63 -3.02
C LYS B 92 5.00 -22.42 -4.25
N ARG B 93 4.42 -22.11 -5.41
CA ARG B 93 4.86 -22.72 -6.65
C ARG B 93 6.27 -22.30 -7.04
N GLN B 94 6.79 -21.23 -6.44
CA GLN B 94 8.10 -20.70 -6.76
C GLN B 94 9.08 -20.81 -5.59
N GLY B 95 8.79 -21.67 -4.62
CA GLY B 95 9.67 -21.81 -3.47
C GLY B 95 9.78 -20.55 -2.63
N ARG B 96 8.66 -19.87 -2.41
CA ARG B 96 8.59 -18.66 -1.59
C ARG B 96 7.41 -18.75 -0.65
N THR B 97 7.27 -19.87 0.05
CA THR B 97 6.12 -20.12 0.90
C THR B 97 5.92 -18.99 1.90
N LEU B 98 4.68 -18.53 2.01
CA LEU B 98 4.30 -17.42 2.89
C LEU B 98 3.38 -17.95 3.98
N TYR B 99 3.82 -17.83 5.23
CA TYR B 99 3.02 -18.26 6.37
C TYR B 99 2.24 -17.09 6.93
N GLY B 100 0.99 -17.34 7.31
CA GLY B 100 0.18 -16.40 8.05
C GLY B 100 -0.95 -15.77 7.27
N PHE B 101 -0.92 -15.84 5.94
CA PHE B 101 -1.90 -15.16 5.09
C PHE B 101 -2.77 -16.16 4.35
N GLY B 102 -3.14 -17.24 5.02
CA GLY B 102 -3.98 -18.27 4.45
C GLY B 102 -3.22 -19.57 4.25
N GLY B 103 -3.97 -20.66 4.16
CA GLY B 103 -3.41 -21.97 3.95
C GLY B 103 -3.16 -22.72 5.24
N THR C 17 -7.25 -47.47 -31.80
CA THR C 17 -6.49 -46.96 -30.67
C THR C 17 -6.72 -45.45 -30.52
N ARG C 18 -6.75 -44.99 -29.26
CA ARG C 18 -6.97 -43.57 -29.01
C ARG C 18 -5.83 -42.73 -29.55
N SER C 19 -4.63 -43.29 -29.63
CA SER C 19 -3.50 -42.55 -30.19
C SER C 19 -3.74 -42.17 -31.64
N SER C 20 -4.25 -43.11 -32.43
CA SER C 20 -4.61 -42.79 -33.81
C SER C 20 -5.89 -41.98 -33.86
N ARG C 21 -6.84 -42.26 -32.96
CA ARG C 21 -8.07 -41.46 -32.90
C ARG C 21 -7.75 -40.01 -32.56
N ALA C 22 -6.83 -39.78 -31.64
CA ALA C 22 -6.40 -38.44 -31.29
C ALA C 22 -5.38 -37.87 -32.29
N GLY C 23 -4.93 -38.66 -33.25
CA GLY C 23 -3.92 -38.20 -34.20
C GLY C 23 -2.56 -37.95 -33.58
N LEU C 24 -2.14 -38.84 -32.66
CA LEU C 24 -0.85 -38.71 -31.99
C LEU C 24 -0.05 -39.98 -32.18
N GLN C 25 1.25 -39.89 -31.90
CA GLN C 25 2.12 -41.05 -31.82
C GLN C 25 2.35 -41.52 -30.39
N PHE C 26 2.28 -40.61 -29.42
CA PHE C 26 2.42 -40.98 -28.02
C PHE C 26 1.19 -41.75 -27.55
N PRO C 27 1.32 -42.58 -26.53
CA PRO C 27 0.24 -43.48 -26.13
C PRO C 27 -0.77 -42.80 -25.22
N VAL C 28 -1.99 -42.64 -25.71
CA VAL C 28 -3.05 -42.07 -24.88
C VAL C 28 -3.46 -43.05 -23.79
N GLY C 29 -3.56 -44.34 -24.13
CA GLY C 29 -4.02 -45.32 -23.14
C GLY C 29 -3.04 -45.49 -22.01
N ARG C 30 -1.75 -45.57 -22.31
CA ARG C 30 -0.76 -45.71 -21.25
C ARG C 30 -0.67 -44.44 -20.41
N VAL C 31 -0.88 -43.27 -21.03
CA VAL C 31 -0.91 -42.04 -20.25
C VAL C 31 -2.10 -42.06 -19.30
N HIS C 32 -3.25 -42.57 -19.76
CA HIS C 32 -4.40 -42.69 -18.88
C HIS C 32 -4.10 -43.64 -17.72
N ARG C 33 -3.49 -44.78 -18.02
CA ARG C 33 -3.18 -45.75 -16.97
C ARG C 33 -2.21 -45.16 -15.95
N LEU C 34 -1.19 -44.42 -16.42
CA LEU C 34 -0.23 -43.83 -15.51
C LEU C 34 -0.87 -42.72 -14.67
N LEU C 35 -1.72 -41.90 -15.28
CA LEU C 35 -2.51 -40.95 -14.49
C LEU C 35 -3.39 -41.65 -13.49
N ARG C 36 -3.73 -42.92 -13.73
CA ARG C 36 -4.65 -43.64 -12.87
C ARG C 36 -3.94 -44.29 -11.68
N LYS C 37 -2.76 -44.86 -11.92
CA LYS C 37 -1.99 -45.56 -10.90
C LYS C 37 -1.09 -44.63 -10.10
N GLY C 38 -1.04 -43.34 -10.45
CA GLY C 38 -0.21 -42.38 -9.77
C GLY C 38 -0.84 -41.70 -8.58
N ASN C 39 -2.10 -42.00 -8.28
CA ASN C 39 -2.83 -41.39 -7.17
C ASN C 39 -3.01 -39.89 -7.35
N TYR C 40 -2.91 -39.40 -8.59
CA TYR C 40 -3.01 -37.96 -8.82
C TYR C 40 -4.39 -37.45 -8.42
N ALA C 41 -5.44 -38.19 -8.76
CA ALA C 41 -6.80 -37.81 -8.39
C ALA C 41 -7.66 -39.07 -8.35
N GLU C 42 -8.78 -38.97 -7.65
CA GLU C 42 -9.68 -40.12 -7.55
C GLU C 42 -10.25 -40.48 -8.91
N ARG C 43 -10.62 -39.49 -9.71
CA ARG C 43 -11.24 -39.71 -11.02
C ARG C 43 -10.42 -38.98 -12.07
N VAL C 44 -10.32 -39.59 -13.26
CA VAL C 44 -9.56 -39.02 -14.37
C VAL C 44 -10.50 -38.86 -15.56
N GLY C 45 -10.55 -37.66 -16.11
CA GLY C 45 -11.42 -37.38 -17.23
C GLY C 45 -10.96 -38.06 -18.50
N ALA C 46 -11.85 -38.05 -19.50
CA ALA C 46 -11.55 -38.70 -20.77
C ALA C 46 -10.57 -37.90 -21.61
N GLY C 47 -10.68 -36.57 -21.59
CA GLY C 47 -9.82 -35.73 -22.40
C GLY C 47 -8.47 -35.42 -21.80
N ALA C 48 -8.27 -35.70 -20.52
CA ALA C 48 -6.98 -35.41 -19.89
C ALA C 48 -5.82 -36.17 -20.54
N PRO C 49 -5.88 -37.50 -20.70
CA PRO C 49 -4.74 -38.18 -21.31
C PRO C 49 -4.44 -37.75 -22.73
N VAL C 50 -5.46 -37.43 -23.52
CA VAL C 50 -5.21 -36.99 -24.90
C VAL C 50 -4.43 -35.68 -24.89
N TYR C 51 -4.88 -34.73 -24.07
CA TYR C 51 -4.19 -33.45 -23.99
C TYR C 51 -2.76 -33.61 -23.48
N LEU C 52 -2.58 -34.44 -22.44
CA LEU C 52 -1.25 -34.65 -21.89
C LEU C 52 -0.33 -35.30 -22.92
N ALA C 53 -0.83 -36.29 -23.66
CA ALA C 53 -0.02 -36.93 -24.69
C ALA C 53 0.35 -35.95 -25.78
N ALA C 54 -0.59 -35.10 -26.19
CA ALA C 54 -0.27 -34.11 -27.21
C ALA C 54 0.82 -33.16 -26.74
N VAL C 55 0.72 -32.69 -25.49
CA VAL C 55 1.73 -31.77 -24.98
C VAL C 55 3.09 -32.46 -24.90
N LEU C 56 3.12 -33.71 -24.41
CA LEU C 56 4.38 -34.43 -24.32
C LEU C 56 4.99 -34.64 -25.70
N GLU C 57 4.17 -34.99 -26.69
CA GLU C 57 4.68 -35.18 -28.04
C GLU C 57 5.25 -33.87 -28.59
N TYR C 58 4.57 -32.75 -28.35
CA TYR C 58 5.08 -31.47 -28.83
C TYR C 58 6.43 -31.15 -28.20
N LEU C 59 6.55 -31.34 -26.89
CA LEU C 59 7.82 -31.04 -26.22
C LEU C 59 8.94 -31.94 -26.72
N THR C 60 8.65 -33.23 -26.88
CA THR C 60 9.65 -34.15 -27.42
C THR C 60 10.07 -33.74 -28.81
N ALA C 61 9.12 -33.34 -29.65
CA ALA C 61 9.44 -32.91 -31.00
C ALA C 61 10.33 -31.67 -30.98
N GLU C 62 10.05 -30.72 -30.09
CA GLU C 62 10.88 -29.53 -30.00
C GLU C 62 12.32 -29.91 -29.63
N ILE C 63 12.48 -30.68 -28.56
CA ILE C 63 13.83 -31.03 -28.13
C ILE C 63 14.56 -31.81 -29.22
N LEU C 64 13.88 -32.76 -29.85
CA LEU C 64 14.54 -33.56 -30.88
C LEU C 64 14.91 -32.72 -32.09
N GLU C 65 14.06 -31.77 -32.48
CA GLU C 65 14.40 -30.91 -33.60
C GLU C 65 15.65 -30.10 -33.31
N LEU C 66 15.71 -29.46 -32.14
CA LEU C 66 16.89 -28.66 -31.82
C LEU C 66 18.14 -29.54 -31.71
N ALA C 67 18.01 -30.71 -31.07
CA ALA C 67 19.15 -31.59 -30.92
C ALA C 67 19.66 -32.09 -32.27
N GLY C 68 18.75 -32.44 -33.18
CA GLY C 68 19.15 -32.87 -34.50
C GLY C 68 19.80 -31.76 -35.30
N ASN C 69 19.31 -30.53 -35.14
CA ASN C 69 19.97 -29.40 -35.77
C ASN C 69 21.40 -29.26 -35.25
N ALA C 70 21.59 -29.38 -33.94
CA ALA C 70 22.93 -29.32 -33.38
C ALA C 70 23.82 -30.44 -33.92
N ALA C 71 23.27 -31.65 -34.01
CA ALA C 71 24.04 -32.78 -34.53
C ALA C 71 24.43 -32.56 -35.98
N ARG C 72 23.52 -32.02 -36.78
CA ARG C 72 23.84 -31.69 -38.16
C ARG C 72 24.96 -30.66 -38.22
N ASP C 73 24.88 -29.63 -37.37
CA ASP C 73 25.97 -28.66 -37.29
C ASP C 73 27.28 -29.31 -36.87
N ASN C 74 27.22 -30.42 -36.13
CA ASN C 74 28.41 -31.16 -35.75
C ASN C 74 28.71 -32.33 -36.68
N LYS C 75 27.89 -32.54 -37.71
CA LYS C 75 28.02 -33.60 -38.70
C LYS C 75 27.68 -34.98 -38.13
N LYS C 76 27.36 -35.07 -36.85
CA LYS C 76 26.81 -36.29 -36.30
C LYS C 76 25.40 -36.55 -36.82
N THR C 77 25.16 -37.79 -37.25
CA THR C 77 23.86 -38.23 -37.74
C THR C 77 23.06 -38.95 -36.69
N ARG C 78 23.60 -39.13 -35.48
CA ARG C 78 22.87 -39.71 -34.36
C ARG C 78 22.97 -38.77 -33.18
N ILE C 79 21.82 -38.40 -32.62
CA ILE C 79 21.79 -37.49 -31.47
C ILE C 79 22.40 -38.19 -30.27
N ILE C 80 23.28 -37.48 -29.57
CA ILE C 80 23.93 -38.01 -28.37
C ILE C 80 23.74 -37.00 -27.24
N PRO C 81 23.92 -37.42 -25.99
CA PRO C 81 23.64 -36.51 -24.86
C PRO C 81 24.25 -35.12 -25.03
N ARG C 82 25.40 -35.01 -25.70
CA ARG C 82 26.00 -33.70 -25.91
C ARG C 82 25.10 -32.83 -26.77
N HIS C 83 24.53 -33.39 -27.83
CA HIS C 83 23.62 -32.61 -28.67
C HIS C 83 22.37 -32.21 -27.92
N LEU C 84 21.84 -33.10 -27.08
CA LEU C 84 20.69 -32.75 -26.26
C LEU C 84 21.02 -31.60 -25.33
N GLN C 85 22.19 -31.64 -24.69
CA GLN C 85 22.59 -30.56 -23.80
C GLN C 85 22.75 -29.26 -24.57
N LEU C 86 23.38 -29.30 -25.75
CA LEU C 86 23.56 -28.09 -26.53
C LEU C 86 22.21 -27.50 -26.94
N ALA C 87 21.30 -28.35 -27.41
CA ALA C 87 19.98 -27.88 -27.82
C ALA C 87 19.22 -27.27 -26.65
N VAL C 88 19.30 -27.91 -25.48
CA VAL C 88 18.55 -27.41 -24.33
C VAL C 88 19.11 -26.09 -23.84
N ARG C 89 20.44 -26.00 -23.71
CA ARG C 89 21.06 -24.79 -23.17
C ARG C 89 21.08 -23.64 -24.17
N ASN C 90 20.99 -23.93 -25.47
CA ASN C 90 20.97 -22.86 -26.47
C ASN C 90 19.61 -22.18 -26.58
N ASP C 91 18.54 -22.87 -26.22
CA ASP C 91 17.19 -22.32 -26.27
C ASP C 91 16.82 -21.78 -24.90
N GLU C 92 16.37 -20.52 -24.85
CA GLU C 92 16.09 -19.88 -23.58
C GLU C 92 14.94 -20.56 -22.84
N GLU C 93 13.82 -20.80 -23.55
CA GLU C 93 12.66 -21.37 -22.89
C GLU C 93 12.93 -22.80 -22.41
N LEU C 94 13.62 -23.60 -23.23
CA LEU C 94 13.94 -24.96 -22.80
C LEU C 94 14.93 -24.94 -21.64
N ASN C 95 15.88 -24.02 -21.67
CA ASN C 95 16.82 -23.89 -20.55
C ASN C 95 16.08 -23.53 -19.27
N LYS C 96 15.10 -22.63 -19.35
CA LYS C 96 14.29 -22.32 -18.18
C LYS C 96 13.51 -23.55 -17.70
N LEU C 97 12.92 -24.30 -18.64
CA LEU C 97 12.20 -25.51 -18.26
C LEU C 97 13.16 -26.51 -17.62
N LEU C 98 14.26 -26.82 -18.30
CA LEU C 98 15.29 -27.70 -17.75
C LEU C 98 16.43 -26.87 -17.19
N GLY C 99 16.13 -26.17 -16.10
CA GLY C 99 17.07 -25.24 -15.51
C GLY C 99 17.82 -25.83 -14.33
N ARG C 100 17.17 -26.75 -13.61
CA ARG C 100 17.78 -27.45 -12.49
C ARG C 100 18.00 -28.93 -12.82
N VAL C 101 18.10 -29.24 -14.11
CA VAL C 101 18.38 -30.59 -14.58
C VAL C 101 19.83 -30.67 -14.98
N THR C 102 20.42 -31.86 -14.83
CA THR C 102 21.82 -32.10 -15.17
C THR C 102 21.87 -33.27 -16.15
N ILE C 103 21.79 -32.97 -17.44
CA ILE C 103 21.83 -34.00 -18.46
C ILE C 103 23.16 -34.73 -18.38
N ALA C 104 23.11 -36.04 -18.18
CA ALA C 104 24.32 -36.83 -18.01
C ALA C 104 25.12 -36.86 -19.30
N GLN C 105 26.45 -36.81 -19.16
CA GLN C 105 27.36 -36.85 -20.31
C GLN C 105 27.03 -35.73 -21.30
N GLY C 106 26.68 -34.56 -20.77
CA GLY C 106 26.27 -33.45 -21.60
C GLY C 106 27.32 -32.38 -21.77
N GLY C 107 28.15 -32.18 -20.76
CA GLY C 107 29.15 -31.14 -20.81
C GLY C 107 28.56 -29.77 -20.53
N VAL C 108 29.38 -28.75 -20.78
CA VAL C 108 28.99 -27.37 -20.53
C VAL C 108 29.12 -26.57 -21.82
N LEU C 109 28.29 -25.55 -21.95
CA LEU C 109 28.33 -24.70 -23.12
C LEU C 109 29.65 -23.92 -23.15
N PRO C 110 30.32 -23.85 -24.30
CA PRO C 110 31.54 -23.05 -24.39
C PRO C 110 31.27 -21.59 -24.05
N ASN C 111 32.01 -21.08 -23.05
CA ASN C 111 31.89 -19.68 -22.66
C ASN C 111 33.10 -19.29 -21.84
N ILE C 112 33.81 -18.27 -22.28
CA ILE C 112 34.96 -17.72 -21.55
C ILE C 112 34.73 -16.22 -21.40
N GLN C 113 34.91 -15.71 -20.18
CA GLN C 113 34.65 -14.31 -19.91
C GLN C 113 35.65 -13.43 -20.65
N SER C 114 35.19 -12.23 -21.02
CA SER C 114 36.04 -11.32 -21.79
C SER C 114 37.27 -10.89 -21.00
N VAL C 115 37.17 -10.82 -19.68
CA VAL C 115 38.30 -10.39 -18.87
C VAL C 115 39.45 -11.39 -18.99
N LEU C 116 39.12 -12.68 -19.06
CA LEU C 116 40.16 -13.70 -19.08
C LEU C 116 40.96 -13.66 -20.38
N LEU C 117 40.33 -13.33 -21.50
CA LEU C 117 41.04 -13.28 -22.77
C LEU C 117 42.10 -12.19 -22.74
N PRO C 118 43.22 -12.39 -23.43
CA PRO C 118 44.29 -11.39 -23.42
C PRO C 118 43.91 -10.16 -24.22
N LYS C 119 44.53 -9.05 -23.85
CA LYS C 119 44.30 -7.77 -24.53
C LYS C 119 45.36 -7.52 -25.59
N LYS D 29 12.32 -63.04 -16.04
CA LYS D 29 12.76 -61.71 -15.65
C LYS D 29 11.57 -60.75 -15.65
N THR D 30 11.84 -59.46 -15.50
CA THR D 30 10.80 -58.47 -15.32
C THR D 30 10.26 -58.00 -16.69
N ARG D 31 9.28 -57.11 -16.64
CA ARG D 31 8.59 -56.61 -17.83
C ARG D 31 8.55 -55.08 -17.71
N LYS D 32 9.46 -54.41 -18.42
CA LYS D 32 9.64 -52.97 -18.27
C LYS D 32 9.05 -52.22 -19.46
N GLU D 33 8.63 -50.99 -19.21
CA GLU D 33 8.04 -50.11 -20.21
C GLU D 33 8.85 -48.83 -20.31
N SER D 34 8.83 -48.20 -21.49
CA SER D 34 9.57 -46.96 -21.70
C SER D 34 8.96 -46.20 -22.86
N TYR D 35 9.22 -44.90 -22.88
CA TYR D 35 8.85 -44.05 -24.01
C TYR D 35 9.98 -43.98 -25.03
N ALA D 36 10.28 -45.14 -25.62
CA ALA D 36 11.37 -45.26 -26.56
C ALA D 36 10.92 -45.36 -28.02
N ILE D 37 9.76 -45.96 -28.28
CA ILE D 37 9.29 -46.07 -29.66
C ILE D 37 8.62 -44.79 -30.11
N TYR D 38 7.78 -44.20 -29.25
CA TYR D 38 7.07 -42.99 -29.64
C TYR D 38 8.04 -41.83 -29.87
N VAL D 39 9.07 -41.73 -29.03
CA VAL D 39 10.10 -40.72 -29.24
C VAL D 39 10.79 -40.97 -30.58
N TYR D 40 10.99 -42.24 -30.93
CA TYR D 40 11.66 -42.58 -32.17
C TYR D 40 10.79 -42.29 -33.38
N LYS D 41 9.47 -42.28 -33.22
CA LYS D 41 8.56 -41.86 -34.28
C LYS D 41 8.51 -40.34 -34.42
N VAL D 42 8.51 -39.63 -33.30
CA VAL D 42 8.61 -38.17 -33.36
C VAL D 42 9.90 -37.75 -34.04
N LEU D 43 10.98 -38.48 -33.77
CA LEU D 43 12.26 -38.18 -34.42
C LEU D 43 12.16 -38.33 -35.93
N LYS D 44 11.49 -39.38 -36.40
CA LYS D 44 11.27 -39.53 -37.83
C LYS D 44 10.43 -38.40 -38.38
N GLN D 45 9.44 -37.91 -37.60
CA GLN D 45 8.69 -36.75 -38.06
C GLN D 45 9.59 -35.54 -38.26
N VAL D 46 10.38 -35.20 -37.24
CA VAL D 46 11.17 -33.96 -37.31
C VAL D 46 12.35 -34.14 -38.25
N HIS D 47 13.15 -35.18 -38.03
CA HIS D 47 14.33 -35.47 -38.84
C HIS D 47 14.25 -36.90 -39.34
N PRO D 48 13.83 -37.13 -40.60
CA PRO D 48 13.58 -38.52 -41.04
C PRO D 48 14.82 -39.40 -41.03
N ASP D 49 16.01 -38.84 -41.27
CA ASP D 49 17.22 -39.62 -41.45
C ASP D 49 18.15 -39.59 -40.24
N THR D 50 17.79 -38.88 -39.18
CA THR D 50 18.64 -38.82 -38.00
C THR D 50 18.33 -39.97 -37.06
N GLY D 51 19.33 -40.37 -36.27
CA GLY D 51 19.19 -41.43 -35.30
C GLY D 51 19.47 -40.92 -33.89
N ILE D 52 19.28 -41.82 -32.93
CA ILE D 52 19.45 -41.50 -31.52
C ILE D 52 20.11 -42.69 -30.83
N SER D 53 21.07 -42.39 -29.95
CA SER D 53 21.81 -43.42 -29.25
C SER D 53 21.05 -43.89 -28.01
N SER D 54 21.53 -44.99 -27.41
CA SER D 54 20.87 -45.56 -26.26
C SER D 54 20.88 -44.60 -25.07
N LYS D 55 22.03 -43.96 -24.81
CA LYS D 55 22.09 -43.00 -23.72
C LYS D 55 21.14 -41.84 -23.95
N ALA D 56 21.12 -41.31 -25.17
CA ALA D 56 20.15 -40.26 -25.51
C ALA D 56 18.73 -40.79 -25.40
N MET D 57 18.50 -42.06 -25.73
CA MET D 57 17.18 -42.64 -25.58
C MET D 57 16.73 -42.59 -24.12
N SER D 58 17.61 -43.03 -23.22
CA SER D 58 17.28 -43.00 -21.79
C SER D 58 17.09 -41.58 -21.29
N ILE D 59 17.92 -40.64 -21.79
CA ILE D 59 17.79 -39.26 -21.35
C ILE D 59 16.43 -38.69 -21.76
N MET D 60 16.02 -38.97 -23.00
CA MET D 60 14.72 -38.47 -23.47
C MET D 60 13.58 -39.14 -22.71
N ASN D 61 13.71 -40.44 -22.42
CA ASN D 61 12.68 -41.11 -21.63
C ASN D 61 12.56 -40.48 -20.25
N SER D 62 13.69 -40.18 -19.62
CA SER D 62 13.66 -39.53 -18.31
C SER D 62 13.04 -38.14 -18.40
N PHE D 63 13.34 -37.40 -19.46
CA PHE D 63 12.70 -36.09 -19.66
C PHE D 63 11.18 -36.24 -19.75
N VAL D 64 10.72 -37.20 -20.56
CA VAL D 64 9.28 -37.38 -20.71
C VAL D 64 8.65 -37.74 -19.38
N ASN D 65 9.27 -38.64 -18.63
CA ASN D 65 8.74 -39.02 -17.32
C ASN D 65 8.69 -37.82 -16.38
N ASP D 66 9.75 -37.02 -16.36
CA ASP D 66 9.79 -35.86 -15.45
C ASP D 66 8.69 -34.87 -15.80
N VAL D 67 8.52 -34.57 -17.09
CA VAL D 67 7.49 -33.62 -17.48
C VAL D 67 6.11 -34.18 -17.15
N PHE D 68 5.91 -35.48 -17.39
CA PHE D 68 4.64 -36.11 -17.06
C PHE D 68 4.32 -35.92 -15.58
N GLU D 69 5.27 -36.26 -14.70
CA GLU D 69 4.99 -36.14 -13.27
C GLU D 69 4.82 -34.69 -12.85
N ARG D 70 5.56 -33.76 -13.44
CA ARG D 70 5.37 -32.35 -13.09
C ARG D 70 3.96 -31.88 -13.45
N ILE D 71 3.54 -32.13 -14.70
CA ILE D 71 2.25 -31.67 -15.17
C ILE D 71 1.10 -32.45 -14.55
N ALA D 72 1.37 -33.62 -13.97
CA ALA D 72 0.35 -34.36 -13.26
C ALA D 72 0.23 -33.92 -11.80
N GLY D 73 1.36 -33.64 -11.15
CA GLY D 73 1.30 -33.11 -9.80
C GLY D 73 0.68 -31.73 -9.76
N GLU D 74 0.99 -30.88 -10.74
CA GLU D 74 0.37 -29.57 -10.78
C GLU D 74 -1.14 -29.69 -10.96
N ALA D 75 -1.58 -30.59 -11.84
CA ALA D 75 -3.01 -30.78 -12.05
C ALA D 75 -3.69 -31.34 -10.81
N SER D 76 -3.03 -32.28 -10.12
CA SER D 76 -3.60 -32.83 -8.89
C SER D 76 -3.74 -31.74 -7.83
N ARG D 77 -2.72 -30.90 -7.67
CA ARG D 77 -2.82 -29.82 -6.70
C ARG D 77 -3.93 -28.84 -7.08
N LEU D 78 -4.07 -28.56 -8.38
CA LEU D 78 -5.13 -27.66 -8.82
C LEU D 78 -6.51 -28.24 -8.52
N ALA D 79 -6.69 -29.54 -8.79
CA ALA D 79 -7.96 -30.17 -8.48
C ALA D 79 -8.26 -30.13 -6.99
N HIS D 80 -7.23 -30.40 -6.17
CA HIS D 80 -7.42 -30.32 -4.73
C HIS D 80 -7.79 -28.91 -4.29
N TYR D 81 -7.20 -27.89 -4.92
CA TYR D 81 -7.41 -26.52 -4.50
C TYR D 81 -8.87 -26.11 -4.62
N ASN D 82 -9.51 -26.47 -5.73
CA ASN D 82 -10.89 -26.09 -5.99
C ASN D 82 -11.89 -27.10 -5.43
N LYS D 83 -11.50 -27.88 -4.43
CA LYS D 83 -12.37 -28.93 -3.89
C LYS D 83 -12.85 -29.85 -5.00
N ARG D 84 -11.96 -30.14 -5.93
CA ARG D 84 -12.26 -30.96 -7.10
C ARG D 84 -11.71 -32.37 -6.91
N SER D 85 -12.34 -33.34 -7.56
CA SER D 85 -11.92 -34.72 -7.48
C SER D 85 -11.67 -35.36 -8.84
N THR D 86 -11.84 -34.62 -9.94
CA THR D 86 -11.65 -35.13 -11.29
C THR D 86 -10.56 -34.33 -11.98
N ILE D 87 -9.65 -35.03 -12.65
CA ILE D 87 -8.60 -34.41 -13.45
C ILE D 87 -9.08 -34.45 -14.89
N THR D 88 -9.55 -33.31 -15.39
CA THR D 88 -10.04 -33.18 -16.76
C THR D 88 -9.08 -32.31 -17.56
N SER D 89 -9.42 -32.10 -18.83
CA SER D 89 -8.52 -31.42 -19.76
C SER D 89 -8.23 -29.99 -19.32
N ARG D 90 -9.18 -29.35 -18.64
CA ARG D 90 -8.96 -27.96 -18.21
C ARG D 90 -7.82 -27.88 -17.21
N GLU D 91 -7.76 -28.83 -16.27
CA GLU D 91 -6.64 -28.85 -15.32
C GLU D 91 -5.31 -29.03 -16.04
N ILE D 92 -5.28 -29.90 -17.06
CA ILE D 92 -4.04 -30.09 -17.80
C ILE D 92 -3.64 -28.83 -18.54
N GLN D 93 -4.62 -28.14 -19.14
CA GLN D 93 -4.32 -26.89 -19.82
C GLN D 93 -3.72 -25.86 -18.86
N THR D 94 -4.37 -25.65 -17.72
CA THR D 94 -3.87 -24.65 -16.80
C THR D 94 -2.54 -25.07 -16.16
N ALA D 95 -2.31 -26.37 -15.99
CA ALA D 95 -1.02 -26.82 -15.46
C ALA D 95 0.09 -26.63 -16.49
N VAL D 96 -0.22 -26.85 -17.77
CA VAL D 96 0.75 -26.58 -18.83
C VAL D 96 1.02 -25.09 -18.93
N ARG D 97 0.04 -24.25 -18.58
CA ARG D 97 0.28 -22.82 -18.58
C ARG D 97 1.10 -22.35 -17.38
N LEU D 98 0.88 -22.96 -16.21
CA LEU D 98 1.68 -22.61 -15.04
C LEU D 98 3.11 -23.09 -15.16
N LEU D 99 3.32 -24.33 -15.61
CA LEU D 99 4.67 -24.90 -15.54
C LEU D 99 5.55 -24.42 -16.68
N LEU D 100 5.04 -24.45 -17.90
CA LEU D 100 5.88 -24.18 -19.07
C LEU D 100 6.18 -22.69 -19.18
N PRO D 101 7.25 -22.33 -19.91
CA PRO D 101 7.56 -20.90 -20.08
C PRO D 101 6.55 -20.17 -20.95
N GLY D 102 6.81 -18.90 -21.24
CA GLY D 102 5.86 -18.06 -21.94
C GLY D 102 5.47 -18.56 -23.32
N GLU D 103 6.44 -18.63 -24.24
CA GLU D 103 6.14 -19.00 -25.61
C GLU D 103 5.99 -20.50 -25.80
N LEU D 104 6.61 -21.31 -24.94
CA LEU D 104 6.46 -22.76 -25.02
C LEU D 104 5.13 -23.25 -24.47
N ALA D 105 4.42 -22.41 -23.72
CA ALA D 105 3.11 -22.76 -23.18
C ALA D 105 1.98 -22.30 -24.09
N LYS D 106 2.29 -21.72 -25.25
CA LYS D 106 1.29 -21.31 -26.22
C LYS D 106 1.10 -22.35 -27.31
N HIS D 107 2.19 -22.75 -27.96
CA HIS D 107 2.10 -23.81 -28.97
C HIS D 107 1.64 -25.12 -28.35
N ALA D 108 2.13 -25.43 -27.14
CA ALA D 108 1.71 -26.65 -26.47
C ALA D 108 0.22 -26.64 -26.17
N VAL D 109 -0.29 -25.49 -25.69
CA VAL D 109 -1.71 -25.40 -25.40
C VAL D 109 -2.53 -25.54 -26.67
N SER D 110 -2.10 -24.89 -27.76
CA SER D 110 -2.81 -25.01 -29.02
C SER D 110 -2.83 -26.46 -29.51
N GLU D 111 -1.69 -27.14 -29.40
CA GLU D 111 -1.61 -28.53 -29.83
C GLU D 111 -2.54 -29.41 -28.99
N GLY D 112 -2.55 -29.22 -27.68
CA GLY D 112 -3.43 -30.00 -26.84
C GLY D 112 -4.89 -29.75 -27.16
N THR D 113 -5.27 -28.49 -27.36
CA THR D 113 -6.65 -28.18 -27.71
C THR D 113 -7.03 -28.81 -29.05
N LYS D 114 -6.13 -28.76 -30.03
CA LYS D 114 -6.40 -29.39 -31.32
C LYS D 114 -6.59 -30.90 -31.17
N ALA D 115 -5.72 -31.54 -30.38
CA ALA D 115 -5.83 -32.98 -30.18
C ALA D 115 -7.15 -33.33 -29.53
N VAL D 116 -7.53 -32.59 -28.48
CA VAL D 116 -8.79 -32.88 -27.78
C VAL D 116 -9.96 -32.67 -28.73
N THR D 117 -9.94 -31.59 -29.50
CA THR D 117 -11.04 -31.29 -30.43
C THR D 117 -11.21 -32.42 -31.44
N LYS D 118 -10.11 -32.84 -32.07
CA LYS D 118 -10.23 -33.86 -33.11
C LYS D 118 -10.47 -35.24 -32.52
N TYR D 119 -10.13 -35.46 -31.24
CA TYR D 119 -10.50 -36.71 -30.58
C TYR D 119 -11.99 -36.76 -30.31
N THR D 120 -12.55 -35.66 -29.79
CA THR D 120 -13.98 -35.61 -29.53
C THR D 120 -14.80 -35.59 -30.81
N SER D 121 -14.22 -35.11 -31.92
CA SER D 121 -14.93 -35.13 -33.19
C SER D 121 -15.16 -36.55 -33.69
N ALA D 122 -14.19 -37.43 -33.45
CA ALA D 122 -14.25 -38.81 -33.94
C ALA D 122 -14.68 -39.75 -32.83
N LYS D 123 -15.36 -40.82 -33.23
CA LYS D 123 -15.79 -41.86 -32.30
C LYS D 123 -15.07 -43.18 -32.60
N HIS E 40 61.52 -23.20 -26.17
CA HIS E 40 60.63 -22.06 -26.00
C HIS E 40 59.67 -22.30 -24.83
N ARG E 41 59.01 -21.24 -24.39
CA ARG E 41 58.06 -21.32 -23.29
C ARG E 41 56.80 -20.54 -23.63
N TYR E 42 55.69 -20.95 -23.03
CA TYR E 42 54.42 -20.25 -23.13
C TYR E 42 54.25 -19.34 -21.93
N ARG E 43 53.66 -18.16 -22.15
CA ARG E 43 53.51 -17.21 -21.06
C ARG E 43 52.48 -17.75 -20.07
N PRO E 44 52.56 -17.35 -18.81
CA PRO E 44 51.51 -17.74 -17.86
C PRO E 44 50.13 -17.31 -18.32
N GLY E 45 49.26 -18.28 -18.64
CA GLY E 45 47.89 -17.99 -18.96
C GLY E 45 47.40 -18.54 -20.28
N THR E 46 48.29 -18.64 -21.27
CA THR E 46 47.84 -19.05 -22.61
C THR E 46 47.49 -20.54 -22.63
N VAL E 47 48.33 -21.39 -22.05
CA VAL E 47 47.99 -22.81 -22.00
C VAL E 47 46.78 -23.00 -21.11
N ALA E 48 46.57 -22.13 -20.12
CA ALA E 48 45.34 -22.18 -19.33
C ALA E 48 44.13 -21.96 -20.22
N LEU E 49 44.20 -20.96 -21.10
CA LEU E 49 43.10 -20.73 -22.04
C LEU E 49 42.92 -21.93 -22.96
N ARG E 50 44.02 -22.55 -23.38
CA ARG E 50 43.91 -23.75 -24.21
C ARG E 50 43.19 -24.86 -23.47
N GLU E 51 43.50 -25.06 -22.19
CA GLU E 51 42.82 -26.08 -21.41
C GLU E 51 41.34 -25.75 -21.22
N ILE E 52 41.01 -24.48 -21.00
CA ILE E 52 39.60 -24.10 -20.90
C ILE E 52 38.86 -24.41 -22.19
N ARG E 53 39.46 -24.06 -23.34
CA ARG E 53 38.82 -24.35 -24.61
C ARG E 53 38.77 -25.86 -24.89
N ARG E 54 39.69 -26.63 -24.31
CA ARG E 54 39.69 -28.07 -24.51
C ARG E 54 38.63 -28.77 -23.68
N TYR E 55 38.55 -28.45 -22.40
CA TYR E 55 37.72 -29.19 -21.46
C TYR E 55 36.27 -28.71 -21.47
N GLN E 56 35.98 -27.53 -22.03
CA GLN E 56 34.61 -27.13 -22.27
C GLN E 56 34.07 -27.72 -23.56
N LYS E 57 34.91 -28.37 -24.36
CA LYS E 57 34.52 -28.97 -25.62
C LYS E 57 34.26 -30.46 -25.51
N SER E 58 34.71 -31.11 -24.43
CA SER E 58 34.55 -32.54 -24.24
C SER E 58 33.38 -32.83 -23.29
N THR E 59 33.04 -34.11 -23.19
CA THR E 59 31.91 -34.56 -22.37
C THR E 59 32.31 -35.70 -21.45
N GLU E 60 33.61 -35.84 -21.15
CA GLU E 60 34.09 -36.97 -20.35
C GLU E 60 33.93 -36.66 -18.86
N LEU E 61 34.39 -37.60 -18.04
CA LEU E 61 34.39 -37.46 -16.59
C LEU E 61 35.82 -37.20 -16.14
N LEU E 62 36.05 -36.06 -15.48
CA LEU E 62 37.42 -35.62 -15.23
C LEU E 62 38.03 -36.29 -14.01
N ILE E 63 37.26 -36.44 -12.93
CA ILE E 63 37.80 -37.10 -11.74
C ILE E 63 38.03 -38.57 -12.05
N ARG E 64 39.08 -39.14 -11.45
CA ARG E 64 39.38 -40.55 -11.65
C ARG E 64 38.32 -41.43 -10.98
N LYS E 65 38.02 -42.55 -11.63
CA LYS E 65 36.89 -43.37 -11.21
C LYS E 65 37.16 -44.07 -9.88
N LEU E 66 38.32 -44.72 -9.75
CA LEU E 66 38.57 -45.54 -8.57
C LEU E 66 38.66 -44.71 -7.30
N PRO E 67 39.42 -43.61 -7.25
CA PRO E 67 39.44 -42.80 -6.01
C PRO E 67 38.08 -42.29 -5.62
N PHE E 68 37.26 -41.88 -6.60
CA PHE E 68 35.91 -41.44 -6.28
C PHE E 68 35.06 -42.59 -5.74
N GLN E 69 35.24 -43.79 -6.30
CA GLN E 69 34.55 -44.96 -5.77
C GLN E 69 34.90 -45.19 -4.32
N ARG E 70 36.19 -45.12 -3.99
CA ARG E 70 36.62 -45.32 -2.61
C ARG E 70 36.06 -44.24 -1.71
N LEU E 71 36.06 -42.99 -2.17
CA LEU E 71 35.49 -41.91 -1.38
C LEU E 71 34.01 -42.15 -1.10
N VAL E 72 33.27 -42.56 -2.13
CA VAL E 72 31.84 -42.85 -1.97
C VAL E 72 31.64 -43.93 -0.92
N ARG E 73 32.41 -45.01 -1.00
CA ARG E 73 32.21 -46.11 -0.04
C ARG E 73 32.60 -45.71 1.37
N GLU E 74 33.70 -44.95 1.54
CA GLU E 74 34.08 -44.54 2.88
C GLU E 74 33.07 -43.56 3.47
N ILE E 75 32.47 -42.71 2.64
CA ILE E 75 31.41 -41.84 3.14
C ILE E 75 30.19 -42.67 3.53
N ALA E 76 29.84 -43.66 2.71
CA ALA E 76 28.64 -44.45 2.97
C ALA E 76 28.77 -45.27 4.25
N GLN E 77 29.98 -45.78 4.52
CA GLN E 77 30.15 -46.65 5.69
C GLN E 77 29.74 -45.93 6.98
N ASP E 78 29.81 -44.60 7.00
CA ASP E 78 29.45 -43.86 8.19
C ASP E 78 27.96 -43.99 8.54
N PHE E 79 27.12 -44.36 7.56
CA PHE E 79 25.68 -44.46 7.77
C PHE E 79 25.21 -45.89 7.95
N LYS E 80 25.63 -46.81 7.08
CA LYS E 80 25.35 -48.22 7.25
C LYS E 80 26.57 -49.02 6.81
N THR E 81 26.93 -50.01 7.61
CA THR E 81 28.15 -50.77 7.37
C THR E 81 27.97 -51.76 6.23
N ASP E 82 29.01 -51.90 5.41
CA ASP E 82 29.08 -52.93 4.37
C ASP E 82 27.88 -52.84 3.42
N LEU E 83 27.85 -51.73 2.70
CA LEU E 83 26.86 -51.49 1.66
C LEU E 83 27.46 -51.78 0.30
N ARG E 84 26.78 -52.61 -0.48
CA ARG E 84 27.15 -52.83 -1.87
C ARG E 84 26.61 -51.70 -2.73
N PHE E 85 27.32 -51.42 -3.82
CA PHE E 85 26.96 -50.33 -4.73
C PHE E 85 26.88 -50.86 -6.15
N GLN E 86 25.80 -50.51 -6.85
CA GLN E 86 25.73 -50.73 -8.28
C GLN E 86 26.71 -49.80 -8.98
N SER E 87 27.39 -50.32 -10.01
CA SER E 87 28.34 -49.50 -10.75
C SER E 87 27.68 -48.23 -11.27
N SER E 88 26.45 -48.35 -11.77
CA SER E 88 25.73 -47.19 -12.25
C SER E 88 25.44 -46.20 -11.14
N ALA E 89 25.30 -46.66 -9.89
CA ALA E 89 25.07 -45.74 -8.80
C ALA E 89 26.27 -44.82 -8.59
N VAL E 90 27.47 -45.40 -8.56
CA VAL E 90 28.67 -44.58 -8.39
C VAL E 90 28.89 -43.71 -9.63
N MET E 91 28.57 -44.22 -10.81
CA MET E 91 28.73 -43.41 -12.01
C MET E 91 27.81 -42.18 -11.97
N ALA E 92 26.55 -42.38 -11.55
CA ALA E 92 25.63 -41.25 -11.42
C ALA E 92 26.10 -40.28 -10.35
N LEU E 93 26.60 -40.80 -9.22
CA LEU E 93 27.11 -39.92 -8.18
C LEU E 93 28.27 -39.08 -8.70
N GLN E 94 29.18 -39.70 -9.45
CA GLN E 94 30.29 -38.95 -10.02
C GLN E 94 29.81 -37.88 -10.99
N GLU E 95 28.87 -38.23 -11.87
CA GLU E 95 28.38 -37.24 -12.82
C GLU E 95 27.75 -36.05 -12.10
N ALA E 96 26.91 -36.33 -11.10
CA ALA E 96 26.29 -35.25 -10.35
C ALA E 96 27.34 -34.40 -9.63
N SER E 97 28.34 -35.04 -9.03
CA SER E 97 29.37 -34.30 -8.32
C SER E 97 30.13 -33.38 -9.25
N GLU E 98 30.51 -33.88 -10.43
CA GLU E 98 31.22 -33.03 -11.37
C GLU E 98 30.35 -31.87 -11.86
N ALA E 99 29.07 -32.14 -12.14
CA ALA E 99 28.20 -31.05 -12.58
C ALA E 99 28.08 -29.98 -11.50
N TYR E 100 27.87 -30.40 -10.25
CA TYR E 100 27.73 -29.44 -9.16
C TYR E 100 29.01 -28.65 -8.97
N LEU E 101 30.17 -29.32 -9.01
CA LEU E 101 31.43 -28.62 -8.80
C LEU E 101 31.72 -27.64 -9.94
N VAL E 102 31.39 -28.01 -11.18
CA VAL E 102 31.60 -27.09 -12.29
C VAL E 102 30.70 -25.87 -12.16
N ALA E 103 29.44 -26.06 -11.77
CA ALA E 103 28.57 -24.90 -11.58
C ALA E 103 29.08 -24.01 -10.45
N LEU E 104 29.58 -24.62 -9.37
CA LEU E 104 30.12 -23.83 -8.28
C LEU E 104 31.36 -23.07 -8.72
N PHE E 105 32.19 -23.69 -9.56
CA PHE E 105 33.37 -23.01 -10.08
C PHE E 105 32.99 -21.87 -11.03
N GLU E 106 31.90 -22.02 -11.78
CA GLU E 106 31.42 -20.92 -12.60
C GLU E 106 31.01 -19.74 -11.72
N ASP E 107 30.26 -20.01 -10.66
CA ASP E 107 29.88 -18.94 -9.74
C ASP E 107 31.11 -18.33 -9.07
N THR E 108 32.09 -19.16 -8.73
CA THR E 108 33.33 -18.69 -8.14
C THR E 108 34.08 -17.76 -9.09
N ASN E 109 34.13 -18.13 -10.37
CA ASN E 109 34.78 -17.27 -11.35
C ASN E 109 34.06 -15.95 -11.51
N LEU E 110 32.72 -15.97 -11.48
CA LEU E 110 31.98 -14.72 -11.53
C LEU E 110 32.32 -13.85 -10.32
N CYS E 111 32.38 -14.45 -9.13
CA CYS E 111 32.74 -13.69 -7.93
C CYS E 111 34.16 -13.12 -8.06
N ALA E 112 35.09 -13.91 -8.57
CA ALA E 112 36.46 -13.43 -8.75
C ALA E 112 36.51 -12.25 -9.70
N ILE E 113 35.78 -12.33 -10.82
CA ILE E 113 35.74 -11.22 -11.76
C ILE E 113 35.09 -10.00 -11.13
N HIS E 114 34.16 -10.21 -10.19
CA HIS E 114 33.54 -9.07 -9.53
C HIS E 114 34.57 -8.23 -8.79
N ALA E 115 35.52 -8.88 -8.12
CA ALA E 115 36.56 -8.18 -7.36
C ALA E 115 37.73 -7.75 -8.23
N LYS E 116 37.56 -7.71 -9.56
CA LYS E 116 38.62 -7.32 -10.47
C LYS E 116 39.88 -8.17 -10.26
N ARG E 117 39.67 -9.47 -10.13
CA ARG E 117 40.74 -10.44 -10.03
C ARG E 117 40.52 -11.54 -11.05
N VAL E 118 41.63 -12.19 -11.45
CA VAL E 118 41.55 -13.39 -12.28
C VAL E 118 41.82 -14.66 -11.47
N THR E 119 42.34 -14.52 -10.25
CA THR E 119 42.56 -15.65 -9.36
C THR E 119 41.28 -15.94 -8.59
N ILE E 120 40.91 -17.21 -8.50
CA ILE E 120 39.83 -17.64 -7.64
C ILE E 120 40.40 -18.07 -6.30
N MET E 121 39.76 -17.66 -5.22
CA MET E 121 40.26 -17.83 -3.87
C MET E 121 39.17 -18.45 -3.01
N PRO E 122 39.55 -19.05 -1.87
CA PRO E 122 38.52 -19.72 -1.05
C PRO E 122 37.37 -18.81 -0.65
N LYS E 123 37.64 -17.53 -0.41
CA LYS E 123 36.57 -16.60 -0.10
C LYS E 123 35.56 -16.51 -1.23
N ASP E 124 36.02 -16.64 -2.47
CA ASP E 124 35.11 -16.63 -3.60
C ASP E 124 34.14 -17.81 -3.54
N ILE E 125 34.66 -19.00 -3.25
CA ILE E 125 33.80 -20.18 -3.12
C ILE E 125 32.84 -20.01 -1.96
N GLN E 126 33.32 -19.47 -0.84
CA GLN E 126 32.45 -19.26 0.31
C GLN E 126 31.30 -18.34 -0.07
N LEU E 127 31.61 -17.23 -0.74
CA LEU E 127 30.58 -16.28 -1.14
C LEU E 127 29.58 -16.94 -2.09
N ALA E 128 30.09 -17.68 -3.08
CA ALA E 128 29.22 -18.32 -4.07
C ALA E 128 28.29 -19.35 -3.42
N ARG E 129 28.84 -20.22 -2.57
CA ARG E 129 27.98 -21.18 -1.89
C ARG E 129 26.99 -20.50 -0.97
N ARG E 130 27.41 -19.43 -0.29
CA ARG E 130 26.48 -18.75 0.61
C ARG E 130 25.29 -18.17 -0.15
N ILE E 131 25.57 -17.39 -1.20
CA ILE E 131 24.49 -16.68 -1.89
C ILE E 131 23.46 -17.67 -2.40
N ARG E 132 23.91 -18.84 -2.86
CA ARG E 132 23.01 -19.88 -3.29
C ARG E 132 22.22 -20.48 -2.14
N GLY E 133 22.59 -20.16 -0.90
CA GLY E 133 21.97 -20.75 0.27
C GLY E 133 22.52 -22.09 0.66
N GLU E 134 23.56 -22.59 -0.04
CA GLU E 134 24.10 -23.90 0.26
C GLU E 134 24.86 -23.91 1.59
N ARG E 135 25.38 -22.76 2.01
CA ARG E 135 26.15 -22.65 3.24
C ARG E 135 25.40 -21.80 4.25
N ALA E 136 25.42 -22.24 5.51
CA ALA E 136 24.74 -21.53 6.58
C ALA E 136 25.52 -20.27 6.98
N ASN F 26 40.22 -41.05 2.15
CA ASN F 26 40.88 -40.87 0.87
C ASN F 26 40.30 -39.66 0.13
N ILE F 27 39.88 -38.66 0.91
CA ILE F 27 39.44 -37.40 0.30
C ILE F 27 40.58 -36.78 -0.49
N GLN F 28 41.82 -37.06 -0.10
CA GLN F 28 42.96 -36.61 -0.89
C GLN F 28 43.05 -37.28 -2.23
N GLY F 29 42.26 -38.33 -2.48
CA GLY F 29 42.25 -38.97 -3.78
C GLY F 29 41.75 -38.09 -4.90
N ILE F 30 40.97 -37.06 -4.57
CA ILE F 30 40.58 -36.05 -5.54
C ILE F 30 41.81 -35.15 -5.73
N THR F 31 42.61 -35.46 -6.73
CA THR F 31 43.94 -34.90 -6.85
C THR F 31 43.89 -33.43 -7.29
N LYS F 32 45.01 -32.75 -7.07
CA LYS F 32 45.11 -31.35 -7.49
C LYS F 32 44.86 -31.18 -8.99
N PRO F 33 45.45 -31.97 -9.89
CA PRO F 33 45.12 -31.83 -11.31
C PRO F 33 43.66 -32.08 -11.63
N ALA F 34 42.99 -32.97 -10.91
CA ALA F 34 41.57 -33.20 -11.16
C ALA F 34 40.75 -31.96 -10.84
N ILE F 35 41.01 -31.33 -9.69
CA ILE F 35 40.31 -30.10 -9.35
C ILE F 35 40.66 -29.00 -10.35
N ARG F 36 41.91 -28.99 -10.83
CA ARG F 36 42.29 -28.01 -11.83
C ARG F 36 41.49 -28.21 -13.12
N ARG F 37 41.33 -29.45 -13.56
CA ARG F 37 40.52 -29.72 -14.75
C ARG F 37 39.07 -29.30 -14.53
N LEU F 38 38.53 -29.59 -13.34
CA LEU F 38 37.18 -29.16 -13.03
C LEU F 38 37.05 -27.64 -13.11
N ALA F 39 38.07 -26.92 -12.65
CA ALA F 39 38.06 -25.47 -12.75
C ALA F 39 38.14 -25.00 -14.19
N ARG F 40 38.98 -25.64 -15.01
CA ARG F 40 39.08 -25.25 -16.41
C ARG F 40 37.76 -25.45 -17.14
N ARG F 41 37.08 -26.56 -16.87
CA ARG F 41 35.75 -26.73 -17.47
C ARG F 41 34.76 -25.70 -16.96
N GLY F 42 35.04 -25.08 -15.81
CA GLY F 42 34.23 -24.01 -15.28
C GLY F 42 34.63 -22.63 -15.77
N GLY F 43 35.59 -22.53 -16.67
CA GLY F 43 36.01 -21.25 -17.20
C GLY F 43 37.08 -20.53 -16.39
N VAL F 44 37.61 -21.15 -15.35
CA VAL F 44 38.60 -20.51 -14.51
C VAL F 44 39.94 -20.51 -15.23
N LYS F 45 40.66 -19.38 -15.14
CA LYS F 45 41.95 -19.22 -15.79
C LYS F 45 43.13 -19.32 -14.84
N ARG F 46 42.93 -19.02 -13.56
CA ARG F 46 44.02 -19.00 -12.59
C ARG F 46 43.46 -19.34 -11.22
N ILE F 47 44.10 -20.28 -10.54
CA ILE F 47 43.57 -20.88 -9.32
C ILE F 47 44.55 -20.64 -8.18
N SER F 48 44.04 -20.19 -7.04
CA SER F 48 44.86 -20.03 -5.85
C SER F 48 45.24 -21.40 -5.28
N GLY F 49 46.31 -21.42 -4.49
CA GLY F 49 46.78 -22.66 -3.91
C GLY F 49 45.92 -23.19 -2.80
N LEU F 50 45.03 -22.36 -2.25
CA LEU F 50 44.13 -22.78 -1.18
C LEU F 50 42.78 -23.24 -1.69
N ILE F 51 42.56 -23.23 -3.00
CA ILE F 51 41.28 -23.64 -3.56
C ILE F 51 41.05 -25.14 -3.39
N TYR F 52 42.14 -25.93 -3.39
CA TYR F 52 41.98 -27.38 -3.50
C TYR F 52 41.35 -27.98 -2.26
N GLU F 53 41.81 -27.56 -1.08
CA GLU F 53 41.23 -28.08 0.16
C GLU F 53 39.78 -27.65 0.31
N GLU F 54 39.47 -26.40 -0.06
CA GLU F 54 38.08 -25.94 0.00
C GLU F 54 37.20 -26.75 -0.93
N THR F 55 37.69 -27.04 -2.14
CA THR F 55 36.91 -27.84 -3.09
C THR F 55 36.71 -29.25 -2.56
N ARG F 56 37.74 -29.84 -1.96
CA ARG F 56 37.59 -31.18 -1.40
C ARG F 56 36.56 -31.19 -0.27
N GLY F 57 36.59 -30.18 0.59
CA GLY F 57 35.60 -30.10 1.66
C GLY F 57 34.19 -29.94 1.13
N VAL F 58 34.02 -29.07 0.14
CA VAL F 58 32.69 -28.87 -0.46
C VAL F 58 32.19 -30.17 -1.07
N LEU F 59 33.07 -30.88 -1.79
CA LEU F 59 32.68 -32.14 -2.38
C LEU F 59 32.30 -33.17 -1.32
N LYS F 60 33.04 -33.19 -0.21
CA LYS F 60 32.72 -34.14 0.85
C LYS F 60 31.36 -33.84 1.45
N VAL F 61 31.04 -32.56 1.68
CA VAL F 61 29.72 -32.22 2.21
C VAL F 61 28.64 -32.60 1.21
N PHE F 62 28.86 -32.32 -0.07
CA PHE F 62 27.89 -32.69 -1.10
C PHE F 62 27.64 -34.19 -1.11
N LEU F 63 28.71 -34.98 -1.09
CA LEU F 63 28.56 -36.43 -1.13
C LEU F 63 27.90 -36.95 0.13
N GLU F 64 28.23 -36.39 1.29
CA GLU F 64 27.55 -36.82 2.50
C GLU F 64 26.05 -36.54 2.41
N ASN F 65 25.68 -35.36 1.92
CA ASN F 65 24.26 -35.02 1.81
C ASN F 65 23.55 -35.95 0.83
N VAL F 66 24.19 -36.27 -0.30
CA VAL F 66 23.51 -37.07 -1.31
C VAL F 66 23.54 -38.56 -1.00
N ILE F 67 24.46 -39.02 -0.16
CA ILE F 67 24.52 -40.43 0.19
C ILE F 67 23.70 -40.74 1.44
N ARG F 68 23.55 -39.77 2.35
CA ARG F 68 22.72 -40.01 3.52
C ARG F 68 21.27 -40.28 3.13
N ASP F 69 20.84 -39.77 1.97
CA ASP F 69 19.49 -40.02 1.49
C ASP F 69 19.40 -41.26 0.62
N ALA F 70 20.43 -41.54 -0.18
CA ALA F 70 20.44 -42.79 -0.95
C ALA F 70 20.45 -43.99 -0.02
N VAL F 71 21.24 -43.93 1.06
CA VAL F 71 21.29 -45.03 2.01
C VAL F 71 19.98 -45.20 2.75
N THR F 72 19.21 -44.13 2.94
CA THR F 72 17.91 -44.24 3.57
C THR F 72 16.88 -44.85 2.63
N TYR F 73 16.89 -44.40 1.37
CA TYR F 73 16.04 -45.02 0.36
C TYR F 73 16.35 -46.50 0.21
N THR F 74 17.61 -46.88 0.42
CA THR F 74 17.98 -48.29 0.32
C THR F 74 17.58 -49.06 1.58
N GLU F 75 17.79 -48.48 2.76
CA GLU F 75 17.45 -49.16 4.00
C GLU F 75 15.95 -49.43 4.09
N HIS F 76 15.13 -48.45 3.67
CA HIS F 76 13.69 -48.67 3.70
C HIS F 76 13.27 -49.82 2.80
N ALA F 77 14.08 -50.18 1.81
CA ALA F 77 13.70 -51.18 0.83
C ALA F 77 14.18 -52.59 1.17
N LYS F 78 14.80 -52.81 2.34
CA LYS F 78 15.39 -54.12 2.65
C LYS F 78 16.37 -54.55 1.56
N ARG F 79 17.19 -53.61 1.13
CA ARG F 79 18.25 -53.89 0.17
C ARG F 79 19.59 -53.55 0.80
N LYS F 80 20.61 -54.33 0.45
CA LYS F 80 21.99 -54.05 0.81
C LYS F 80 22.78 -53.44 -0.35
N THR F 81 22.16 -53.27 -1.50
CA THR F 81 22.80 -52.69 -2.68
C THR F 81 22.17 -51.33 -2.97
N VAL F 82 23.01 -50.31 -3.11
CA VAL F 82 22.55 -48.96 -3.42
C VAL F 82 22.41 -48.87 -4.94
N THR F 83 21.17 -48.89 -5.41
CA THR F 83 20.90 -48.88 -6.84
C THR F 83 20.99 -47.46 -7.39
N ALA F 84 21.06 -47.37 -8.72
CA ALA F 84 21.06 -46.05 -9.36
C ALA F 84 19.76 -45.32 -9.14
N MET F 85 18.65 -46.06 -8.99
CA MET F 85 17.36 -45.42 -8.74
C MET F 85 17.38 -44.67 -7.41
N ASP F 86 18.00 -45.25 -6.38
CA ASP F 86 18.07 -44.57 -5.09
C ASP F 86 18.86 -43.28 -5.20
N VAL F 87 19.99 -43.31 -5.91
CA VAL F 87 20.79 -42.09 -6.07
C VAL F 87 20.00 -41.05 -6.85
N VAL F 88 19.30 -41.47 -7.90
CA VAL F 88 18.52 -40.52 -8.69
C VAL F 88 17.41 -39.91 -7.85
N TYR F 89 16.74 -40.72 -7.04
CA TYR F 89 15.68 -40.20 -6.18
C TYR F 89 16.24 -39.22 -5.16
N ALA F 90 17.36 -39.55 -4.52
CA ALA F 90 17.95 -38.65 -3.55
C ALA F 90 18.36 -37.34 -4.20
N LEU F 91 18.97 -37.41 -5.38
CA LEU F 91 19.39 -36.19 -6.07
C LEU F 91 18.19 -35.35 -6.46
N LYS F 92 17.13 -35.99 -6.95
CA LYS F 92 15.90 -35.27 -7.27
C LYS F 92 15.29 -34.62 -6.03
N ARG F 93 15.47 -35.26 -4.87
CA ARG F 93 14.91 -34.73 -3.63
C ARG F 93 15.59 -33.43 -3.22
N GLN F 94 16.87 -33.25 -3.56
CA GLN F 94 17.60 -32.04 -3.24
C GLN F 94 17.56 -31.01 -4.36
N GLY F 95 16.63 -31.14 -5.30
CA GLY F 95 16.53 -30.20 -6.39
C GLY F 95 17.56 -30.37 -7.47
N ARG F 96 18.11 -31.57 -7.64
CA ARG F 96 19.13 -31.86 -8.65
C ARG F 96 18.65 -33.08 -9.43
N THR F 97 17.90 -32.85 -10.51
CA THR F 97 17.36 -33.94 -11.31
C THR F 97 18.41 -34.42 -12.29
N LEU F 98 18.69 -35.72 -12.26
CA LEU F 98 19.69 -36.35 -13.11
C LEU F 98 18.98 -37.17 -14.19
N TYR F 99 19.26 -36.87 -15.45
CA TYR F 99 18.64 -37.56 -16.58
C TYR F 99 19.63 -38.55 -17.17
N GLY F 100 19.16 -39.78 -17.42
CA GLY F 100 19.91 -40.76 -18.18
C GLY F 100 20.45 -41.93 -17.39
N PHE F 101 20.28 -41.95 -16.06
CA PHE F 101 20.85 -43.00 -15.23
C PHE F 101 19.77 -43.82 -14.52
N GLY F 102 18.63 -44.02 -15.17
CA GLY F 102 17.63 -44.96 -14.67
C GLY F 102 16.23 -44.40 -14.57
N GLY F 103 16.12 -43.09 -14.32
CA GLY F 103 14.82 -42.46 -14.18
C GLY F 103 13.93 -42.66 -15.39
N ALA G 15 -11.87 -42.37 27.27
CA ALA G 15 -10.72 -42.36 26.39
C ALA G 15 -11.04 -43.06 25.08
N LYS G 16 -12.22 -42.76 24.52
CA LYS G 16 -12.63 -43.36 23.26
C LYS G 16 -11.89 -42.76 22.06
N THR G 17 -11.38 -41.54 22.18
CA THR G 17 -10.68 -40.91 21.08
C THR G 17 -9.35 -41.61 20.82
N ARG G 18 -8.99 -41.72 19.53
CA ARG G 18 -7.71 -42.33 19.19
C ARG G 18 -6.55 -41.49 19.71
N SER G 19 -6.73 -40.16 19.79
CA SER G 19 -5.68 -39.32 20.35
C SER G 19 -5.47 -39.60 21.83
N SER G 20 -6.53 -40.04 22.54
CA SER G 20 -6.37 -40.39 23.94
C SER G 20 -5.51 -41.63 24.10
N ARG G 21 -5.77 -42.67 23.30
CA ARG G 21 -4.94 -43.86 23.34
C ARG G 21 -3.52 -43.56 22.92
N ALA G 22 -3.36 -42.72 21.89
CA ALA G 22 -2.03 -42.34 21.43
C ALA G 22 -1.30 -41.43 22.40
N GLY G 23 -2.00 -40.83 23.36
CA GLY G 23 -1.37 -39.90 24.27
C GLY G 23 -0.91 -38.62 23.63
N LEU G 24 -1.66 -38.11 22.65
CA LEU G 24 -1.33 -36.89 21.93
C LEU G 24 -2.48 -35.90 22.03
N GLN G 25 -2.15 -34.61 22.00
CA GLN G 25 -3.18 -33.58 21.93
C GLN G 25 -3.63 -33.35 20.49
N PHE G 26 -2.72 -33.44 19.52
CA PHE G 26 -3.12 -33.30 18.13
C PHE G 26 -4.03 -34.46 17.73
N PRO G 27 -4.98 -34.21 16.82
CA PRO G 27 -5.95 -35.25 16.47
C PRO G 27 -5.30 -36.40 15.70
N VAL G 28 -5.88 -37.57 15.85
CA VAL G 28 -5.49 -38.75 15.08
C VAL G 28 -6.56 -39.12 14.06
N GLY G 29 -7.83 -38.95 14.41
CA GLY G 29 -8.89 -39.16 13.43
C GLY G 29 -8.84 -38.16 12.29
N ARG G 30 -8.63 -36.89 12.63
CA ARG G 30 -8.52 -35.86 11.59
C ARG G 30 -7.32 -36.12 10.68
N VAL G 31 -6.20 -36.53 11.27
CA VAL G 31 -5.02 -36.84 10.46
C VAL G 31 -5.31 -38.00 9.53
N HIS G 32 -5.97 -39.04 10.03
CA HIS G 32 -6.30 -40.19 9.21
C HIS G 32 -7.23 -39.78 8.06
N ARG G 33 -8.23 -38.96 8.36
CA ARG G 33 -9.15 -38.50 7.31
C ARG G 33 -8.42 -37.68 6.27
N LEU G 34 -7.52 -36.78 6.70
CA LEU G 34 -6.76 -35.99 5.74
C LEU G 34 -5.88 -36.87 4.87
N LEU G 35 -5.26 -37.90 5.45
CA LEU G 35 -4.45 -38.82 4.67
C LEU G 35 -5.32 -39.56 3.64
N ARG G 36 -6.49 -40.03 4.05
CA ARG G 36 -7.33 -40.79 3.14
C ARG G 36 -7.85 -39.91 2.00
N LYS G 37 -8.32 -38.71 2.33
CA LYS G 37 -8.94 -37.84 1.33
C LYS G 37 -7.93 -36.99 0.56
N GLY G 38 -6.64 -37.11 0.88
CA GLY G 38 -5.61 -36.38 0.18
C GLY G 38 -5.00 -37.09 -1.00
N ASN G 39 -5.48 -38.29 -1.33
CA ASN G 39 -4.98 -39.06 -2.47
C ASN G 39 -3.49 -39.36 -2.33
N TYR G 40 -3.01 -39.47 -1.09
CA TYR G 40 -1.62 -39.86 -0.86
C TYR G 40 -1.38 -41.30 -1.25
N ALA G 41 -2.34 -42.19 -0.96
CA ALA G 41 -2.26 -43.58 -1.37
C ALA G 41 -3.65 -44.19 -1.25
N GLU G 42 -3.79 -45.40 -1.79
CA GLU G 42 -5.08 -46.06 -1.85
C GLU G 42 -5.45 -46.79 -0.56
N ARG G 43 -4.51 -46.97 0.37
CA ARG G 43 -4.79 -47.71 1.59
C ARG G 43 -3.91 -47.15 2.70
N VAL G 44 -4.47 -46.26 3.51
CA VAL G 44 -3.72 -45.65 4.62
C VAL G 44 -3.70 -46.61 5.79
N GLY G 45 -2.51 -46.89 6.31
CA GLY G 45 -2.39 -47.79 7.44
C GLY G 45 -2.94 -47.18 8.72
N ALA G 46 -3.20 -48.06 9.68
CA ALA G 46 -3.78 -47.62 10.95
C ALA G 46 -2.76 -46.92 11.85
N GLY G 47 -1.47 -47.24 11.69
CA GLY G 47 -0.45 -46.67 12.55
C GLY G 47 0.13 -45.37 12.03
N ALA G 48 -0.07 -45.08 10.74
CA ALA G 48 0.49 -43.86 10.17
C ALA G 48 -0.07 -42.61 10.81
N PRO G 49 -1.38 -42.45 11.02
CA PRO G 49 -1.88 -41.22 11.63
C PRO G 49 -1.31 -40.95 13.00
N VAL G 50 -1.13 -41.98 13.82
CA VAL G 50 -0.59 -41.77 15.17
C VAL G 50 0.83 -41.22 15.09
N TYR G 51 1.65 -41.85 14.25
CA TYR G 51 3.04 -41.42 14.10
C TYR G 51 3.12 -39.99 13.57
N LEU G 52 2.32 -39.68 12.55
CA LEU G 52 2.37 -38.35 11.97
C LEU G 52 1.88 -37.30 12.96
N ALA G 53 0.82 -37.60 13.71
CA ALA G 53 0.33 -36.66 14.71
C ALA G 53 1.38 -36.43 15.80
N ALA G 54 2.06 -37.49 16.23
CA ALA G 54 3.11 -37.32 17.22
C ALA G 54 4.24 -36.44 16.69
N VAL G 55 4.62 -36.65 15.42
CA VAL G 55 5.70 -35.84 14.84
C VAL G 55 5.30 -34.38 14.76
N LEU G 56 4.08 -34.11 14.30
CA LEU G 56 3.62 -32.72 14.22
C LEU G 56 3.55 -32.08 15.59
N GLU G 57 3.06 -32.82 16.59
CA GLU G 57 3.02 -32.29 17.94
C GLU G 57 4.43 -31.97 18.44
N TYR G 58 5.39 -32.85 18.16
CA TYR G 58 6.76 -32.60 18.59
C TYR G 58 7.29 -31.31 17.98
N LEU G 59 7.11 -31.15 16.66
CA LEU G 59 7.65 -29.96 15.99
C LEU G 59 6.97 -28.69 16.48
N THR G 60 5.64 -28.75 16.65
CA THR G 60 4.92 -27.58 17.14
C THR G 60 5.37 -27.22 18.54
N ALA G 61 5.56 -28.22 19.41
CA ALA G 61 6.02 -27.95 20.77
C ALA G 61 7.41 -27.34 20.75
N GLU G 62 8.30 -27.85 19.89
CA GLU G 62 9.64 -27.29 19.78
C GLU G 62 9.58 -25.81 19.42
N ILE G 63 8.85 -25.49 18.35
CA ILE G 63 8.80 -24.09 17.90
C ILE G 63 8.15 -23.21 18.95
N LEU G 64 7.06 -23.68 19.56
CA LEU G 64 6.36 -22.86 20.54
C LEU G 64 7.22 -22.62 21.78
N GLU G 65 7.95 -23.63 22.23
CA GLU G 65 8.81 -23.46 23.39
C GLU G 65 9.97 -22.54 23.08
N LEU G 66 10.47 -22.56 21.84
CA LEU G 66 11.53 -21.63 21.48
C LEU G 66 11.02 -20.21 21.32
N ALA G 67 9.76 -20.03 20.92
CA ALA G 67 9.21 -18.70 20.74
C ALA G 67 8.77 -18.08 22.07
N GLY G 68 8.26 -18.90 22.99
CA GLY G 68 7.88 -18.38 24.29
C GLY G 68 9.08 -17.87 25.08
N ASN G 69 10.25 -18.50 24.90
CA ASN G 69 11.45 -17.98 25.53
C ASN G 69 11.77 -16.58 25.02
N ALA G 70 11.68 -16.37 23.70
CA ALA G 70 11.90 -15.05 23.15
C ALA G 70 10.88 -14.05 23.67
N ALA G 71 9.62 -14.48 23.79
CA ALA G 71 8.59 -13.59 24.34
C ALA G 71 8.93 -13.21 25.78
N ARG G 72 9.39 -14.17 26.58
CA ARG G 72 9.78 -13.87 27.95
C ARG G 72 10.95 -12.90 27.99
N ASP G 73 11.94 -13.09 27.11
CA ASP G 73 13.08 -12.19 27.09
C ASP G 73 12.70 -10.78 26.68
N ASN G 74 11.56 -10.61 26.01
CA ASN G 74 11.09 -9.29 25.58
C ASN G 74 9.96 -8.75 26.45
N LYS G 75 9.74 -9.35 27.62
CA LYS G 75 8.73 -8.90 28.57
C LYS G 75 7.34 -8.89 27.93
N LYS G 76 7.00 -9.98 27.25
CA LYS G 76 5.70 -10.14 26.62
C LYS G 76 5.07 -11.46 27.04
N THR G 77 3.76 -11.43 27.29
CA THR G 77 3.00 -12.61 27.66
C THR G 77 2.22 -13.17 26.48
N ARG G 78 2.57 -12.75 25.26
CA ARG G 78 1.87 -13.19 24.06
C ARG G 78 2.89 -13.39 22.95
N ILE G 79 2.83 -14.54 22.28
CA ILE G 79 3.76 -14.85 21.21
C ILE G 79 3.23 -14.23 19.92
N ILE G 80 3.96 -13.26 19.39
CA ILE G 80 3.60 -12.59 18.14
C ILE G 80 4.50 -13.13 17.03
N PRO G 81 4.22 -12.80 15.77
CA PRO G 81 5.05 -13.35 14.68
C PRO G 81 6.53 -13.02 14.82
N ARG G 82 6.87 -11.89 15.43
CA ARG G 82 8.28 -11.57 15.68
C ARG G 82 8.96 -12.66 16.47
N HIS G 83 8.30 -13.14 17.54
CA HIS G 83 8.92 -14.16 18.38
C HIS G 83 9.10 -15.47 17.61
N LEU G 84 8.11 -15.84 16.78
CA LEU G 84 8.26 -17.04 15.97
C LEU G 84 9.41 -16.91 14.99
N GLN G 85 9.55 -15.74 14.36
CA GLN G 85 10.66 -15.51 13.44
C GLN G 85 11.99 -15.64 14.17
N LEU G 86 12.10 -15.00 15.34
CA LEU G 86 13.35 -15.09 16.09
C LEU G 86 13.66 -16.53 16.47
N ALA G 87 12.67 -17.27 16.95
CA ALA G 87 12.89 -18.65 17.36
C ALA G 87 13.33 -19.51 16.18
N VAL G 88 12.64 -19.39 15.04
CA VAL G 88 12.94 -20.24 13.91
C VAL G 88 14.31 -19.91 13.33
N ARG G 89 14.59 -18.62 13.13
CA ARG G 89 15.82 -18.23 12.45
C ARG G 89 17.04 -18.39 13.35
N ASN G 90 16.87 -18.26 14.66
CA ASN G 90 18.02 -18.43 15.56
C ASN G 90 18.47 -19.89 15.59
N ASP G 91 17.53 -20.82 15.75
CA ASP G 91 17.89 -22.22 15.83
C ASP G 91 18.35 -22.73 14.46
N GLU G 92 19.42 -23.54 14.47
CA GLU G 92 20.00 -24.00 13.21
C GLU G 92 19.09 -25.01 12.52
N GLU G 93 18.55 -25.98 13.27
CA GLU G 93 17.76 -27.03 12.64
C GLU G 93 16.44 -26.47 12.10
N LEU G 94 15.73 -25.68 12.90
CA LEU G 94 14.48 -25.10 12.43
C LEU G 94 14.72 -24.15 11.26
N ASN G 95 15.77 -23.35 11.34
CA ASN G 95 16.12 -22.47 10.21
C ASN G 95 16.49 -23.28 8.98
N LYS G 96 16.97 -24.51 9.16
CA LYS G 96 17.22 -25.38 8.01
C LYS G 96 15.91 -25.92 7.43
N LEU G 97 14.98 -26.31 8.30
CA LEU G 97 13.70 -26.84 7.83
C LEU G 97 12.81 -25.73 7.29
N LEU G 98 12.83 -24.56 7.93
CA LEU G 98 12.00 -23.43 7.53
C LEU G 98 12.83 -22.30 6.92
N GLY G 99 14.02 -22.60 6.42
CA GLY G 99 14.90 -21.54 5.96
C GLY G 99 14.34 -20.78 4.77
N ARG G 100 13.90 -21.50 3.75
CA ARG G 100 13.36 -20.86 2.55
C ARG G 100 11.83 -20.83 2.66
N VAL G 101 11.40 -20.07 3.66
CA VAL G 101 9.98 -19.89 3.99
C VAL G 101 9.84 -18.53 4.66
N THR G 102 8.77 -17.83 4.33
CA THR G 102 8.54 -16.47 4.81
C THR G 102 7.48 -16.46 5.90
N ILE G 103 7.78 -15.79 7.01
CA ILE G 103 6.83 -15.60 8.10
C ILE G 103 6.34 -14.16 8.02
N ALA G 104 5.05 -13.98 7.77
CA ALA G 104 4.49 -12.65 7.61
C ALA G 104 4.67 -11.83 8.88
N GLN G 105 5.10 -10.58 8.71
CA GLN G 105 5.29 -9.65 9.83
C GLN G 105 6.27 -10.23 10.85
N GLY G 106 7.34 -10.86 10.37
CA GLY G 106 8.34 -11.44 11.23
C GLY G 106 9.61 -10.65 11.28
N GLY G 107 9.85 -9.82 10.26
CA GLY G 107 11.05 -9.00 10.25
C GLY G 107 12.30 -9.82 9.95
N VAL G 108 13.44 -9.28 10.37
CA VAL G 108 14.74 -9.88 10.14
C VAL G 108 15.51 -9.90 11.45
N LEU G 109 16.47 -10.83 11.52
CA LEU G 109 17.33 -10.92 12.69
C LEU G 109 18.28 -9.72 12.72
N PRO G 110 18.44 -9.04 13.87
CA PRO G 110 19.42 -7.95 13.93
C PRO G 110 20.82 -8.45 13.61
N ASN G 111 21.42 -7.86 12.58
CA ASN G 111 22.76 -8.27 12.17
C ASN G 111 23.40 -7.13 11.39
N ILE G 112 24.43 -6.52 11.97
CA ILE G 112 25.28 -5.55 11.29
C ILE G 112 26.70 -6.10 11.27
N GLN G 113 27.34 -5.96 10.12
CA GLN G 113 28.60 -6.64 9.84
C GLN G 113 29.79 -5.77 10.22
N SER G 114 30.90 -6.44 10.56
CA SER G 114 32.02 -5.76 11.18
C SER G 114 32.60 -4.67 10.30
N VAL G 115 32.56 -4.84 8.98
CA VAL G 115 33.14 -3.85 8.08
C VAL G 115 32.43 -2.52 8.20
N LEU G 116 31.11 -2.55 8.39
CA LEU G 116 30.32 -1.32 8.35
C LEU G 116 30.35 -0.55 9.67
N LEU G 117 30.54 -1.24 10.79
CA LEU G 117 30.50 -0.57 12.08
C LEU G 117 31.68 0.41 12.21
N PRO G 118 31.50 1.49 12.96
CA PRO G 118 32.51 2.55 12.98
C PRO G 118 33.66 2.25 13.95
N LYS G 119 34.70 3.05 13.82
CA LYS G 119 35.87 2.95 14.69
C LYS G 119 36.37 4.34 15.06
N THR H 30 -19.83 -20.25 7.01
CA THR H 30 -19.49 -21.58 6.56
C THR H 30 -18.89 -22.41 7.69
N ARG H 31 -18.38 -23.59 7.36
CA ARG H 31 -17.81 -24.51 8.34
C ARG H 31 -16.34 -24.71 8.00
N LYS H 32 -15.45 -24.20 8.85
CA LYS H 32 -14.01 -24.23 8.62
C LYS H 32 -13.31 -24.96 9.76
N GLU H 33 -12.30 -25.74 9.41
CA GLU H 33 -11.50 -26.50 10.36
C GLU H 33 -10.11 -25.91 10.49
N SER H 34 -9.52 -26.05 11.67
CA SER H 34 -8.19 -25.53 11.93
C SER H 34 -7.54 -26.33 13.06
N TYR H 35 -6.23 -26.14 13.21
CA TYR H 35 -5.45 -26.78 14.26
C TYR H 35 -5.27 -25.91 15.48
N ALA H 36 -6.03 -24.81 15.59
CA ALA H 36 -5.71 -23.79 16.58
C ALA H 36 -5.80 -24.33 18.00
N ILE H 37 -6.86 -25.07 18.32
CA ILE H 37 -7.05 -25.51 19.70
C ILE H 37 -5.94 -26.47 20.11
N TYR H 38 -5.49 -27.32 19.17
CA TYR H 38 -4.44 -28.27 19.49
C TYR H 38 -3.12 -27.55 19.73
N VAL H 39 -2.81 -26.56 18.90
CA VAL H 39 -1.62 -25.75 19.12
C VAL H 39 -1.70 -25.04 20.47
N TYR H 40 -2.90 -24.63 20.86
CA TYR H 40 -3.05 -23.90 22.12
C TYR H 40 -2.85 -24.84 23.31
N LYS H 41 -3.34 -26.07 23.21
CA LYS H 41 -3.08 -27.06 24.26
C LYS H 41 -1.59 -27.36 24.36
N VAL H 42 -0.91 -27.50 23.21
CA VAL H 42 0.53 -27.70 23.24
C VAL H 42 1.22 -26.51 23.89
N LEU H 43 0.73 -25.30 23.62
CA LEU H 43 1.29 -24.11 24.25
C LEU H 43 1.13 -24.16 25.77
N LYS H 44 -0.06 -24.53 26.23
CA LYS H 44 -0.29 -24.63 27.67
C LYS H 44 0.62 -25.67 28.30
N GLN H 45 0.96 -26.74 27.59
CA GLN H 45 1.94 -27.68 28.14
C GLN H 45 3.32 -27.06 28.20
N VAL H 46 3.85 -26.62 27.05
CA VAL H 46 5.22 -26.11 27.02
C VAL H 46 5.35 -24.84 27.85
N HIS H 47 4.37 -23.94 27.75
CA HIS H 47 4.41 -22.66 28.45
C HIS H 47 3.01 -22.37 29.00
N PRO H 48 2.72 -22.80 30.22
CA PRO H 48 1.34 -22.66 30.73
C PRO H 48 0.89 -21.23 30.93
N ASP H 49 1.80 -20.28 31.05
CA ASP H 49 1.45 -18.90 31.34
C ASP H 49 1.49 -17.98 30.13
N THR H 50 1.99 -18.45 28.99
CA THR H 50 2.16 -17.62 27.80
C THR H 50 0.99 -17.82 26.85
N GLY H 51 0.48 -16.71 26.32
CA GLY H 51 -0.57 -16.73 25.33
C GLY H 51 -0.03 -16.64 23.92
N ILE H 52 -0.96 -16.45 22.98
CA ILE H 52 -0.61 -16.36 21.56
C ILE H 52 -1.65 -15.50 20.86
N SER H 53 -1.18 -14.72 19.88
CA SER H 53 -2.07 -13.87 19.11
C SER H 53 -2.74 -14.66 17.99
N SER H 54 -3.72 -14.02 17.35
CA SER H 54 -4.42 -14.66 16.25
C SER H 54 -3.53 -14.78 15.02
N LYS H 55 -2.63 -13.82 14.82
CA LYS H 55 -1.72 -13.89 13.68
C LYS H 55 -0.66 -14.96 13.89
N ALA H 56 -0.11 -15.05 15.11
CA ALA H 56 0.83 -16.12 15.42
C ALA H 56 0.16 -17.49 15.26
N MET H 57 -1.11 -17.59 15.65
CA MET H 57 -1.82 -18.86 15.48
C MET H 57 -2.05 -19.15 13.99
N SER H 58 -2.37 -18.12 13.20
CA SER H 58 -2.52 -18.33 11.77
C SER H 58 -1.21 -18.75 11.12
N ILE H 59 -0.07 -18.33 11.69
CA ILE H 59 1.22 -18.77 11.18
C ILE H 59 1.51 -20.21 11.60
N MET H 60 1.20 -20.55 12.85
CA MET H 60 1.47 -21.90 13.33
C MET H 60 0.61 -22.93 12.61
N ASN H 61 -0.65 -22.58 12.33
CA ASN H 61 -1.51 -23.51 11.59
C ASN H 61 -0.96 -23.76 10.19
N SER H 62 -0.49 -22.71 9.53
CA SER H 62 0.12 -22.89 8.21
C SER H 62 1.37 -23.74 8.31
N PHE H 63 2.17 -23.55 9.36
CA PHE H 63 3.35 -24.39 9.55
C PHE H 63 2.97 -25.85 9.69
N VAL H 64 1.96 -26.14 10.52
CA VAL H 64 1.54 -27.52 10.72
C VAL H 64 1.06 -28.12 9.40
N ASN H 65 0.26 -27.37 8.65
CA ASN H 65 -0.24 -27.87 7.38
C ASN H 65 0.91 -28.13 6.40
N ASP H 66 1.86 -27.22 6.32
CA ASP H 66 2.97 -27.39 5.38
C ASP H 66 3.79 -28.62 5.74
N VAL H 67 4.10 -28.80 7.02
CA VAL H 67 4.88 -29.97 7.43
C VAL H 67 4.09 -31.25 7.14
N PHE H 68 2.78 -31.22 7.41
CA PHE H 68 1.93 -32.36 7.10
C PHE H 68 2.04 -32.73 5.62
N GLU H 69 1.86 -31.74 4.74
CA GLU H 69 1.92 -32.02 3.31
C GLU H 69 3.28 -32.54 2.90
N ARG H 70 4.36 -31.95 3.42
CA ARG H 70 5.69 -32.41 3.06
C ARG H 70 5.89 -33.87 3.44
N ILE H 71 5.61 -34.20 4.70
CA ILE H 71 5.84 -35.57 5.18
C ILE H 71 4.94 -36.55 4.42
N ALA H 72 3.67 -36.19 4.23
CA ALA H 72 2.74 -37.09 3.57
C ALA H 72 3.13 -37.31 2.11
N GLY H 73 3.56 -36.25 1.42
CA GLY H 73 3.99 -36.42 0.04
C GLY H 73 5.24 -37.28 -0.08
N GLU H 74 6.20 -37.08 0.83
CA GLU H 74 7.38 -37.93 0.82
C GLU H 74 7.00 -39.39 1.06
N ALA H 75 6.10 -39.63 2.01
CA ALA H 75 5.65 -41.00 2.28
C ALA H 75 4.95 -41.60 1.06
N SER H 76 4.11 -40.82 0.40
CA SER H 76 3.40 -41.32 -0.78
C SER H 76 4.40 -41.67 -1.90
N ARG H 77 5.38 -40.80 -2.13
CA ARG H 77 6.38 -41.09 -3.15
C ARG H 77 7.18 -42.33 -2.80
N LEU H 78 7.51 -42.49 -1.51
CA LEU H 78 8.26 -43.68 -1.09
C LEU H 78 7.42 -44.94 -1.29
N ALA H 79 6.13 -44.88 -1.00
CA ALA H 79 5.25 -46.02 -1.29
C ALA H 79 5.24 -46.32 -2.77
N HIS H 80 5.19 -45.27 -3.61
CA HIS H 80 5.17 -45.48 -5.05
C HIS H 80 6.45 -46.14 -5.53
N TYR H 81 7.60 -45.74 -4.96
CA TYR H 81 8.88 -46.27 -5.42
C TYR H 81 8.95 -47.79 -5.23
N ASN H 82 8.52 -48.28 -4.07
CA ASN H 82 8.60 -49.70 -3.75
C ASN H 82 7.42 -50.49 -4.26
N LYS H 83 6.67 -49.95 -5.23
CA LYS H 83 5.51 -50.65 -5.81
C LYS H 83 4.49 -51.03 -4.75
N ARG H 84 4.47 -50.27 -3.65
CA ARG H 84 3.51 -50.50 -2.58
C ARG H 84 2.24 -49.71 -2.82
N SER H 85 1.25 -49.93 -1.96
CA SER H 85 -0.03 -49.23 -2.06
C SER H 85 -0.51 -48.74 -0.70
N THR H 86 0.37 -48.63 0.29
CA THR H 86 -0.02 -48.31 1.64
C THR H 86 0.96 -47.31 2.25
N ILE H 87 0.44 -46.44 3.10
CA ILE H 87 1.24 -45.56 3.93
C ILE H 87 1.15 -46.11 5.35
N THR H 88 2.20 -46.82 5.77
CA THR H 88 2.30 -47.33 7.13
C THR H 88 3.02 -46.32 8.00
N SER H 89 3.08 -46.62 9.31
CA SER H 89 3.84 -45.78 10.22
C SER H 89 5.32 -45.77 9.86
N ARG H 90 5.82 -46.86 9.28
CA ARG H 90 7.22 -46.89 8.85
C ARG H 90 7.51 -45.89 7.75
N GLU H 91 6.62 -45.78 6.76
CA GLU H 91 6.89 -44.86 5.68
C GLU H 91 6.92 -43.44 6.20
N ILE H 92 6.09 -43.14 7.20
CA ILE H 92 6.14 -41.84 7.87
C ILE H 92 7.46 -41.68 8.61
N GLN H 93 7.94 -42.75 9.24
CA GLN H 93 9.21 -42.68 9.96
C GLN H 93 10.36 -42.34 9.00
N THR H 94 10.40 -43.01 7.86
CA THR H 94 11.49 -42.77 6.91
C THR H 94 11.36 -41.41 6.24
N ALA H 95 10.12 -40.95 5.99
CA ALA H 95 9.94 -39.60 5.49
C ALA H 95 10.41 -38.57 6.51
N VAL H 96 10.18 -38.84 7.80
CA VAL H 96 10.70 -37.97 8.85
C VAL H 96 12.22 -37.95 8.81
N ARG H 97 12.83 -39.12 8.65
CA ARG H 97 14.29 -39.17 8.60
C ARG H 97 14.82 -38.39 7.41
N LEU H 98 14.18 -38.54 6.25
CA LEU H 98 14.64 -37.84 5.05
C LEU H 98 14.48 -36.32 5.18
N LEU H 99 13.32 -35.88 5.67
CA LEU H 99 13.00 -34.46 5.62
C LEU H 99 13.63 -33.69 6.78
N LEU H 100 13.27 -34.04 8.01
CA LEU H 100 13.66 -33.25 9.15
C LEU H 100 15.18 -33.29 9.34
N PRO H 101 15.78 -32.21 9.85
CA PRO H 101 17.22 -32.22 10.12
C PRO H 101 17.61 -33.31 11.11
N GLY H 102 18.91 -33.44 11.31
CA GLY H 102 19.46 -34.54 12.10
C GLY H 102 18.89 -34.68 13.50
N GLU H 103 19.11 -33.67 14.36
CA GLU H 103 18.68 -33.79 15.74
C GLU H 103 17.17 -33.80 15.86
N LEU H 104 16.49 -32.91 15.11
CA LEU H 104 15.03 -32.91 15.13
C LEU H 104 14.49 -34.23 14.61
N ALA H 105 15.10 -34.80 13.57
CA ALA H 105 14.66 -36.09 13.06
C ALA H 105 14.83 -37.17 14.12
N LYS H 106 15.99 -37.18 14.80
CA LYS H 106 16.24 -38.24 15.78
C LYS H 106 15.31 -38.15 16.97
N HIS H 107 14.90 -36.94 17.36
CA HIS H 107 13.94 -36.82 18.44
C HIS H 107 12.51 -37.13 17.98
N ALA H 108 12.15 -36.69 16.77
CA ALA H 108 10.81 -36.91 16.27
C ALA H 108 10.53 -38.38 16.04
N VAL H 109 11.51 -39.11 15.50
CA VAL H 109 11.34 -40.54 15.32
C VAL H 109 11.15 -41.22 16.68
N SER H 110 11.92 -40.81 17.68
CA SER H 110 11.78 -41.41 19.00
C SER H 110 10.38 -41.21 19.55
N GLU H 111 9.88 -39.96 19.51
CA GLU H 111 8.58 -39.71 20.13
C GLU H 111 7.45 -40.33 19.31
N GLY H 112 7.57 -40.34 17.98
CA GLY H 112 6.59 -41.03 17.17
C GLY H 112 6.55 -42.52 17.45
N THR H 113 7.73 -43.14 17.62
CA THR H 113 7.77 -44.55 17.98
C THR H 113 7.11 -44.77 19.33
N LYS H 114 7.36 -43.90 20.29
CA LYS H 114 6.68 -44.00 21.59
C LYS H 114 5.18 -43.97 21.41
N ALA H 115 4.68 -42.99 20.65
CA ALA H 115 3.24 -42.85 20.45
C ALA H 115 2.67 -44.12 19.82
N VAL H 116 3.30 -44.61 18.76
CA VAL H 116 2.75 -45.78 18.06
C VAL H 116 2.81 -47.02 18.95
N THR H 117 3.91 -47.22 19.68
CA THR H 117 4.02 -48.45 20.45
C THR H 117 3.02 -48.48 21.60
N LYS H 118 2.82 -47.35 22.28
CA LYS H 118 1.87 -47.36 23.38
C LYS H 118 0.43 -47.15 22.91
N TYR H 119 0.23 -46.80 21.63
CA TYR H 119 -1.10 -46.88 21.04
C TYR H 119 -1.45 -48.32 20.71
N THR H 120 -0.54 -49.04 20.06
CA THR H 120 -0.79 -50.44 19.72
C THR H 120 -0.79 -51.34 20.95
N SER H 121 -0.17 -50.90 22.05
CA SER H 121 -0.27 -51.67 23.29
C SER H 121 -1.72 -51.78 23.73
N ALA H 122 -2.48 -50.69 23.62
CA ALA H 122 -3.90 -50.69 23.96
C ALA H 122 -4.75 -50.92 22.71
N ASP K 449 47.34 32.95 3.55
CA ASP K 449 47.40 31.50 3.46
C ASP K 449 46.33 30.98 2.50
N HIS K 450 45.08 30.92 2.97
CA HIS K 450 43.95 30.49 2.14
C HIS K 450 42.98 31.65 2.03
N HIS K 451 42.98 32.31 0.88
CA HIS K 451 41.93 33.24 0.50
C HIS K 451 41.43 32.81 -0.88
N MET K 452 40.13 32.99 -1.12
CA MET K 452 39.63 32.74 -2.46
C MET K 452 40.36 33.64 -3.45
N GLU K 453 40.82 33.06 -4.55
CA GLU K 453 41.59 33.78 -5.56
C GLU K 453 40.69 34.39 -6.63
N PHE K 454 39.46 34.72 -6.26
CA PHE K 454 38.44 35.14 -7.22
C PHE K 454 37.34 35.89 -6.47
N CYS K 455 36.82 36.93 -7.11
CA CYS K 455 35.99 37.91 -6.42
C CYS K 455 34.61 37.36 -6.10
N ARG K 456 34.15 37.62 -4.88
CA ARG K 456 32.84 37.14 -4.44
C ARG K 456 31.68 37.79 -5.17
N VAL K 457 31.90 38.90 -5.85
CA VAL K 457 30.84 39.60 -6.56
C VAL K 457 30.81 39.21 -8.04
N CYS K 458 31.97 39.19 -8.68
CA CYS K 458 32.07 38.91 -10.11
C CYS K 458 32.71 37.57 -10.43
N LYS K 459 33.23 36.85 -9.44
CA LYS K 459 33.83 35.53 -9.63
C LYS K 459 35.05 35.57 -10.54
N ASP K 460 35.70 36.72 -10.67
CA ASP K 460 36.90 36.87 -11.48
C ASP K 460 38.11 37.12 -10.59
N GLY K 461 39.28 36.79 -11.12
CA GLY K 461 40.53 36.92 -10.39
C GLY K 461 41.24 38.23 -10.69
N GLY K 462 42.52 38.26 -10.32
CA GLY K 462 43.34 39.44 -10.53
C GLY K 462 43.73 40.12 -9.24
N GLU K 463 43.78 41.44 -9.24
CA GLU K 463 44.10 42.21 -8.04
C GLU K 463 42.92 42.15 -7.08
N LEU K 464 43.08 41.42 -5.97
CA LEU K 464 42.00 41.18 -5.02
C LEU K 464 42.37 41.73 -3.65
N LEU K 465 41.37 42.30 -2.97
CA LEU K 465 41.50 42.77 -1.61
C LEU K 465 40.99 41.68 -0.67
N CYS K 466 41.78 41.34 0.33
CA CYS K 466 41.51 40.18 1.18
C CYS K 466 41.14 40.63 2.59
N CYS K 467 40.08 40.04 3.13
CA CYS K 467 39.68 40.32 4.51
C CYS K 467 40.66 39.68 5.50
N ASP K 468 40.76 40.29 6.67
CA ASP K 468 41.67 39.81 7.71
C ASP K 468 40.99 38.89 8.71
N THR K 469 39.66 38.90 8.79
CA THR K 469 38.93 38.10 9.77
C THR K 469 38.07 37.04 9.12
N CYS K 470 38.14 36.88 7.80
CA CYS K 470 37.41 35.85 7.10
C CYS K 470 37.99 35.74 5.69
N PRO K 471 37.68 34.65 4.98
CA PRO K 471 38.30 34.44 3.66
C PRO K 471 37.86 35.43 2.59
N SER K 472 37.01 36.39 2.94
CA SER K 472 36.39 37.24 1.93
C SER K 472 37.44 37.92 1.07
N SER K 473 37.16 37.98 -0.23
CA SER K 473 38.02 38.65 -1.19
C SER K 473 37.14 39.38 -2.19
N TYR K 474 37.59 40.57 -2.61
CA TYR K 474 36.79 41.45 -3.44
C TYR K 474 37.67 42.27 -4.35
N HIS K 475 37.07 42.69 -5.46
CA HIS K 475 37.69 43.69 -6.32
C HIS K 475 37.25 45.07 -5.86
N ILE K 476 38.17 46.02 -5.90
CA ILE K 476 37.89 47.32 -5.29
C ILE K 476 36.68 47.98 -5.92
N HIS K 477 36.42 47.71 -7.21
CA HIS K 477 35.24 48.25 -7.88
C HIS K 477 34.01 47.34 -7.75
N CYS K 478 34.01 46.42 -6.78
CA CYS K 478 32.87 45.54 -6.51
C CYS K 478 32.54 45.61 -5.02
N LEU K 479 32.45 46.82 -4.49
CA LEU K 479 32.17 47.03 -3.08
C LEU K 479 30.97 47.95 -2.93
N ASN K 480 30.29 47.82 -1.80
CA ASN K 480 29.07 48.54 -1.50
C ASN K 480 29.25 50.04 -1.77
N PRO K 481 30.19 50.72 -1.11
CA PRO K 481 30.51 52.10 -1.53
C PRO K 481 31.59 52.11 -2.60
N PRO K 482 31.92 53.29 -3.16
CA PRO K 482 33.02 53.34 -4.15
C PRO K 482 34.37 53.67 -3.53
N LEU K 483 35.34 52.78 -3.74
CA LEU K 483 36.65 52.87 -3.10
C LEU K 483 37.74 53.03 -4.15
N PRO K 484 38.43 54.17 -4.21
CA PRO K 484 39.42 54.36 -5.30
C PRO K 484 40.52 53.31 -5.32
N GLU K 485 41.12 53.01 -4.18
CA GLU K 485 42.32 52.19 -4.12
C GLU K 485 42.24 51.23 -2.94
N ILE K 486 43.03 50.17 -3.03
CA ILE K 486 43.13 49.18 -1.96
C ILE K 486 43.69 49.89 -0.73
N PRO K 487 42.99 49.87 0.40
CA PRO K 487 43.49 50.61 1.57
C PRO K 487 44.70 49.96 2.22
N ASN K 488 45.25 50.60 3.24
CA ASN K 488 46.38 50.08 3.98
C ASN K 488 45.95 49.81 5.42
N GLY K 489 46.60 48.84 6.05
CA GLY K 489 46.26 48.47 7.41
C GLY K 489 45.13 47.46 7.49
N GLU K 490 44.23 47.64 8.44
CA GLU K 490 43.12 46.71 8.62
C GLU K 490 41.96 47.04 7.70
N TRP K 491 41.42 46.01 7.06
CA TRP K 491 40.20 46.11 6.27
C TRP K 491 39.26 44.98 6.65
N LEU K 492 37.98 45.30 6.82
CA LEU K 492 36.95 44.34 7.13
C LEU K 492 35.93 44.32 6.00
N CYS K 493 35.64 43.14 5.47
CA CYS K 493 34.76 43.02 4.32
C CYS K 493 33.31 43.30 4.71
N PRO K 494 32.45 43.57 3.72
CA PRO K 494 31.04 43.86 4.04
C PRO K 494 30.36 42.74 4.80
N ARG K 495 30.73 41.48 4.56
CA ARG K 495 30.11 40.37 5.26
C ARG K 495 30.48 40.36 6.75
N CYS K 496 31.71 40.78 7.08
CA CYS K 496 32.13 40.79 8.47
C CYS K 496 31.34 41.81 9.29
N THR K 497 30.81 42.85 8.66
CA THR K 497 30.12 43.92 9.37
C THR K 497 28.61 43.76 9.39
N CYS K 498 28.08 42.61 8.95
CA CYS K 498 26.64 42.36 8.95
C CYS K 498 26.07 42.59 10.34
N PRO K 499 25.23 43.63 10.53
CA PRO K 499 24.80 43.97 11.90
C PRO K 499 23.56 43.26 12.41
N ALA K 500 22.68 42.78 11.51
CA ALA K 500 21.36 42.31 11.91
C ALA K 500 21.46 40.91 12.51
N LEU K 501 21.30 40.82 13.83
CA LEU K 501 21.41 39.55 14.56
C LEU K 501 20.31 39.38 15.61
N LYS K 502 19.25 40.20 15.58
CA LYS K 502 18.38 40.39 16.73
C LYS K 502 17.20 39.41 16.78
N GLY K 503 17.29 38.26 16.13
CA GLY K 503 16.23 37.27 16.21
C GLY K 503 16.28 36.28 15.06
N LYS K 504 15.16 35.61 14.85
CA LYS K 504 14.99 34.65 13.77
C LYS K 504 13.82 35.07 12.88
N VAL K 505 13.92 34.76 11.58
CA VAL K 505 12.95 35.19 10.59
C VAL K 505 11.98 34.04 10.29
N GLN K 506 10.74 34.39 9.95
CA GLN K 506 9.69 33.42 9.65
C GLN K 506 9.36 33.39 8.17
N LYS K 507 8.97 34.52 7.60
CA LYS K 507 8.65 34.61 6.19
C LYS K 507 9.07 35.99 5.68
N ILE K 508 9.16 36.10 4.36
CA ILE K 508 9.55 37.34 3.69
C ILE K 508 8.32 37.89 3.01
N LEU K 509 8.01 39.17 3.27
CA LEU K 509 6.77 39.74 2.74
C LEU K 509 6.93 40.23 1.31
N ILE K 510 7.78 41.24 1.10
CA ILE K 510 7.92 41.86 -0.21
C ILE K 510 9.20 42.66 -0.24
N TRP K 511 9.70 42.97 -1.44
CA TRP K 511 10.92 43.73 -1.61
C TRP K 511 10.65 45.00 -2.41
N LYS K 512 11.55 45.96 -2.25
CA LYS K 512 11.55 47.20 -3.03
C LYS K 512 12.99 47.62 -3.27
N TRP K 513 13.24 48.28 -4.39
CA TRP K 513 14.58 48.70 -4.75
C TRP K 513 14.84 50.10 -4.19
N GLY K 514 15.75 50.19 -3.23
CA GLY K 514 16.05 51.47 -2.60
C GLY K 514 17.01 51.33 -1.44
N PRO K 542 21.71 51.56 -5.64
CA PRO K 542 20.95 51.16 -4.44
C PRO K 542 21.03 49.65 -4.16
N GLU K 543 19.99 49.10 -3.54
CA GLU K 543 20.01 47.70 -3.15
C GLU K 543 18.58 47.22 -2.96
N ARG K 544 18.41 45.90 -2.98
CA ARG K 544 17.12 45.27 -2.77
C ARG K 544 16.82 45.22 -1.27
N GLN K 545 15.78 45.96 -0.86
CA GLN K 545 15.33 45.99 0.53
C GLN K 545 14.20 44.98 0.69
N PHE K 546 14.33 44.08 1.66
CA PHE K 546 13.36 43.03 1.94
C PHE K 546 12.62 43.34 3.23
N PHE K 547 11.33 43.00 3.25
CA PHE K 547 10.50 43.12 4.44
C PHE K 547 10.10 41.73 4.90
N VAL K 548 10.29 41.44 6.18
CA VAL K 548 10.13 40.08 6.70
C VAL K 548 9.36 40.12 8.01
N LYS K 549 8.67 39.03 8.30
CA LYS K 549 8.09 38.80 9.61
C LYS K 549 9.05 37.95 10.43
N TRP K 550 9.05 38.18 11.74
CA TRP K 550 10.20 37.84 12.56
C TRP K 550 9.72 36.84 13.60
N GLN K 551 10.33 35.65 13.64
CA GLN K 551 9.76 34.56 14.42
C GLN K 551 9.58 34.94 15.89
N GLY K 552 8.51 34.43 16.49
CA GLY K 552 8.23 34.68 17.89
C GLY K 552 7.73 36.06 18.20
N MET K 553 7.20 36.77 17.20
CA MET K 553 6.80 38.16 17.36
C MET K 553 5.53 38.40 16.56
N SER K 554 5.00 39.61 16.66
CA SER K 554 3.80 39.99 15.94
C SER K 554 4.17 40.57 14.58
N TYR K 555 3.14 40.97 13.82
CA TYR K 555 3.39 41.62 12.54
C TYR K 555 3.76 43.09 12.71
N TRP K 556 3.55 43.66 13.90
CA TRP K 556 4.01 45.01 14.21
C TRP K 556 5.52 45.10 14.29
N HIS K 557 6.20 43.98 14.55
CA HIS K 557 7.64 43.98 14.75
C HIS K 557 8.42 43.73 13.47
N CYS K 558 7.75 43.60 12.32
CA CYS K 558 8.46 43.43 11.06
C CYS K 558 9.34 44.63 10.78
N SER K 559 10.60 44.36 10.43
CA SER K 559 11.60 45.38 10.17
C SER K 559 12.08 45.27 8.72
N TRP K 560 12.94 46.21 8.33
CA TRP K 560 13.43 46.32 6.97
C TRP K 560 14.87 45.83 6.95
N VAL K 561 15.18 44.89 6.06
CA VAL K 561 16.52 44.30 5.99
C VAL K 561 16.99 44.36 4.55
N SER K 562 18.27 44.03 4.35
CA SER K 562 18.86 43.99 3.02
C SER K 562 19.26 42.56 2.66
N GLU K 563 19.39 42.31 1.36
CA GLU K 563 19.74 40.97 0.89
C GLU K 563 21.02 40.47 1.54
N LEU K 564 21.96 41.38 1.83
CA LEU K 564 23.24 40.96 2.37
C LEU K 564 23.05 40.14 3.64
N GLN K 565 22.30 40.69 4.60
CA GLN K 565 22.11 40.00 5.88
C GLN K 565 21.41 38.66 5.68
N LEU K 566 20.41 38.61 4.81
CA LEU K 566 19.67 37.36 4.60
C LEU K 566 20.59 36.29 4.00
N GLU K 567 21.49 36.67 3.10
CA GLU K 567 22.28 35.67 2.40
C GLU K 567 23.16 34.86 3.35
N LEU K 568 23.56 35.42 4.49
CA LEU K 568 24.43 34.67 5.39
C LEU K 568 23.64 33.70 6.26
N HIS K 569 22.68 34.21 7.03
CA HIS K 569 21.99 33.39 8.03
C HIS K 569 20.81 32.64 7.42
N CYS K 570 19.86 33.38 6.84
CA CYS K 570 18.67 32.77 6.25
C CYS K 570 18.91 32.53 4.75
N GLN K 571 19.72 31.50 4.49
CA GLN K 571 20.16 31.22 3.13
C GLN K 571 19.11 30.42 2.36
N VAL K 572 18.63 29.32 2.94
CA VAL K 572 17.69 28.46 2.22
C VAL K 572 16.44 29.26 1.84
N MET K 573 15.78 29.85 2.84
CA MET K 573 14.53 30.55 2.60
C MET K 573 14.71 31.67 1.58
N PHE K 574 15.81 32.41 1.68
CA PHE K 574 16.06 33.48 0.74
C PHE K 574 16.22 32.92 -0.68
N ARG K 575 16.88 31.76 -0.81
CA ARG K 575 17.02 31.18 -2.14
C ARG K 575 15.67 30.74 -2.72
N ASN K 576 14.84 30.09 -1.89
CA ASN K 576 13.50 29.75 -2.38
C ASN K 576 12.74 31.00 -2.82
N TYR K 577 12.87 32.09 -2.06
CA TYR K 577 12.23 33.33 -2.50
C TYR K 577 12.74 33.77 -3.86
N GLN K 578 14.07 33.87 -4.00
CA GLN K 578 14.62 34.40 -5.24
C GLN K 578 14.16 33.55 -6.43
N ARG K 579 14.01 32.24 -6.21
CA ARG K 579 13.54 31.38 -7.28
C ARG K 579 12.03 31.40 -7.46
N LYS K 580 11.28 31.96 -6.50
CA LYS K 580 9.84 32.00 -6.61
C LYS K 580 9.28 33.24 -7.30
N ASN K 581 10.08 34.31 -7.45
CA ASN K 581 9.61 35.54 -8.08
C ASN K 581 10.69 36.10 -8.98
N ASP K 582 10.27 36.98 -9.90
CA ASP K 582 11.20 37.70 -10.75
C ASP K 582 11.93 38.77 -9.94
N MET K 583 13.21 38.95 -10.23
CA MET K 583 14.08 39.80 -9.42
C MET K 583 14.33 41.19 -10.02
N ASP K 584 13.83 41.46 -11.22
CA ASP K 584 14.13 42.72 -11.90
C ASP K 584 13.07 43.79 -11.69
N GLU K 585 11.97 43.47 -11.01
CA GLU K 585 10.85 44.40 -10.94
C GLU K 585 10.14 44.27 -9.59
N PRO K 586 10.17 45.26 -8.72
CA PRO K 586 9.34 45.22 -7.51
C PRO K 586 7.88 45.08 -7.90
N PRO K 587 7.23 43.97 -7.53
CA PRO K 587 5.96 43.61 -8.17
C PRO K 587 4.77 44.32 -7.53
N SER K 588 3.62 44.16 -8.18
CA SER K 588 2.37 44.73 -7.70
C SER K 588 2.49 46.23 -7.47
N GLU K 595 -10.70 45.88 -3.56
CA GLU K 595 -9.32 46.17 -3.21
C GLU K 595 -9.09 47.67 -3.08
N GLU K 596 -8.89 48.34 -4.22
CA GLU K 596 -8.64 49.77 -4.20
C GLU K 596 -9.88 50.54 -3.74
N LYS K 597 -11.07 50.02 -4.04
CA LYS K 597 -12.30 50.67 -3.58
C LYS K 597 -12.44 50.60 -2.07
N SER K 598 -11.94 49.54 -1.43
CA SER K 598 -11.98 49.48 0.02
C SER K 598 -10.94 50.39 0.66
N ARG K 599 -9.78 50.52 0.02
CA ARG K 599 -8.77 51.46 0.49
C ARG K 599 -9.29 52.89 0.38
N LYS K 600 -9.97 53.22 -0.71
CA LYS K 600 -10.51 54.57 -0.88
C LYS K 600 -11.79 54.79 -0.09
N ARG K 601 -12.48 53.72 0.31
CA ARG K 601 -13.71 53.88 1.08
C ARG K 601 -13.41 54.32 2.51
N LYS K 602 -12.34 53.78 3.11
CA LYS K 602 -11.98 54.06 4.49
C LYS K 602 -10.82 55.04 4.59
N ASN K 603 -10.68 55.95 3.63
CA ASN K 603 -9.58 56.91 3.63
C ASN K 603 -9.86 58.13 4.50
N LYS K 604 -11.05 58.24 5.09
CA LYS K 604 -11.34 59.40 5.93
C LYS K 604 -10.50 59.42 7.20
N ASP K 605 -10.23 58.26 7.78
CA ASP K 605 -9.48 58.21 9.02
C ASP K 605 -8.02 58.54 8.76
N PRO K 606 -7.44 59.52 9.47
CA PRO K 606 -6.00 59.77 9.29
C PRO K 606 -5.13 58.61 9.74
N LYS K 607 -5.58 57.87 10.76
CA LYS K 607 -4.85 56.67 11.17
C LYS K 607 -4.77 55.66 10.04
N PHE K 608 -5.89 55.45 9.34
CA PHE K 608 -5.87 54.57 8.18
C PHE K 608 -4.92 55.10 7.12
N ALA K 609 -4.92 56.42 6.90
CA ALA K 609 -4.07 57.00 5.87
C ALA K 609 -2.60 56.74 6.18
N GLU K 610 -2.18 56.93 7.43
CA GLU K 610 -0.77 56.72 7.77
C GLU K 610 -0.42 55.24 7.78
N MET K 611 -1.31 54.39 8.30
CA MET K 611 -1.03 52.96 8.37
C MET K 611 -0.95 52.34 6.98
N GLU K 612 -1.74 52.85 6.02
CA GLU K 612 -1.70 52.29 4.67
C GLU K 612 -0.31 52.41 4.07
N GLU K 613 0.33 53.56 4.23
CA GLU K 613 1.68 53.75 3.72
C GLU K 613 2.71 53.06 4.61
N ARG K 614 2.49 53.06 5.93
CA ARG K 614 3.50 52.50 6.83
C ARG K 614 3.62 51.00 6.66
N PHE K 615 2.49 50.28 6.68
CA PHE K 615 2.50 48.81 6.64
C PHE K 615 1.75 48.22 5.47
N TYR K 616 0.52 48.68 5.21
CA TYR K 616 -0.38 47.93 4.34
C TYR K 616 0.17 47.82 2.91
N ARG K 617 0.85 48.86 2.43
CA ARG K 617 1.26 48.88 1.03
C ARG K 617 1.99 47.61 0.64
N TYR K 618 2.85 47.10 1.53
CA TYR K 618 3.55 45.85 1.24
C TYR K 618 2.58 44.72 0.93
N GLY K 619 1.47 44.67 1.64
CA GLY K 619 0.47 43.63 1.41
C GLY K 619 -0.12 43.07 2.69
N ILE K 620 0.36 43.55 3.84
CA ILE K 620 -0.13 43.04 5.11
C ILE K 620 -1.62 43.36 5.24
N LYS K 621 -2.40 42.33 5.53
CA LYS K 621 -3.85 42.47 5.60
C LYS K 621 -4.24 43.12 6.93
N PRO K 622 -5.11 44.14 6.90
CA PRO K 622 -5.24 45.02 8.08
C PRO K 622 -5.59 44.32 9.37
N GLU K 623 -6.49 43.33 9.35
CA GLU K 623 -7.01 42.82 10.61
C GLU K 623 -6.02 41.88 11.31
N TRP K 624 -4.98 41.40 10.62
CA TRP K 624 -3.89 40.77 11.36
C TRP K 624 -3.19 41.74 12.30
N MET K 625 -3.40 43.04 12.14
CA MET K 625 -2.75 44.04 12.97
C MET K 625 -3.55 44.36 14.23
N MET K 626 -4.74 43.79 14.39
CA MET K 626 -5.63 44.11 15.50
C MET K 626 -5.72 42.93 16.46
N ILE K 627 -6.03 43.27 17.71
CA ILE K 627 -6.10 42.31 18.80
C ILE K 627 -7.50 41.72 18.87
N HIS K 628 -7.58 40.40 18.98
CA HIS K 628 -8.86 39.72 19.14
C HIS K 628 -9.11 39.26 20.57
N ARG K 629 -8.10 38.72 21.25
CA ARG K 629 -8.22 38.42 22.67
C ARG K 629 -6.84 38.24 23.28
N ILE K 630 -6.83 38.15 24.61
CA ILE K 630 -5.64 37.92 25.41
C ILE K 630 -5.82 36.57 26.11
N LEU K 631 -4.81 35.71 25.99
CA LEU K 631 -4.92 34.32 26.45
C LEU K 631 -4.32 34.13 27.84
N ASN K 632 -3.10 34.61 28.07
CA ASN K 632 -2.42 34.37 29.34
C ASN K 632 -1.51 35.55 29.65
N HIS K 633 -0.97 35.53 30.87
CA HIS K 633 -0.11 36.60 31.35
C HIS K 633 1.11 36.00 32.04
N SER K 634 2.21 36.74 32.01
CA SER K 634 3.44 36.36 32.69
C SER K 634 4.06 37.61 33.30
N VAL K 635 4.31 37.56 34.61
CA VAL K 635 4.75 38.74 35.34
C VAL K 635 6.27 38.78 35.37
N ASP K 636 6.81 39.99 35.55
CA ASP K 636 8.24 40.22 35.62
C ASP K 636 8.54 41.17 36.77
N LYS K 637 9.76 41.05 37.30
CA LYS K 637 10.16 41.89 38.43
C LYS K 637 10.40 43.34 38.02
N LYS K 638 10.59 43.61 36.72
CA LYS K 638 10.87 44.97 36.27
C LYS K 638 9.71 45.92 36.55
N GLY K 639 8.49 45.40 36.70
CA GLY K 639 7.31 46.22 36.92
C GLY K 639 6.34 46.24 35.77
N HIS K 640 6.63 45.54 34.68
CA HIS K 640 5.73 45.42 33.53
C HIS K 640 5.44 43.95 33.29
N VAL K 641 4.23 43.67 32.81
CA VAL K 641 3.74 42.30 32.69
C VAL K 641 3.40 42.06 31.22
N HIS K 642 3.88 40.94 30.69
CA HIS K 642 3.59 40.56 29.31
C HIS K 642 2.29 39.78 29.22
N TYR K 643 1.61 39.94 28.09
CA TYR K 643 0.39 39.20 27.79
C TYR K 643 0.49 38.55 26.42
N LEU K 644 -0.06 37.35 26.30
CA LEU K 644 -0.24 36.74 24.99
C LEU K 644 -1.40 37.39 24.25
N ILE K 645 -1.17 37.75 23.00
CA ILE K 645 -2.15 38.40 22.15
C ILE K 645 -2.43 37.48 20.97
N LYS K 646 -3.72 37.20 20.73
CA LYS K 646 -4.13 36.48 19.53
C LYS K 646 -4.64 37.47 18.50
N TRP K 647 -4.16 37.32 17.27
CA TRP K 647 -4.44 38.28 16.22
C TRP K 647 -5.65 37.81 15.40
N ARG K 648 -6.30 38.77 14.74
CA ARG K 648 -7.51 38.45 13.99
C ARG K 648 -7.16 37.73 12.70
N ASP K 649 -7.88 36.65 12.42
CA ASP K 649 -7.70 35.89 11.18
C ASP K 649 -6.30 35.31 11.09
N LEU K 650 -5.75 34.88 12.23
CA LEU K 650 -4.45 34.21 12.30
C LEU K 650 -4.57 33.01 13.22
N PRO K 651 -3.83 31.93 12.94
CA PRO K 651 -3.81 30.79 13.85
C PRO K 651 -3.27 31.18 15.21
N TYR K 652 -3.38 30.25 16.16
CA TYR K 652 -2.90 30.53 17.51
C TYR K 652 -1.38 30.56 17.57
N ASP K 653 -0.71 29.81 16.69
CA ASP K 653 0.75 29.81 16.69
C ASP K 653 1.33 31.18 16.34
N GLN K 654 0.54 32.07 15.75
CA GLN K 654 0.94 33.46 15.56
C GLN K 654 0.67 34.32 16.79
N ALA K 655 0.07 33.76 17.83
CA ALA K 655 -0.10 34.52 19.07
C ALA K 655 1.25 34.96 19.60
N SER K 656 1.34 36.21 20.03
CA SER K 656 2.61 36.82 20.38
C SER K 656 2.59 37.38 21.79
N TRP K 657 3.67 37.19 22.52
CA TRP K 657 3.84 37.81 23.83
C TRP K 657 4.25 39.26 23.64
N GLU K 658 3.42 40.18 24.12
CA GLU K 658 3.67 41.61 24.01
C GLU K 658 3.68 42.25 25.39
N SER K 659 4.42 43.35 25.50
CA SER K 659 4.57 44.06 26.75
C SER K 659 3.40 45.02 26.95
N GLU K 660 3.42 45.73 28.08
CA GLU K 660 2.37 46.69 28.38
C GLU K 660 2.48 47.93 27.49
N ASP K 661 1.35 48.59 27.30
CA ASP K 661 1.24 49.89 26.64
C ASP K 661 2.15 50.02 25.44
N VAL K 662 2.30 48.95 24.67
CA VAL K 662 3.06 48.98 23.42
C VAL K 662 2.22 49.68 22.36
N GLU K 663 2.82 49.97 21.21
CA GLU K 663 2.15 50.70 20.15
C GLU K 663 1.06 49.82 19.55
N ILE K 664 -0.16 49.97 20.06
CA ILE K 664 -1.28 49.10 19.70
C ILE K 664 -2.59 49.73 20.16
N GLN K 665 -3.67 49.43 19.45
CA GLN K 665 -4.91 50.20 19.52
C GLN K 665 -6.00 49.41 20.23
N ASP K 666 -6.67 50.07 21.19
CA ASP K 666 -7.74 49.47 21.99
C ASP K 666 -7.23 48.29 22.82
N TYR K 667 -6.01 48.42 23.33
CA TYR K 667 -5.37 47.34 24.07
C TYR K 667 -5.73 47.38 25.56
N ASP K 668 -6.04 48.56 26.10
CA ASP K 668 -6.51 48.64 27.48
C ASP K 668 -7.90 47.99 27.61
N LEU K 669 -8.75 48.18 26.60
CA LEU K 669 -10.08 47.56 26.63
C LEU K 669 -9.97 46.05 26.74
N PHE K 670 -9.14 45.45 25.89
CA PHE K 670 -8.99 43.99 25.92
C PHE K 670 -8.25 43.54 27.16
N LYS K 671 -7.31 44.35 27.67
CA LYS K 671 -6.70 44.05 28.96
C LYS K 671 -7.76 43.89 30.04
N GLN K 672 -8.64 44.88 30.16
CA GLN K 672 -9.63 44.85 31.22
C GLN K 672 -10.67 43.77 30.98
N SER K 673 -10.98 43.47 29.71
CA SER K 673 -11.85 42.33 29.44
C SER K 673 -11.22 41.03 29.89
N TYR K 674 -9.92 40.85 29.63
CA TYR K 674 -9.22 39.64 30.05
C TYR K 674 -9.18 39.51 31.57
N TRP K 675 -8.93 40.62 32.28
CA TRP K 675 -8.91 40.53 33.74
C TRP K 675 -10.32 40.35 34.31
N ASN K 676 -11.34 40.92 33.67
CA ASN K 676 -12.71 40.65 34.09
C ASN K 676 -13.07 39.18 33.92
N HIS K 677 -12.66 38.58 32.81
CA HIS K 677 -12.91 37.16 32.61
C HIS K 677 -12.16 36.33 33.63
N ARG K 678 -10.91 36.70 33.94
CA ARG K 678 -10.17 36.00 34.98
C ARG K 678 -10.90 36.08 36.32
N GLU K 679 -11.40 37.27 36.66
CA GLU K 679 -12.10 37.42 37.94
C GLU K 679 -13.39 36.61 37.96
N LEU K 680 -14.13 36.59 36.86
CA LEU K 680 -15.43 35.94 36.85
C LEU K 680 -15.32 34.45 37.15
N MET K 681 -14.34 33.78 36.56
CA MET K 681 -14.17 32.34 36.76
C MET K 681 -13.15 32.07 37.87
N THR K 708 -34.05 32.77 40.52
CA THR K 708 -33.79 32.81 39.09
C THR K 708 -35.09 32.70 38.30
N VAL K 709 -34.98 32.70 36.98
CA VAL K 709 -36.14 32.61 36.10
C VAL K 709 -36.49 31.15 35.89
N ASP K 710 -37.78 30.87 35.75
CA ASP K 710 -38.23 29.50 35.52
C ASP K 710 -38.06 29.13 34.06
N PRO K 711 -37.48 27.96 33.74
CA PRO K 711 -37.34 27.58 32.33
C PRO K 711 -38.64 27.06 31.73
N THR K 712 -39.50 26.45 32.56
CA THR K 712 -40.73 25.86 32.05
C THR K 712 -41.65 26.93 31.46
N VAL K 713 -41.71 28.10 32.08
CA VAL K 713 -42.59 29.18 31.62
C VAL K 713 -42.05 29.75 30.31
N LYS K 714 -42.87 30.56 29.64
CA LYS K 714 -42.56 31.09 28.32
C LYS K 714 -42.37 32.60 28.41
N TYR K 715 -41.42 33.12 27.63
CA TYR K 715 -41.29 34.57 27.47
C TYR K 715 -42.32 35.05 26.45
N GLU K 716 -43.29 35.84 26.91
CA GLU K 716 -44.17 36.54 25.99
C GLU K 716 -43.40 37.57 25.17
N ARG K 717 -42.36 38.16 25.75
CA ARG K 717 -41.53 39.16 25.09
C ARG K 717 -40.07 38.77 25.21
N GLN K 718 -39.22 39.48 24.47
CA GLN K 718 -37.79 39.17 24.47
C GLN K 718 -37.19 39.42 25.85
N PRO K 719 -36.19 38.62 26.26
CA PRO K 719 -35.51 38.90 27.53
C PRO K 719 -34.70 40.19 27.48
N GLU K 720 -34.15 40.60 28.62
CA GLU K 720 -33.44 41.89 28.68
C GLU K 720 -32.05 41.81 28.09
N TYR K 721 -31.46 40.62 28.00
CA TYR K 721 -30.08 40.47 27.54
C TYR K 721 -29.96 40.27 26.03
N LEU K 722 -30.97 39.69 25.37
CA LEU K 722 -30.95 39.66 23.91
C LEU K 722 -31.13 41.07 23.32
N ASP K 723 -32.13 41.80 23.80
CA ASP K 723 -32.47 43.08 23.18
C ASP K 723 -31.32 44.06 23.22
N ALA K 724 -30.38 43.91 24.15
CA ALA K 724 -29.21 44.77 24.17
C ALA K 724 -28.34 44.59 22.94
N THR K 725 -28.52 43.49 22.20
CA THR K 725 -27.74 43.20 21.02
C THR K 725 -28.36 43.75 19.73
N GLY K 726 -29.53 44.36 19.80
CA GLY K 726 -30.23 44.78 18.61
C GLY K 726 -30.53 43.60 17.71
N GLY K 727 -31.00 42.51 18.31
CA GLY K 727 -31.20 41.26 17.59
C GLY K 727 -32.47 41.18 16.79
N THR K 728 -33.61 41.47 17.42
CA THR K 728 -34.91 41.40 16.75
C THR K 728 -35.20 39.99 16.25
N LEU K 729 -35.34 39.06 17.20
CA LEU K 729 -35.66 37.69 16.85
C LEU K 729 -37.01 37.62 16.17
N HIS K 730 -37.13 36.72 15.21
CA HIS K 730 -38.42 36.47 14.57
C HIS K 730 -39.32 35.70 15.53
N PRO K 731 -40.64 35.90 15.43
CA PRO K 731 -41.53 35.25 16.41
C PRO K 731 -41.41 33.74 16.44
N TYR K 732 -41.27 33.09 15.28
CA TYR K 732 -41.18 31.64 15.26
C TYR K 732 -39.89 31.19 15.96
N GLN K 733 -38.83 31.97 15.81
CA GLN K 733 -37.62 31.70 16.57
C GLN K 733 -37.86 31.83 18.06
N MET K 734 -38.76 32.73 18.47
CA MET K 734 -39.14 32.81 19.88
C MET K 734 -39.88 31.57 20.33
N GLU K 735 -40.78 31.04 19.49
CA GLU K 735 -41.45 29.80 19.83
C GLU K 735 -40.44 28.66 19.94
N GLY K 736 -39.47 28.62 19.03
CA GLY K 736 -38.43 27.60 19.11
C GLY K 736 -37.60 27.74 20.38
N LEU K 737 -37.26 28.97 20.76
CA LEU K 737 -36.55 29.21 22.01
C LEU K 737 -37.34 28.70 23.20
N ASN K 738 -38.64 29.02 23.23
CA ASN K 738 -39.48 28.57 24.34
C ASN K 738 -39.54 27.05 24.38
N TRP K 739 -39.69 26.41 23.21
CA TRP K 739 -39.75 24.96 23.18
C TRP K 739 -38.44 24.35 23.68
N LEU K 740 -37.31 24.86 23.20
CA LEU K 740 -36.02 24.32 23.61
C LEU K 740 -35.83 24.47 25.12
N ARG K 741 -36.18 25.65 25.65
CA ARG K 741 -36.04 25.88 27.09
C ARG K 741 -36.92 24.93 27.89
N PHE K 742 -38.20 24.85 27.52
CA PHE K 742 -39.14 24.03 28.29
C PHE K 742 -38.79 22.55 28.17
N SER K 743 -38.17 22.15 27.07
CA SER K 743 -37.73 20.77 26.92
C SER K 743 -36.48 20.49 27.75
N TRP K 744 -35.51 21.42 27.76
CA TRP K 744 -34.33 21.25 28.59
C TRP K 744 -34.71 21.26 30.06
N ALA K 745 -35.83 21.90 30.42
CA ALA K 745 -36.26 21.92 31.81
C ALA K 745 -36.47 20.51 32.34
N GLN K 746 -37.11 19.65 31.55
CA GLN K 746 -37.34 18.27 31.94
C GLN K 746 -36.25 17.31 31.46
N GLY K 747 -35.22 17.81 30.80
CA GLY K 747 -34.07 17.00 30.47
C GLY K 747 -34.22 16.10 29.27
N THR K 748 -35.33 16.18 28.54
CA THR K 748 -35.51 15.37 27.35
C THR K 748 -34.68 15.93 26.19
N ASP K 749 -33.95 15.06 25.51
CA ASP K 749 -33.11 15.47 24.41
C ASP K 749 -33.96 15.78 23.17
N THR K 750 -33.47 16.71 22.35
CA THR K 750 -34.25 17.25 21.26
C THR K 750 -33.47 17.23 19.95
N ILE K 751 -34.21 17.24 18.85
CA ILE K 751 -33.70 17.57 17.53
C ILE K 751 -34.44 18.82 17.08
N LEU K 752 -33.73 19.93 16.95
CA LEU K 752 -34.33 21.13 16.37
C LEU K 752 -34.27 21.06 14.84
N ALA K 753 -34.96 20.05 14.31
CA ALA K 753 -35.10 19.93 12.87
C ALA K 753 -35.87 21.13 12.35
N ASP K 754 -35.48 21.62 11.18
CA ASP K 754 -36.14 22.79 10.64
C ASP K 754 -35.65 22.99 9.22
N GLU K 755 -36.54 23.44 8.34
CA GLU K 755 -36.15 23.69 6.96
C GLU K 755 -34.96 24.64 6.92
N MET K 756 -33.94 24.23 6.18
CA MET K 756 -32.66 24.93 6.23
C MET K 756 -32.78 26.40 5.87
N GLY K 757 -32.10 27.23 6.63
CA GLY K 757 -31.99 28.65 6.35
C GLY K 757 -32.69 29.57 7.33
N LEU K 758 -33.55 29.06 8.22
CA LEU K 758 -34.36 29.97 9.03
C LEU K 758 -33.61 30.48 10.26
N GLY K 759 -33.42 29.63 11.27
CA GLY K 759 -32.88 30.13 12.52
C GLY K 759 -32.08 29.20 13.39
N LYS K 760 -31.68 28.02 12.91
CA LYS K 760 -31.14 27.02 13.82
C LYS K 760 -29.90 27.53 14.53
N THR K 761 -28.98 28.17 13.79
CA THR K 761 -27.79 28.74 14.43
C THR K 761 -28.18 29.84 15.41
N VAL K 762 -29.06 30.76 14.98
CA VAL K 762 -29.45 31.87 15.84
C VAL K 762 -30.23 31.37 17.05
N GLN K 763 -31.18 30.46 16.83
CA GLN K 763 -31.96 29.95 17.95
C GLN K 763 -31.07 29.22 18.95
N THR K 764 -30.13 28.42 18.45
CA THR K 764 -29.21 27.72 19.36
C THR K 764 -28.37 28.71 20.15
N ALA K 765 -27.83 29.74 19.48
CA ALA K 765 -26.99 30.71 20.16
C ALA K 765 -27.77 31.42 21.25
N VAL K 766 -28.99 31.88 20.95
CA VAL K 766 -29.77 32.60 21.96
C VAL K 766 -30.23 31.65 23.07
N PHE K 767 -30.48 30.38 22.74
CA PHE K 767 -30.85 29.42 23.77
C PHE K 767 -29.72 29.23 24.77
N LEU K 768 -28.49 29.04 24.27
CA LEU K 768 -27.35 28.96 25.17
C LEU K 768 -27.16 30.26 25.93
N TYR K 769 -27.37 31.41 25.27
CA TYR K 769 -27.18 32.69 25.93
C TYR K 769 -28.14 32.84 27.09
N SER K 770 -29.39 32.43 26.92
CA SER K 770 -30.35 32.46 28.01
C SER K 770 -29.96 31.49 29.12
N LEU K 771 -29.60 30.25 28.75
CA LEU K 771 -29.20 29.28 29.76
C LEU K 771 -28.04 29.80 30.59
N TYR K 772 -27.18 30.63 30.01
CA TYR K 772 -26.04 31.17 30.73
C TYR K 772 -26.41 32.41 31.55
N LYS K 773 -27.11 33.36 30.95
CA LYS K 773 -27.43 34.60 31.65
C LYS K 773 -28.32 34.35 32.85
N GLU K 774 -29.36 33.51 32.70
CA GLU K 774 -30.21 33.22 33.85
C GLU K 774 -29.41 32.54 34.95
N GLY K 775 -28.53 31.61 34.60
CA GLY K 775 -27.63 30.99 35.55
C GLY K 775 -27.92 29.56 35.91
N HIS K 776 -28.87 28.90 35.25
CA HIS K 776 -29.11 27.49 35.53
C HIS K 776 -27.90 26.64 35.17
N SER K 777 -27.26 26.95 34.04
CA SER K 777 -26.12 26.18 33.57
C SER K 777 -25.07 27.14 33.02
N LYS K 778 -23.93 27.21 33.70
CA LYS K 778 -22.74 27.85 33.18
C LYS K 778 -21.74 26.84 32.63
N GLY K 779 -22.15 25.56 32.54
CA GLY K 779 -21.26 24.50 32.17
C GLY K 779 -20.81 24.59 30.73
N PRO K 780 -19.75 23.86 30.39
CA PRO K 780 -19.22 23.93 29.01
C PRO K 780 -20.20 23.37 28.00
N PHE K 781 -20.23 23.98 26.82
CA PHE K 781 -21.09 23.55 25.73
C PHE K 781 -20.23 23.18 24.53
N LEU K 782 -20.33 21.93 24.10
CA LEU K 782 -19.65 21.47 22.89
C LEU K 782 -20.52 21.79 21.69
N VAL K 783 -19.94 22.44 20.68
CA VAL K 783 -20.63 22.72 19.44
C VAL K 783 -19.80 22.12 18.32
N SER K 784 -20.26 21.00 17.79
CA SER K 784 -19.65 20.38 16.62
C SER K 784 -20.41 20.81 15.38
N ALA K 785 -19.67 21.10 14.31
CA ALA K 785 -20.28 21.59 13.08
C ALA K 785 -19.34 21.32 11.93
N PRO K 786 -19.83 21.32 10.68
CA PRO K 786 -18.94 21.19 9.54
C PRO K 786 -17.86 22.25 9.56
N LEU K 787 -16.71 21.92 8.95
CA LEU K 787 -15.60 22.85 8.94
C LEU K 787 -15.98 24.17 8.29
N SER K 788 -16.64 24.11 7.13
CA SER K 788 -16.94 25.32 6.37
C SER K 788 -17.70 26.34 7.21
N THR K 789 -18.56 25.87 8.12
CA THR K 789 -19.41 26.75 8.90
C THR K 789 -18.85 27.10 10.26
N ILE K 790 -17.66 26.61 10.63
CA ILE K 790 -17.13 26.91 11.95
C ILE K 790 -16.99 28.42 12.13
N ILE K 791 -16.34 29.09 11.17
CA ILE K 791 -16.19 30.54 11.28
C ILE K 791 -17.54 31.23 11.14
N ASN K 792 -18.54 30.56 10.59
CA ASN K 792 -19.89 31.10 10.59
C ASN K 792 -20.56 30.93 11.95
N TRP K 793 -20.22 29.85 12.66
CA TRP K 793 -20.78 29.65 13.99
C TRP K 793 -20.24 30.66 14.98
N GLU K 794 -18.99 31.09 14.79
CA GLU K 794 -18.37 32.04 15.70
C GLU K 794 -18.81 33.48 15.44
N ARG K 795 -19.42 33.76 14.30
CA ARG K 795 -19.90 35.10 14.01
C ARG K 795 -21.28 35.37 14.58
N GLU K 796 -22.13 34.34 14.70
CA GLU K 796 -23.42 34.47 15.36
C GLU K 796 -23.36 34.12 16.84
N PHE K 797 -22.18 33.79 17.37
CA PHE K 797 -21.97 33.72 18.81
C PHE K 797 -21.46 35.03 19.37
N GLU K 798 -21.19 36.02 18.52
CA GLU K 798 -20.79 37.35 18.96
C GLU K 798 -21.92 38.36 18.83
N MET K 799 -22.68 38.32 17.73
CA MET K 799 -23.81 39.22 17.57
C MET K 799 -24.99 38.84 18.44
N TRP K 800 -25.14 37.54 18.76
CA TRP K 800 -26.30 37.06 19.49
C TRP K 800 -26.00 36.63 20.91
N ALA K 801 -24.75 36.33 21.24
CA ALA K 801 -24.34 35.99 22.61
C ALA K 801 -23.04 36.70 22.94
N PRO K 802 -23.07 38.02 23.08
CA PRO K 802 -21.82 38.74 23.40
C PRO K 802 -21.10 38.22 24.63
N ASP K 803 -21.80 38.14 25.76
CA ASP K 803 -21.18 37.77 27.03
C ASP K 803 -21.15 36.24 27.15
N MET K 804 -20.26 35.65 26.35
CA MET K 804 -19.97 34.23 26.44
C MET K 804 -18.62 33.98 25.81
N TYR K 805 -17.79 33.18 26.47
CA TYR K 805 -16.44 32.89 25.97
C TYR K 805 -16.53 31.67 25.05
N VAL K 806 -16.29 31.90 23.77
CA VAL K 806 -16.28 30.84 22.76
C VAL K 806 -14.85 30.69 22.27
N VAL K 807 -14.34 29.46 22.30
CA VAL K 807 -12.99 29.16 21.81
C VAL K 807 -13.14 28.18 20.65
N THR K 808 -12.56 28.54 19.51
CA THR K 808 -12.65 27.75 18.29
C THR K 808 -11.48 26.78 18.24
N TYR K 809 -11.77 25.50 18.48
CA TYR K 809 -10.74 24.46 18.54
C TYR K 809 -10.50 23.93 17.12
N VAL K 810 -9.71 24.68 16.35
CA VAL K 810 -9.33 24.29 15.00
C VAL K 810 -7.90 24.77 14.75
N GLY K 811 -7.27 24.19 13.74
CA GLY K 811 -5.95 24.58 13.31
C GLY K 811 -5.02 23.39 13.24
N ASP K 812 -3.73 23.68 13.12
CA ASP K 812 -2.72 22.64 13.06
C ASP K 812 -2.47 22.06 14.45
N LYS K 813 -1.63 21.02 14.50
CA LYS K 813 -1.36 20.34 15.75
CA LYS K 813 -1.36 20.34 15.75
C LYS K 813 -0.76 21.29 16.79
N ASP K 814 0.21 22.11 16.36
CA ASP K 814 0.83 23.05 17.28
C ASP K 814 -0.15 24.15 17.70
N SER K 815 -0.99 24.61 16.78
CA SER K 815 -1.98 25.61 17.14
C SER K 815 -2.94 25.07 18.20
N ARG K 816 -3.41 23.84 18.01
CA ARG K 816 -4.28 23.24 19.03
C ARG K 816 -3.53 22.97 20.32
N ALA K 817 -2.21 22.74 20.26
CA ALA K 817 -1.43 22.66 21.50
C ALA K 817 -1.48 23.99 22.24
N ILE K 818 -1.29 25.10 21.51
CA ILE K 818 -1.39 26.41 22.12
C ILE K 818 -2.76 26.59 22.76
N ILE K 819 -3.81 26.22 22.02
CA ILE K 819 -5.18 26.34 22.54
C ILE K 819 -5.31 25.56 23.84
N ARG K 820 -4.87 24.31 23.83
CA ARG K 820 -5.03 23.45 25.00
C ARG K 820 -4.31 24.04 26.21
N GLU K 821 -3.09 24.55 26.01
CA GLU K 821 -2.32 25.06 27.13
C GLU K 821 -2.91 26.35 27.67
N ASN K 822 -3.37 27.24 26.81
CA ASN K 822 -3.64 28.62 27.23
C ASN K 822 -5.12 29.00 27.25
N GLU K 823 -6.03 28.10 26.88
CA GLU K 823 -7.45 28.44 26.86
C GLU K 823 -8.36 27.43 27.55
N PHE K 824 -7.86 26.26 27.95
CA PHE K 824 -8.74 25.26 28.54
C PHE K 824 -8.90 25.42 30.05
N SER K 825 -7.89 25.91 30.75
CA SER K 825 -7.98 26.03 32.20
C SER K 825 -7.11 27.17 32.69
N PHE K 826 -7.58 27.84 33.74
CA PHE K 826 -6.84 28.96 34.33
C PHE K 826 -5.64 28.47 35.15
N GLU K 827 -5.80 27.40 35.91
CA GLU K 827 -4.69 26.88 36.70
C GLU K 827 -3.64 26.29 35.77
N ASP K 828 -2.37 26.51 36.10
CA ASP K 828 -1.29 26.05 35.25
C ASP K 828 -1.29 24.53 35.11
N ASN K 829 -1.73 23.82 36.14
CA ASN K 829 -1.76 22.36 36.11
C ASN K 829 -2.95 21.88 35.28
N ALA K 830 -3.10 20.56 35.20
CA ALA K 830 -4.18 19.85 34.52
C ALA K 830 -4.02 19.86 32.99
N ILE K 831 -3.03 20.55 32.44
CA ILE K 831 -2.96 20.76 30.99
C ILE K 831 -1.56 20.45 30.47
N ARG K 832 -0.84 19.56 31.13
CA ARG K 832 0.50 19.21 30.69
C ARG K 832 0.44 18.18 29.57
N GLY K 833 1.40 18.28 28.65
CA GLY K 833 1.38 17.51 27.40
C GLY K 833 1.59 18.45 26.23
N GLY K 834 2.51 18.08 25.35
CA GLY K 834 3.03 18.98 24.34
C GLY K 834 2.16 19.20 23.12
N LYS K 835 1.89 18.13 22.37
CA LYS K 835 1.28 18.24 21.05
C LYS K 835 -0.12 17.67 20.98
N LYS K 836 -0.35 16.44 21.43
CA LYS K 836 -1.69 15.88 21.36
C LYS K 836 -2.42 16.05 22.69
N ALA K 837 -3.73 15.91 22.64
CA ALA K 837 -4.57 16.09 23.81
C ALA K 837 -4.13 15.18 24.95
N SER K 838 -4.08 15.74 26.16
CA SER K 838 -3.96 14.98 27.39
C SER K 838 -5.10 15.38 28.30
N ARG K 839 -5.71 14.39 28.98
CA ARG K 839 -6.96 14.63 29.67
C ARG K 839 -6.78 15.63 30.80
N MET K 840 -7.70 16.59 30.86
CA MET K 840 -7.75 17.51 31.99
C MET K 840 -8.18 16.75 33.24
N LYS K 841 -7.45 16.94 34.33
CA LYS K 841 -7.79 16.26 35.57
C LYS K 841 -9.24 16.58 35.95
N LYS K 842 -9.97 15.55 36.37
CA LYS K 842 -11.41 15.70 36.58
C LYS K 842 -11.72 16.88 37.49
N GLU K 843 -10.90 17.08 38.52
CA GLU K 843 -11.15 18.15 39.49
C GLU K 843 -10.41 19.44 39.08
N ALA K 844 -10.76 19.92 37.89
CA ALA K 844 -10.17 21.14 37.35
C ALA K 844 -11.27 22.01 36.76
N SER K 845 -11.02 23.32 36.76
CA SER K 845 -11.93 24.29 36.16
C SER K 845 -11.65 24.44 34.67
N VAL K 846 -12.55 25.12 33.97
CA VAL K 846 -12.44 25.36 32.55
C VAL K 846 -12.72 26.83 32.27
N LYS K 847 -11.79 27.48 31.56
CA LYS K 847 -11.96 28.89 31.23
C LYS K 847 -13.17 29.11 30.32
N PHE K 848 -13.33 28.27 29.31
CA PHE K 848 -14.27 28.54 28.24
C PHE K 848 -15.69 28.12 28.61
N HIS K 849 -16.65 28.65 27.86
CA HIS K 849 -18.06 28.29 27.96
C HIS K 849 -18.56 27.52 26.77
N VAL K 850 -18.10 27.86 25.57
CA VAL K 850 -18.44 27.16 24.33
C VAL K 850 -17.15 26.74 23.66
N LEU K 851 -17.05 25.45 23.33
CA LEU K 851 -15.94 24.93 22.54
C LEU K 851 -16.47 24.59 21.15
N LEU K 852 -15.97 25.30 20.14
CA LEU K 852 -16.35 25.09 18.75
C LEU K 852 -15.35 24.13 18.11
N THR K 853 -15.84 23.00 17.62
CA THR K 853 -14.95 22.00 17.03
C THR K 853 -15.56 21.48 15.73
N SER K 854 -14.69 21.02 14.84
CA SER K 854 -15.14 20.36 13.62
C SER K 854 -15.44 18.89 13.92
N TYR K 855 -16.00 18.21 12.91
CA TYR K 855 -16.36 16.81 13.09
C TYR K 855 -15.14 15.95 13.34
N GLU K 856 -14.03 16.23 12.64
CA GLU K 856 -12.87 15.35 12.70
C GLU K 856 -12.16 15.43 14.05
N LEU K 857 -12.09 16.63 14.63
CA LEU K 857 -11.37 16.81 15.89
C LEU K 857 -12.11 16.22 17.08
N ILE K 858 -13.37 15.80 16.90
CA ILE K 858 -14.04 15.03 17.95
C ILE K 858 -13.33 13.70 18.16
N THR K 859 -13.03 13.00 17.07
CA THR K 859 -12.34 11.72 17.16
C THR K 859 -10.83 11.91 17.32
N ILE K 860 -10.26 12.87 16.60
CA ILE K 860 -8.80 13.03 16.60
C ILE K 860 -8.31 13.48 17.97
N ASP K 861 -9.16 14.14 18.76
CA ASP K 861 -8.82 14.63 20.09
C ASP K 861 -9.82 14.10 21.11
N MET K 862 -10.09 12.80 21.07
CA MET K 862 -11.03 12.18 22.01
C MET K 862 -10.49 12.12 23.43
N ALA K 863 -9.31 12.67 23.75
CA ALA K 863 -8.76 12.57 25.10
C ALA K 863 -9.16 13.77 25.96
N ILE K 864 -8.74 14.96 25.55
CA ILE K 864 -9.03 16.16 26.35
C ILE K 864 -10.52 16.51 26.24
N LEU K 865 -11.07 16.44 25.03
CA LEU K 865 -12.48 16.83 24.83
C LEU K 865 -13.41 15.93 25.62
N GLY K 866 -13.12 14.62 25.67
CA GLY K 866 -14.01 13.70 26.36
C GLY K 866 -14.08 13.94 27.86
N SER K 867 -12.98 14.40 28.46
CA SER K 867 -12.88 14.52 29.91
C SER K 867 -13.41 15.85 30.45
N ILE K 868 -13.95 16.72 29.59
CA ILE K 868 -14.33 18.06 30.03
C ILE K 868 -15.64 18.08 30.82
N ASP K 869 -16.35 16.96 30.88
CA ASP K 869 -17.64 16.90 31.58
C ASP K 869 -18.62 17.92 30.97
N TRP K 870 -18.95 17.64 29.70
CA TRP K 870 -19.70 18.58 28.89
C TRP K 870 -21.12 18.75 29.41
N ALA K 871 -21.58 20.00 29.49
CA ALA K 871 -22.94 20.27 29.92
C ALA K 871 -23.95 19.98 28.82
N CYS K 872 -23.59 20.23 27.57
CA CYS K 872 -24.49 20.02 26.45
C CYS K 872 -23.69 19.77 25.18
N LEU K 873 -24.22 18.91 24.32
CA LEU K 873 -23.67 18.66 22.99
C LEU K 873 -24.62 19.22 21.96
N ILE K 874 -24.08 19.97 21.00
CA ILE K 874 -24.86 20.55 19.91
C ILE K 874 -24.13 20.17 18.63
N VAL K 875 -24.64 19.16 17.94
CA VAL K 875 -24.07 18.72 16.66
C VAL K 875 -24.93 19.30 15.55
N ASP K 876 -24.32 20.11 14.70
CA ASP K 876 -25.02 20.74 13.59
C ASP K 876 -24.88 19.85 12.36
N GLU K 877 -25.89 19.88 11.51
CA GLU K 877 -25.98 18.98 10.36
C GLU K 877 -25.81 17.53 10.83
N ALA K 878 -26.77 17.10 11.64
CA ALA K 878 -26.70 15.81 12.33
C ALA K 878 -27.03 14.63 11.43
N HIS K 879 -27.06 14.82 10.11
CA HIS K 879 -27.23 13.66 9.22
C HIS K 879 -26.11 12.66 9.42
N ARG K 880 -24.92 13.14 9.81
CA ARG K 880 -23.77 12.25 9.93
C ARG K 880 -24.05 11.12 10.92
N LEU K 881 -24.79 11.42 12.00
CA LEU K 881 -25.08 10.43 13.03
C LEU K 881 -26.25 9.56 12.61
N LYS K 882 -26.10 8.93 11.45
CA LYS K 882 -27.09 8.01 10.93
C LYS K 882 -26.59 6.58 10.84
N ASN K 883 -25.30 6.35 11.08
CA ASN K 883 -24.72 5.01 11.14
C ASN K 883 -24.02 4.88 12.48
N ASN K 884 -24.40 3.86 13.26
CA ASN K 884 -23.85 3.69 14.60
C ASN K 884 -22.51 2.97 14.60
N GLN K 885 -22.05 2.47 13.45
CA GLN K 885 -20.72 1.91 13.35
C GLN K 885 -19.68 2.95 12.95
N SER K 886 -20.11 4.14 12.57
CA SER K 886 -19.17 5.23 12.27
C SER K 886 -18.50 5.69 13.56
N LYS K 887 -17.19 5.94 13.48
CA LYS K 887 -16.45 6.30 14.68
C LYS K 887 -16.89 7.64 15.27
N PHE K 888 -17.50 8.51 14.47
CA PHE K 888 -18.05 9.75 15.02
C PHE K 888 -19.16 9.44 16.00
N PHE K 889 -20.14 8.63 15.56
CA PHE K 889 -21.20 8.14 16.42
C PHE K 889 -20.62 7.43 17.64
N ARG K 890 -19.75 6.45 17.42
CA ARG K 890 -19.25 5.60 18.50
C ARG K 890 -18.44 6.41 19.50
N VAL K 891 -17.73 7.43 19.05
CA VAL K 891 -16.93 8.24 19.95
C VAL K 891 -17.80 9.17 20.77
N LEU K 892 -18.81 9.79 20.16
CA LEU K 892 -19.68 10.64 20.96
C LEU K 892 -20.60 9.86 21.89
N ASN K 893 -20.75 8.56 21.69
CA ASN K 893 -21.53 7.77 22.64
C ASN K 893 -20.80 7.62 23.97
N GLY K 894 -19.47 7.69 23.95
CA GLY K 894 -18.68 7.60 25.16
C GLY K 894 -18.47 8.91 25.90
N TYR K 895 -18.81 10.03 25.28
CA TYR K 895 -18.63 11.32 25.94
C TYR K 895 -19.56 11.43 27.15
N SER K 896 -19.08 12.12 28.18
CA SER K 896 -19.84 12.33 29.41
C SER K 896 -20.70 13.59 29.24
N LEU K 897 -21.76 13.44 28.45
CA LEU K 897 -22.66 14.54 28.15
C LEU K 897 -23.80 14.59 29.16
N GLN K 898 -24.63 15.63 29.06
CA GLN K 898 -25.80 15.78 29.91
C GLN K 898 -27.07 16.13 29.17
N HIS K 899 -26.98 16.63 27.94
CA HIS K 899 -28.17 16.98 27.15
C HIS K 899 -27.75 17.08 25.69
N LYS K 900 -28.41 16.32 24.83
CA LYS K 900 -28.10 16.30 23.41
C LYS K 900 -29.09 17.18 22.66
N LEU K 901 -28.57 18.07 21.81
CA LEU K 901 -29.39 18.88 20.93
C LEU K 901 -28.85 18.70 19.51
N LEU K 902 -29.73 18.31 18.59
CA LEU K 902 -29.33 17.93 17.24
C LEU K 902 -29.97 18.90 16.25
N LEU K 903 -29.14 19.56 15.45
CA LEU K 903 -29.60 20.48 14.41
C LEU K 903 -29.45 19.78 13.07
N THR K 904 -30.57 19.53 12.40
CA THR K 904 -30.56 18.81 11.14
C THR K 904 -31.70 19.30 10.26
N GLY K 905 -31.36 19.80 9.07
CA GLY K 905 -32.39 20.30 8.17
C GLY K 905 -33.25 19.19 7.60
N THR K 906 -32.63 18.07 7.25
CA THR K 906 -33.33 16.94 6.61
C THR K 906 -33.08 15.69 7.45
N PRO K 907 -33.92 15.43 8.46
CA PRO K 907 -33.69 14.26 9.32
C PRO K 907 -34.08 12.95 8.68
N LEU K 908 -34.93 12.95 7.65
CA LEU K 908 -35.33 11.74 6.95
C LEU K 908 -34.33 11.51 5.82
N GLN K 909 -33.36 10.63 6.06
CA GLN K 909 -32.31 10.35 5.09
C GLN K 909 -32.74 9.17 4.20
N ASN K 910 -31.79 8.62 3.44
CA ASN K 910 -32.09 7.64 2.40
C ASN K 910 -33.12 6.61 2.85
N ASN K 911 -32.94 6.05 4.04
CA ASN K 911 -33.77 4.96 4.52
C ASN K 911 -34.45 5.36 5.83
N LEU K 912 -35.16 4.41 6.43
CA LEU K 912 -35.75 4.60 7.75
C LEU K 912 -34.88 4.02 8.86
N GLU K 913 -34.02 3.05 8.56
CA GLU K 913 -33.09 2.54 9.55
C GLU K 913 -32.08 3.60 9.97
N GLU K 914 -31.63 4.41 9.01
CA GLU K 914 -30.74 5.52 9.34
C GLU K 914 -31.43 6.52 10.26
N LEU K 915 -32.70 6.82 9.95
CA LEU K 915 -33.50 7.65 10.85
C LEU K 915 -33.57 7.04 12.25
N PHE K 916 -33.83 5.74 12.33
CA PHE K 916 -33.86 5.07 13.62
C PHE K 916 -32.54 5.28 14.35
N HIS K 917 -31.42 5.12 13.65
CA HIS K 917 -30.13 5.25 14.29
C HIS K 917 -29.91 6.68 14.78
N LEU K 918 -30.46 7.66 14.06
CA LEU K 918 -30.38 9.04 14.52
C LEU K 918 -31.09 9.22 15.86
N LEU K 919 -32.36 8.77 15.95
CA LEU K 919 -33.02 8.88 17.24
C LEU K 919 -32.34 8.02 18.30
N ASN K 920 -31.73 6.91 17.89
CA ASN K 920 -30.97 6.10 18.83
C ASN K 920 -29.84 6.90 19.44
N PHE K 921 -29.17 7.72 18.63
CA PHE K 921 -28.21 8.66 19.18
C PHE K 921 -28.90 9.61 20.15
N LEU K 922 -30.06 10.14 19.76
CA LEU K 922 -30.78 11.06 20.64
C LEU K 922 -31.07 10.43 22.00
N THR K 923 -31.91 9.39 22.00
CA THR K 923 -32.42 8.80 23.24
C THR K 923 -32.12 7.30 23.25
N PRO K 924 -31.02 6.87 23.87
CA PRO K 924 -30.66 5.45 23.80
C PRO K 924 -31.71 4.53 24.42
N GLU K 925 -32.43 4.98 25.44
CA GLU K 925 -33.34 4.10 26.16
C GLU K 925 -34.66 3.92 25.42
N ARG K 926 -35.37 5.03 25.15
CA ARG K 926 -36.70 4.93 24.58
C ARG K 926 -36.66 4.23 23.22
N PHE K 927 -35.69 4.59 22.37
CA PHE K 927 -35.47 3.90 21.10
C PHE K 927 -34.25 3.00 21.25
N HIS K 928 -34.47 1.68 21.25
CA HIS K 928 -33.39 0.73 21.48
C HIS K 928 -33.40 -0.47 20.55
N ASN K 929 -34.48 -0.73 19.80
CA ASN K 929 -34.56 -1.92 18.95
C ASN K 929 -35.00 -1.52 17.55
N LEU K 930 -34.23 -1.94 16.54
CA LEU K 930 -34.66 -1.75 15.16
C LEU K 930 -35.86 -2.64 14.85
N GLU K 931 -35.85 -3.88 15.34
CA GLU K 931 -36.98 -4.78 15.11
C GLU K 931 -38.27 -4.20 15.67
N GLY K 932 -38.17 -3.35 16.69
CA GLY K 932 -39.35 -2.63 17.16
C GLY K 932 -39.80 -1.53 16.22
N PHE K 933 -38.92 -1.07 15.32
CA PHE K 933 -39.28 -0.09 14.31
C PHE K 933 -39.89 -0.71 13.07
N LEU K 934 -39.88 -2.03 12.95
CA LEU K 934 -40.51 -2.74 11.85
C LEU K 934 -41.89 -3.29 12.21
N GLU K 935 -42.33 -3.10 13.47
CA GLU K 935 -43.66 -3.49 13.90
C GLU K 935 -44.61 -2.29 13.92
N GLU K 936 -44.19 -1.19 14.53
CA GLU K 936 -44.85 0.11 14.37
C GLU K 936 -44.24 0.92 13.23
N PHE K 937 -43.67 0.24 12.23
CA PHE K 937 -42.95 0.92 11.17
C PHE K 937 -43.88 1.84 10.38
N ALA K 938 -43.27 2.83 9.74
CA ALA K 938 -44.02 3.72 8.86
C ALA K 938 -44.52 2.97 7.63
N ASP K 939 -45.50 3.56 6.96
CA ASP K 939 -46.17 3.07 5.75
C ASP K 939 -47.18 1.98 6.08
N ILE K 940 -47.31 1.56 7.33
CA ILE K 940 -48.39 0.66 7.75
C ILE K 940 -49.54 1.52 8.22
N ALA K 941 -50.68 1.45 7.52
CA ALA K 941 -51.82 2.33 7.78
C ALA K 941 -51.40 3.80 7.65
N LYS K 942 -51.04 4.15 6.42
CA LYS K 942 -50.40 5.44 6.15
C LYS K 942 -51.15 6.59 6.80
N GLU K 943 -52.48 6.64 6.62
CA GLU K 943 -53.27 7.70 7.22
C GLU K 943 -53.02 7.78 8.71
N ASP K 944 -53.00 6.64 9.39
CA ASP K 944 -52.62 6.59 10.80
C ASP K 944 -51.13 6.39 11.00
N GLN K 945 -50.41 5.97 9.96
CA GLN K 945 -48.97 5.80 10.07
C GLN K 945 -48.29 7.13 10.33
N ILE K 946 -48.70 8.19 9.62
CA ILE K 946 -48.11 9.50 9.84
C ILE K 946 -48.44 10.01 11.23
N LYS K 947 -49.66 9.79 11.70
CA LYS K 947 -50.03 10.23 13.03
C LYS K 947 -49.21 9.52 14.11
N LYS K 948 -49.09 8.19 14.00
CA LYS K 948 -48.30 7.46 14.98
C LYS K 948 -46.81 7.74 14.85
N LEU K 949 -46.35 8.20 13.68
CA LEU K 949 -44.97 8.63 13.56
C LEU K 949 -44.76 9.98 14.26
N HIS K 950 -45.68 10.91 14.05
CA HIS K 950 -45.64 12.16 14.80
C HIS K 950 -45.68 11.89 16.30
N ASP K 951 -46.39 10.84 16.71
CA ASP K 951 -46.29 10.39 18.10
C ASP K 951 -44.90 9.84 18.40
N MET K 952 -44.31 9.12 17.44
CA MET K 952 -42.95 8.62 17.63
C MET K 952 -41.97 9.77 17.79
N LEU K 953 -42.11 10.82 16.99
CA LEU K 953 -41.35 12.06 17.16
C LEU K 953 -42.34 13.18 17.43
N GLY K 954 -42.83 13.22 18.67
CA GLY K 954 -43.65 14.33 19.11
C GLY K 954 -42.93 15.28 20.06
N PRO K 955 -42.37 14.73 21.15
CA PRO K 955 -41.68 15.60 22.11
C PRO K 955 -40.25 15.93 21.71
N HIS K 956 -39.57 14.97 21.09
CA HIS K 956 -38.14 15.13 20.81
C HIS K 956 -37.88 16.10 19.67
N MET K 957 -38.66 16.01 18.59
CA MET K 957 -38.38 16.75 17.37
C MET K 957 -39.42 17.82 17.13
N LEU K 958 -38.94 19.01 16.77
CA LEU K 958 -39.77 20.13 16.35
C LEU K 958 -39.31 20.52 14.94
N ARG K 959 -40.28 20.72 14.05
CA ARG K 959 -39.97 21.09 12.67
C ARG K 959 -40.89 22.20 12.21
N ARG K 960 -40.36 23.10 11.39
CA ARG K 960 -41.12 24.20 10.80
C ARG K 960 -40.70 24.37 9.35
N LEU K 961 -41.68 24.68 8.49
CA LEU K 961 -41.44 24.84 7.07
C LEU K 961 -41.36 26.32 6.72
N LYS K 962 -40.92 26.59 5.49
CA LYS K 962 -40.81 27.97 5.03
C LYS K 962 -42.17 28.56 4.70
N ALA K 963 -43.09 27.75 4.17
CA ALA K 963 -44.35 28.28 3.67
C ALA K 963 -45.18 28.91 4.78
N ASP K 964 -45.31 28.23 5.92
CA ASP K 964 -46.19 28.65 6.98
C ASP K 964 -45.53 29.59 7.97
N VAL K 965 -44.29 30.00 7.72
CA VAL K 965 -43.55 30.87 8.62
C VAL K 965 -43.26 32.19 7.93
N PHE K 966 -43.05 32.14 6.61
CA PHE K 966 -42.69 33.30 5.79
C PHE K 966 -43.64 33.33 4.59
N LYS K 967 -44.76 34.04 4.75
CA LYS K 967 -45.77 34.07 3.68
C LYS K 967 -45.22 34.77 2.45
N ASN K 968 -44.61 35.95 2.63
CA ASN K 968 -44.10 36.74 1.51
C ASN K 968 -42.60 36.51 1.35
N MET K 969 -42.27 35.30 0.90
CA MET K 969 -40.89 34.92 0.59
C MET K 969 -40.79 34.49 -0.85
N PRO K 970 -39.66 34.73 -1.51
CA PRO K 970 -39.52 34.30 -2.91
C PRO K 970 -39.67 32.79 -3.03
N SER K 971 -40.29 32.37 -4.14
CA SER K 971 -40.58 30.96 -4.35
C SER K 971 -39.35 30.23 -4.90
N LYS K 972 -39.43 28.90 -4.88
CA LYS K 972 -38.36 28.03 -5.34
C LYS K 972 -38.92 27.13 -6.44
N THR K 973 -38.19 27.02 -7.55
CA THR K 973 -38.58 26.19 -8.67
C THR K 973 -37.52 25.14 -8.94
N GLU K 974 -37.94 24.06 -9.60
CA GLU K 974 -37.08 22.91 -9.91
C GLU K 974 -37.23 22.57 -11.39
N LEU K 975 -36.35 23.13 -12.21
CA LEU K 975 -36.30 22.80 -13.62
C LEU K 975 -35.23 21.74 -13.89
N ILE K 976 -35.53 20.85 -14.84
CA ILE K 976 -34.58 19.83 -15.28
C ILE K 976 -34.26 20.12 -16.73
N VAL K 977 -33.03 20.56 -16.99
CA VAL K 977 -32.59 20.93 -18.33
C VAL K 977 -31.98 19.70 -18.96
N ARG K 978 -32.75 19.00 -19.79
CA ARG K 978 -32.23 17.84 -20.50
C ARG K 978 -31.18 18.26 -21.52
N VAL K 979 -30.15 17.43 -21.67
CA VAL K 979 -29.06 17.69 -22.59
C VAL K 979 -28.86 16.46 -23.48
N GLU K 980 -28.20 16.69 -24.60
CA GLU K 980 -27.92 15.63 -25.58
C GLU K 980 -26.42 15.42 -25.67
N LEU K 981 -26.00 14.16 -25.67
CA LEU K 981 -24.58 13.83 -25.67
C LEU K 981 -23.89 14.39 -26.91
N SER K 982 -22.68 14.93 -26.72
CA SER K 982 -21.87 15.32 -27.85
C SER K 982 -21.30 14.09 -28.55
N PRO K 983 -21.07 14.16 -29.86
CA PRO K 983 -20.53 12.97 -30.57
C PRO K 983 -19.26 12.42 -29.96
N MET K 984 -18.33 13.31 -29.55
CA MET K 984 -17.13 12.83 -28.90
C MET K 984 -17.43 12.28 -27.51
N GLN K 985 -18.54 12.67 -26.91
CA GLN K 985 -19.01 12.05 -25.68
C GLN K 985 -19.69 10.71 -25.95
N LYS K 986 -20.44 10.61 -27.05
CA LYS K 986 -21.04 9.33 -27.41
C LYS K 986 -19.98 8.29 -27.70
N LYS K 987 -18.86 8.69 -28.33
CA LYS K 987 -17.83 7.72 -28.66
C LYS K 987 -17.25 7.08 -27.41
N TYR K 988 -16.95 7.89 -26.39
CA TYR K 988 -16.43 7.32 -25.15
C TYR K 988 -17.51 6.57 -24.37
N TYR K 989 -18.77 7.00 -24.47
CA TYR K 989 -19.84 6.21 -23.87
C TYR K 989 -19.89 4.82 -24.49
N LYS K 990 -19.76 4.73 -25.81
CA LYS K 990 -19.72 3.44 -26.49
C LYS K 990 -18.51 2.64 -26.05
N TYR K 991 -17.34 3.27 -25.97
CA TYR K 991 -16.16 2.56 -25.50
C TYR K 991 -16.39 1.95 -24.14
N ILE K 992 -16.98 2.72 -23.21
CA ILE K 992 -17.21 2.21 -21.87
C ILE K 992 -18.20 1.05 -21.90
N LEU K 993 -19.30 1.20 -22.65
CA LEU K 993 -20.33 0.17 -22.63
C LEU K 993 -19.87 -1.12 -23.30
N THR K 994 -19.03 -1.04 -24.32
CA THR K 994 -18.48 -2.21 -24.98
C THR K 994 -17.13 -2.62 -24.41
N ARG K 995 -16.67 -1.95 -23.34
CA ARG K 995 -15.47 -2.36 -22.61
C ARG K 995 -14.26 -2.39 -23.53
N ASN K 996 -14.06 -1.30 -24.28
CA ASN K 996 -12.91 -1.17 -25.18
C ASN K 996 -11.77 -0.56 -24.38
N PHE K 997 -11.05 -1.44 -23.68
CA PHE K 997 -9.97 -0.99 -22.81
C PHE K 997 -8.85 -0.31 -23.60
N GLU K 998 -8.48 -0.86 -24.75
CA GLU K 998 -7.31 -0.37 -25.47
C GLU K 998 -7.47 1.10 -25.84
N ALA K 999 -8.66 1.51 -26.28
CA ALA K 999 -8.89 2.91 -26.61
C ALA K 999 -9.03 3.78 -25.36
N LEU K 1000 -9.58 3.22 -24.27
CA LEU K 1000 -9.83 4.00 -23.06
C LEU K 1000 -8.57 4.23 -22.24
N ASN K 1001 -7.45 3.61 -22.59
CA ASN K 1001 -6.17 3.83 -21.92
C ASN K 1001 -5.17 4.41 -22.93
N ALA K 1002 -4.42 5.42 -22.48
CA ALA K 1002 -3.50 6.16 -23.34
C ALA K 1002 -2.10 5.59 -23.36
N ARG K 1003 -1.87 4.43 -22.75
CA ARG K 1003 -0.55 3.83 -22.62
C ARG K 1003 0.38 4.69 -21.76
N GLY K 1004 -0.18 5.51 -20.88
CA GLY K 1004 0.60 6.27 -19.93
C GLY K 1004 0.77 5.51 -18.63
N GLY K 1005 0.52 4.21 -18.67
CA GLY K 1005 0.49 3.38 -17.49
C GLY K 1005 -0.89 2.81 -17.27
N GLY K 1006 -0.99 1.48 -17.23
CA GLY K 1006 -2.28 0.82 -17.21
C GLY K 1006 -3.23 1.36 -16.15
N ASN K 1007 -4.52 1.08 -16.33
CA ASN K 1007 -5.56 1.43 -15.36
C ASN K 1007 -5.71 2.93 -15.16
N GLN K 1008 -5.28 3.74 -16.12
CA GLN K 1008 -5.77 5.11 -16.14
C GLN K 1008 -7.29 5.11 -16.13
N VAL K 1009 -7.89 4.12 -16.79
CA VAL K 1009 -9.32 3.87 -16.71
C VAL K 1009 -9.55 2.36 -16.65
N SER K 1010 -9.83 1.84 -15.46
CA SER K 1010 -10.19 0.44 -15.28
C SER K 1010 -11.69 0.37 -15.02
N LEU K 1011 -12.41 -0.34 -15.88
CA LEU K 1011 -13.87 -0.36 -15.81
C LEU K 1011 -14.36 -1.41 -14.81
N LEU K 1012 -13.81 -1.38 -13.59
CA LEU K 1012 -14.38 -2.20 -12.52
C LEU K 1012 -15.66 -1.59 -11.98
N ASN K 1013 -15.74 -0.26 -11.95
CA ASN K 1013 -16.95 0.47 -11.60
C ASN K 1013 -17.40 1.24 -12.84
N VAL K 1014 -18.51 0.81 -13.44
CA VAL K 1014 -18.95 1.37 -14.71
C VAL K 1014 -19.96 2.48 -14.47
N VAL K 1015 -20.77 2.34 -13.42
CA VAL K 1015 -21.77 3.36 -13.11
C VAL K 1015 -21.15 4.69 -12.74
N MET K 1016 -19.83 4.71 -12.50
CA MET K 1016 -19.10 5.95 -12.20
C MET K 1016 -18.38 6.48 -13.43
N ASP K 1017 -17.77 5.59 -14.22
CA ASP K 1017 -17.13 6.01 -15.46
C ASP K 1017 -18.13 6.54 -16.46
N LEU K 1018 -19.34 5.98 -16.49
CA LEU K 1018 -20.36 6.49 -17.40
C LEU K 1018 -20.73 7.92 -17.06
N LYS K 1019 -20.86 8.24 -15.76
CA LYS K 1019 -21.19 9.61 -15.39
C LYS K 1019 -19.99 10.54 -15.59
N LYS K 1020 -18.77 10.04 -15.41
CA LYS K 1020 -17.60 10.84 -15.76
C LYS K 1020 -17.62 11.20 -17.24
N CYS K 1021 -17.94 10.24 -18.10
CA CYS K 1021 -18.06 10.53 -19.52
C CYS K 1021 -19.19 11.52 -19.78
N CYS K 1022 -20.32 11.36 -19.08
CA CYS K 1022 -21.45 12.25 -19.27
C CYS K 1022 -21.07 13.69 -18.98
N ASN K 1023 -20.35 13.92 -17.87
CA ASN K 1023 -19.99 15.29 -17.51
C ASN K 1023 -19.02 15.89 -18.53
N HIS K 1024 -17.93 15.18 -18.83
CA HIS K 1024 -16.98 15.69 -19.81
C HIS K 1024 -15.98 14.60 -20.18
N PRO K 1025 -15.66 14.42 -21.47
CA PRO K 1025 -14.70 13.37 -21.84
C PRO K 1025 -13.29 13.59 -21.31
N TYR K 1026 -12.86 14.83 -21.12
CA TYR K 1026 -11.49 15.08 -20.67
C TYR K 1026 -11.25 14.59 -19.25
N LEU K 1027 -12.29 14.22 -18.51
CA LEU K 1027 -12.06 13.57 -17.22
C LEU K 1027 -11.30 12.28 -17.38
N PHE K 1028 -11.31 11.68 -18.59
CA PHE K 1028 -10.47 10.54 -18.92
C PHE K 1028 -9.15 11.05 -19.47
N PRO K 1029 -8.00 10.58 -18.98
CA PRO K 1029 -6.72 11.13 -19.45
C PRO K 1029 -6.45 10.90 -20.93
N VAL K 1030 -7.09 9.92 -21.55
CA VAL K 1030 -6.90 9.72 -22.99
C VAL K 1030 -7.37 10.94 -23.76
N ALA K 1031 -8.56 11.44 -23.42
CA ALA K 1031 -9.08 12.62 -24.10
C ALA K 1031 -8.26 13.86 -23.77
N ALA K 1032 -7.65 13.91 -22.58
CA ALA K 1032 -6.78 15.02 -22.25
C ALA K 1032 -5.49 14.99 -23.04
N MET K 1033 -4.98 13.79 -23.33
CA MET K 1033 -3.75 13.67 -24.12
C MET K 1033 -3.95 14.24 -25.51
N GLU K 1034 -5.08 13.95 -26.14
CA GLU K 1034 -5.36 14.41 -27.49
C GLU K 1034 -6.07 15.77 -27.52
N ALA K 1035 -6.33 16.36 -26.37
CA ALA K 1035 -7.05 17.63 -26.36
C ALA K 1035 -6.24 18.69 -27.09
N PRO K 1036 -6.89 19.56 -27.88
CA PRO K 1036 -6.16 20.69 -28.48
C PRO K 1036 -5.78 21.71 -27.43
N LYS K 1037 -4.50 21.81 -27.11
CA LYS K 1037 -4.01 22.67 -26.04
C LYS K 1037 -3.26 23.86 -26.64
N MET K 1038 -3.77 25.05 -26.35
CA MET K 1038 -3.14 26.27 -26.81
C MET K 1038 -1.85 26.51 -26.04
N PRO K 1039 -1.02 27.44 -26.49
CA PRO K 1039 0.24 27.71 -25.78
C PRO K 1039 -0.01 28.09 -24.32
N ASN K 1040 0.92 27.69 -23.47
CA ASN K 1040 0.85 27.72 -22.00
C ASN K 1040 0.03 26.52 -21.53
N GLY K 1041 -0.39 25.64 -22.42
CA GLY K 1041 -1.00 24.38 -22.00
C GLY K 1041 -2.27 24.53 -21.21
N MET K 1042 -3.13 25.47 -21.61
CA MET K 1042 -4.47 25.58 -21.06
C MET K 1042 -5.46 25.09 -22.12
N TYR K 1043 -6.36 24.19 -21.73
CA TYR K 1043 -7.26 23.56 -22.69
C TYR K 1043 -7.92 24.59 -23.58
N ASP K 1044 -7.86 24.35 -24.90
CA ASP K 1044 -8.48 25.26 -25.85
C ASP K 1044 -9.95 25.43 -25.50
N GLY K 1045 -10.40 26.68 -25.44
CA GLY K 1045 -11.76 26.94 -25.00
C GLY K 1045 -12.79 26.35 -25.93
N SER K 1046 -12.61 26.52 -27.23
CA SER K 1046 -13.59 26.00 -28.18
C SER K 1046 -13.73 24.50 -28.06
N ALA K 1047 -12.61 23.79 -27.97
CA ALA K 1047 -12.67 22.34 -27.79
C ALA K 1047 -13.31 21.98 -26.46
N LEU K 1048 -13.01 22.74 -25.41
CA LEU K 1048 -13.59 22.46 -24.10
C LEU K 1048 -15.11 22.56 -24.13
N ILE K 1049 -15.64 23.61 -24.78
CA ILE K 1049 -17.10 23.82 -24.81
C ILE K 1049 -17.79 23.00 -25.90
N ARG K 1050 -17.04 22.47 -26.86
CA ARG K 1050 -17.63 21.65 -27.92
C ARG K 1050 -17.49 20.16 -27.68
N ALA K 1051 -16.78 19.76 -26.62
CA ALA K 1051 -16.60 18.34 -26.32
C ALA K 1051 -17.65 17.79 -25.38
N SER K 1052 -18.52 18.63 -24.82
CA SER K 1052 -19.55 18.21 -23.89
C SER K 1052 -20.87 18.87 -24.25
N GLY K 1053 -21.96 18.12 -24.05
CA GLY K 1053 -23.28 18.67 -24.26
C GLY K 1053 -23.81 19.52 -23.13
N LYS K 1054 -23.14 19.50 -21.98
CA LYS K 1054 -23.54 20.30 -20.84
C LYS K 1054 -22.81 21.64 -20.79
N LEU K 1055 -21.51 21.67 -21.11
CA LEU K 1055 -20.79 22.93 -21.10
C LEU K 1055 -21.33 23.88 -22.16
N LEU K 1056 -21.69 23.36 -23.34
CA LEU K 1056 -22.20 24.23 -24.40
C LEU K 1056 -23.50 24.90 -23.98
N LEU K 1057 -24.43 24.12 -23.43
CA LEU K 1057 -25.69 24.69 -22.99
C LEU K 1057 -25.50 25.59 -21.77
N LEU K 1058 -24.52 25.28 -20.92
CA LEU K 1058 -24.20 26.18 -19.80
C LEU K 1058 -23.71 27.51 -20.32
N GLN K 1059 -22.86 27.49 -21.36
CA GLN K 1059 -22.42 28.74 -21.98
C GLN K 1059 -23.59 29.52 -22.52
N LYS K 1060 -24.47 28.85 -23.28
CA LYS K 1060 -25.63 29.54 -23.85
C LYS K 1060 -26.48 30.15 -22.75
N MET K 1061 -26.65 29.44 -21.63
CA MET K 1061 -27.49 29.92 -20.55
C MET K 1061 -26.84 31.10 -19.83
N LEU K 1062 -25.55 30.99 -19.52
CA LEU K 1062 -24.88 32.03 -18.74
C LEU K 1062 -24.70 33.31 -19.54
N LYS K 1063 -24.49 33.19 -20.86
CA LYS K 1063 -24.37 34.38 -21.70
C LYS K 1063 -25.68 35.16 -21.75
N ASN K 1064 -26.79 34.58 -21.30
CA ASN K 1064 -28.04 35.29 -21.13
C ASN K 1064 -28.31 35.69 -19.69
N LEU K 1065 -27.92 34.85 -18.73
CA LEU K 1065 -28.13 35.19 -17.32
C LEU K 1065 -27.31 36.40 -16.91
N LYS K 1066 -26.07 36.52 -17.40
CA LYS K 1066 -25.28 37.69 -17.06
C LYS K 1066 -25.94 38.96 -17.58
N GLU K 1067 -26.46 38.92 -18.80
CA GLU K 1067 -27.21 40.06 -19.34
C GLU K 1067 -28.44 40.34 -18.48
N GLY K 1068 -29.12 39.30 -18.01
CA GLY K 1068 -30.28 39.49 -17.18
C GLY K 1068 -29.98 40.06 -15.81
N GLY K 1069 -28.71 39.99 -15.38
CA GLY K 1069 -28.32 40.52 -14.09
C GLY K 1069 -28.51 39.53 -12.95
N HIS K 1070 -27.95 38.34 -13.11
CA HIS K 1070 -28.09 37.26 -12.13
C HIS K 1070 -26.72 36.76 -11.71
N ARG K 1071 -26.71 35.98 -10.63
CA ARG K 1071 -25.51 35.31 -10.15
C ARG K 1071 -25.83 33.85 -9.89
N VAL K 1072 -24.90 32.96 -10.24
CA VAL K 1072 -25.16 31.54 -10.26
C VAL K 1072 -24.20 30.82 -9.33
N LEU K 1073 -24.70 29.77 -8.68
CA LEU K 1073 -23.90 28.84 -7.91
C LEU K 1073 -23.98 27.48 -8.59
N ILE K 1074 -22.84 26.95 -9.01
CA ILE K 1074 -22.77 25.72 -9.80
C ILE K 1074 -22.21 24.61 -8.92
N PHE K 1075 -23.02 23.58 -8.68
CA PHE K 1075 -22.62 22.45 -7.86
C PHE K 1075 -22.19 21.27 -8.73
N SER K 1076 -21.07 20.66 -8.37
CA SER K 1076 -20.61 19.44 -9.01
C SER K 1076 -19.98 18.53 -7.95
N GLN K 1077 -20.28 17.24 -8.04
CA GLN K 1077 -19.77 16.30 -7.05
C GLN K 1077 -18.25 16.16 -7.15
N MET K 1078 -17.74 15.90 -8.34
CA MET K 1078 -16.32 15.63 -8.52
C MET K 1078 -15.49 16.91 -8.42
N THR K 1079 -14.24 16.74 -7.98
CA THR K 1079 -13.32 17.86 -7.84
C THR K 1079 -12.56 18.18 -9.11
N LYS K 1080 -12.58 17.29 -10.10
CA LYS K 1080 -11.86 17.52 -11.34
C LYS K 1080 -12.73 18.08 -12.46
N MET K 1081 -14.05 17.96 -12.34
CA MET K 1081 -14.94 18.65 -13.26
C MET K 1081 -15.06 20.12 -12.92
N LEU K 1082 -14.96 20.47 -11.63
CA LEU K 1082 -14.90 21.87 -11.25
C LEU K 1082 -13.70 22.56 -11.88
N ASP K 1083 -12.59 21.83 -12.06
CA ASP K 1083 -11.43 22.41 -12.74
C ASP K 1083 -11.74 22.73 -14.20
N LEU K 1084 -12.45 21.83 -14.89
CA LEU K 1084 -12.84 22.09 -16.27
C LEU K 1084 -13.79 23.26 -16.34
N LEU K 1085 -14.73 23.34 -15.40
CA LEU K 1085 -15.61 24.52 -15.33
C LEU K 1085 -14.78 25.78 -15.11
N GLU K 1086 -13.74 25.70 -14.28
CA GLU K 1086 -12.88 26.84 -14.04
C GLU K 1086 -12.21 27.31 -15.32
N ASP K 1087 -11.68 26.36 -16.10
CA ASP K 1087 -11.04 26.71 -17.36
C ASP K 1087 -12.04 27.33 -18.33
N PHE K 1088 -13.23 26.73 -18.43
CA PHE K 1088 -14.27 27.28 -19.29
C PHE K 1088 -14.61 28.71 -18.90
N LEU K 1089 -14.81 28.94 -17.59
CA LEU K 1089 -15.16 30.27 -17.11
C LEU K 1089 -14.05 31.26 -17.39
N GLU K 1090 -12.80 30.88 -17.13
CA GLU K 1090 -11.70 31.82 -17.32
C GLU K 1090 -11.55 32.19 -18.78
N HIS K 1091 -11.65 31.21 -19.68
CA HIS K 1091 -11.54 31.54 -21.10
C HIS K 1091 -12.71 32.39 -21.54
N GLU K 1092 -13.90 32.15 -21.00
CA GLU K 1092 -15.07 32.96 -21.33
C GLU K 1092 -14.98 34.36 -20.75
N GLY K 1093 -14.10 34.59 -19.77
CA GLY K 1093 -13.95 35.91 -19.18
C GLY K 1093 -14.91 36.21 -18.06
N TYR K 1094 -15.50 35.19 -17.45
CA TYR K 1094 -16.43 35.36 -16.34
C TYR K 1094 -15.70 35.17 -15.03
N LYS K 1095 -15.73 36.19 -14.18
CA LYS K 1095 -15.11 36.07 -12.87
C LYS K 1095 -15.88 35.08 -12.02
N TYR K 1096 -15.16 34.38 -11.14
CA TYR K 1096 -15.73 33.28 -10.38
C TYR K 1096 -15.03 33.17 -9.03
N GLU K 1097 -15.62 32.36 -8.15
CA GLU K 1097 -14.98 31.96 -6.91
C GLU K 1097 -15.14 30.45 -6.76
N ARG K 1098 -14.27 29.83 -5.96
CA ARG K 1098 -14.30 28.39 -5.73
C ARG K 1098 -14.14 28.06 -4.26
N ILE K 1099 -14.81 26.98 -3.83
CA ILE K 1099 -14.66 26.42 -2.50
C ILE K 1099 -14.75 24.90 -2.61
N ASP K 1100 -13.83 24.20 -1.98
CA ASP K 1100 -13.79 22.74 -2.05
C ASP K 1100 -13.23 22.21 -0.73
N GLY K 1101 -13.02 20.90 -0.67
CA GLY K 1101 -12.37 20.28 0.47
C GLY K 1101 -10.88 20.48 0.54
N GLY K 1102 -10.26 20.92 -0.57
CA GLY K 1102 -8.84 21.20 -0.57
C GLY K 1102 -8.49 22.59 -0.04
N ILE K 1103 -9.45 23.50 -0.03
CA ILE K 1103 -9.23 24.85 0.47
C ILE K 1103 -9.50 24.87 1.98
N THR K 1104 -8.58 25.44 2.73
CA THR K 1104 -8.72 25.50 4.18
C THR K 1104 -9.88 26.40 4.56
N GLY K 1105 -10.40 26.18 5.78
CA GLY K 1105 -11.61 26.86 6.20
C GLY K 1105 -11.49 28.38 6.22
N ASN K 1106 -10.32 28.90 6.60
CA ASN K 1106 -10.15 30.34 6.66
C ASN K 1106 -10.33 30.98 5.29
N MET K 1107 -9.62 30.46 4.29
CA MET K 1107 -9.81 30.95 2.93
C MET K 1107 -11.22 30.67 2.43
N ARG K 1108 -11.83 29.60 2.93
CA ARG K 1108 -13.21 29.29 2.57
C ARG K 1108 -14.13 30.44 2.97
N GLN K 1109 -13.99 30.91 4.21
CA GLN K 1109 -14.82 32.02 4.67
C GLN K 1109 -14.43 33.33 4.02
N GLU K 1110 -13.14 33.57 3.73
CA GLU K 1110 -12.81 34.80 3.02
C GLU K 1110 -13.46 34.82 1.63
N ALA K 1111 -13.45 33.69 0.94
CA ALA K 1111 -14.13 33.61 -0.35
C ALA K 1111 -15.62 33.84 -0.19
N ILE K 1112 -16.23 33.24 0.84
CA ILE K 1112 -17.66 33.41 1.07
C ILE K 1112 -17.98 34.89 1.29
N ASP K 1113 -17.18 35.55 2.11
CA ASP K 1113 -17.40 36.98 2.36
C ASP K 1113 -17.21 37.80 1.10
N ARG K 1114 -16.21 37.44 0.28
CA ARG K 1114 -15.99 38.16 -0.96
C ARG K 1114 -17.18 38.05 -1.89
N PHE K 1115 -17.80 36.86 -1.96
CA PHE K 1115 -18.99 36.72 -2.79
C PHE K 1115 -20.15 37.54 -2.24
N ASN K 1116 -20.32 37.57 -0.93
CA ASN K 1116 -21.45 38.23 -0.29
C ASN K 1116 -21.18 39.70 0.01
N ALA K 1117 -20.22 40.32 -0.67
CA ALA K 1117 -19.93 41.72 -0.45
C ALA K 1117 -21.07 42.58 -0.99
N PRO K 1118 -21.24 43.80 -0.46
CA PRO K 1118 -22.30 44.67 -0.98
C PRO K 1118 -22.20 44.89 -2.48
N GLY K 1119 -20.98 45.07 -2.99
CA GLY K 1119 -20.76 45.14 -4.42
C GLY K 1119 -19.60 44.23 -4.82
N ALA K 1120 -19.89 43.22 -5.63
CA ALA K 1120 -18.89 42.25 -6.04
C ALA K 1120 -19.00 42.00 -7.54
N GLN K 1121 -17.86 41.77 -8.18
CA GLN K 1121 -17.80 41.47 -9.61
C GLN K 1121 -17.78 39.98 -9.89
N GLN K 1122 -17.83 39.14 -8.85
CA GLN K 1122 -17.77 37.69 -9.04
C GLN K 1122 -19.12 37.21 -9.55
N PHE K 1123 -19.16 36.83 -10.83
CA PHE K 1123 -20.41 36.42 -11.46
C PHE K 1123 -20.95 35.12 -10.84
N CYS K 1124 -20.08 34.14 -10.60
CA CYS K 1124 -20.53 32.81 -10.27
C CYS K 1124 -19.63 32.18 -9.21
N PHE K 1125 -20.19 31.20 -8.51
CA PHE K 1125 -19.50 30.53 -7.42
C PHE K 1125 -19.57 29.03 -7.68
N LEU K 1126 -18.42 28.38 -7.76
CA LEU K 1126 -18.33 26.95 -8.02
C LEU K 1126 -18.22 26.22 -6.69
N LEU K 1127 -19.22 25.38 -6.40
CA LEU K 1127 -19.40 24.74 -5.12
C LEU K 1127 -19.28 23.23 -5.28
N SER K 1128 -19.08 22.55 -4.16
CA SER K 1128 -19.10 21.09 -4.10
C SER K 1128 -20.18 20.67 -3.12
N THR K 1129 -21.02 19.71 -3.53
CA THR K 1129 -22.17 19.35 -2.72
C THR K 1129 -21.79 18.86 -1.34
N ARG K 1130 -20.56 18.39 -1.16
CA ARG K 1130 -20.10 17.87 0.12
CA ARG K 1130 -20.11 17.87 0.14
C ARG K 1130 -19.41 18.93 0.98
N ALA K 1131 -18.69 19.85 0.33
CA ALA K 1131 -17.83 20.81 1.02
C ALA K 1131 -18.27 22.24 0.76
N GLY K 1132 -19.54 22.54 1.01
CA GLY K 1132 -20.11 23.81 0.60
C GLY K 1132 -21.58 23.73 0.26
N GLY K 1133 -22.15 22.53 0.30
CA GLY K 1133 -23.59 22.39 0.19
C GLY K 1133 -24.21 21.96 1.51
N LEU K 1134 -23.57 22.34 2.62
CA LEU K 1134 -24.05 21.95 3.95
C LEU K 1134 -24.44 23.13 4.81
N GLY K 1135 -23.57 24.10 5.02
CA GLY K 1135 -23.81 25.13 6.02
C GLY K 1135 -23.51 26.56 5.63
N ILE K 1136 -22.86 26.77 4.49
CA ILE K 1136 -22.45 28.11 4.12
C ILE K 1136 -23.68 28.96 3.82
N ASN K 1137 -23.55 30.27 4.01
CA ASN K 1137 -24.61 31.24 3.75
C ASN K 1137 -24.25 32.04 2.51
N LEU K 1138 -24.97 31.80 1.41
CA LEU K 1138 -24.82 32.54 0.16
C LEU K 1138 -26.19 33.10 -0.20
N ALA K 1139 -26.53 34.25 0.37
CA ALA K 1139 -27.84 34.86 0.18
C ALA K 1139 -27.89 35.83 -0.99
N THR K 1140 -26.74 36.14 -1.60
CA THR K 1140 -26.69 37.10 -2.69
C THR K 1140 -26.82 36.45 -4.06
N ALA K 1141 -27.04 35.13 -4.12
CA ALA K 1141 -27.20 34.42 -5.37
C ALA K 1141 -28.67 34.12 -5.62
N ASP K 1142 -29.08 34.22 -6.89
CA ASP K 1142 -30.46 34.01 -7.29
C ASP K 1142 -30.60 32.90 -8.33
N THR K 1143 -29.61 32.01 -8.43
CA THR K 1143 -29.67 30.92 -9.38
C THR K 1143 -28.73 29.82 -8.94
N VAL K 1144 -29.21 28.58 -9.00
CA VAL K 1144 -28.43 27.39 -8.65
C VAL K 1144 -28.46 26.45 -9.85
N ILE K 1145 -27.31 25.89 -10.19
CA ILE K 1145 -27.19 24.95 -11.31
C ILE K 1145 -26.57 23.67 -10.75
N ILE K 1146 -27.37 22.61 -10.72
CA ILE K 1146 -26.90 21.30 -10.26
C ILE K 1146 -26.33 20.62 -11.49
N TYR K 1147 -25.03 20.80 -11.71
CA TYR K 1147 -24.38 20.25 -12.88
C TYR K 1147 -24.38 18.73 -12.86
N ASP K 1148 -24.13 18.13 -11.69
CA ASP K 1148 -24.09 16.68 -11.54
C ASP K 1148 -25.01 16.30 -10.40
N SER K 1149 -25.88 15.32 -10.64
CA SER K 1149 -26.84 14.86 -9.65
C SER K 1149 -26.23 13.80 -8.75
N ASP K 1150 -26.71 13.74 -7.52
CA ASP K 1150 -26.18 12.85 -6.50
C ASP K 1150 -27.11 11.68 -6.28
N TRP K 1151 -26.54 10.60 -5.73
CA TRP K 1151 -27.35 9.45 -5.31
C TRP K 1151 -28.34 9.85 -4.23
N ASN K 1152 -27.90 10.66 -3.27
CA ASN K 1152 -28.78 11.17 -2.23
C ASN K 1152 -29.46 12.44 -2.69
N PRO K 1153 -30.78 12.46 -2.84
CA PRO K 1153 -31.44 13.71 -3.25
C PRO K 1153 -31.37 14.80 -2.20
N HIS K 1154 -31.31 14.44 -0.91
CA HIS K 1154 -31.25 15.46 0.14
C HIS K 1154 -29.93 16.20 0.15
N ASN K 1155 -28.85 15.57 -0.34
CA ASN K 1155 -27.57 16.24 -0.43
C ASN K 1155 -27.56 17.32 -1.50
N ASP K 1156 -28.56 17.34 -2.37
CA ASP K 1156 -28.78 18.43 -3.31
C ASP K 1156 -29.87 19.39 -2.85
N ILE K 1157 -30.82 18.91 -2.06
CA ILE K 1157 -31.81 19.82 -1.47
C ILE K 1157 -31.12 20.74 -0.46
N GLN K 1158 -30.12 20.23 0.25
CA GLN K 1158 -29.26 21.10 1.04
C GLN K 1158 -28.49 22.09 0.17
N ALA K 1159 -28.24 21.74 -1.10
CA ALA K 1159 -27.62 22.68 -2.02
C ALA K 1159 -28.62 23.72 -2.54
N PHE K 1160 -29.91 23.39 -2.56
CA PHE K 1160 -30.91 24.38 -2.91
C PHE K 1160 -30.93 25.53 -1.91
N SER K 1161 -30.92 25.21 -0.62
CA SER K 1161 -31.10 26.23 0.41
C SER K 1161 -29.88 27.12 0.57
N ARG K 1162 -28.76 26.80 -0.08
CA ARG K 1162 -27.61 27.68 0.00
C ARG K 1162 -27.91 29.06 -0.57
N ALA K 1163 -28.93 29.16 -1.44
CA ALA K 1163 -29.37 30.43 -1.99
C ALA K 1163 -30.74 30.87 -1.46
N HIS K 1164 -31.64 29.92 -1.21
CA HIS K 1164 -32.97 30.24 -0.68
C HIS K 1164 -32.91 30.21 0.84
N ARG K 1165 -32.92 31.39 1.46
CA ARG K 1165 -32.90 31.53 2.91
C ARG K 1165 -33.40 32.93 3.24
N ILE K 1166 -33.26 33.33 4.50
CA ILE K 1166 -33.77 34.63 4.93
C ILE K 1166 -33.12 35.76 4.13
N GLY K 1167 -31.83 35.65 3.86
CA GLY K 1167 -31.15 36.71 3.16
C GLY K 1167 -31.58 36.89 1.72
N GLN K 1168 -32.36 35.96 1.18
CA GLN K 1168 -32.82 36.05 -0.19
C GLN K 1168 -34.03 36.97 -0.30
N ASN K 1169 -34.01 37.84 -1.31
CA ASN K 1169 -35.13 38.75 -1.58
C ASN K 1169 -35.55 38.71 -3.03
N LYS K 1170 -35.09 37.72 -3.80
CA LYS K 1170 -35.42 37.58 -5.21
C LYS K 1170 -35.81 36.14 -5.50
N LYS K 1171 -36.37 35.93 -6.69
CA LYS K 1171 -36.70 34.59 -7.13
C LYS K 1171 -35.44 33.73 -7.26
N VAL K 1172 -35.58 32.45 -6.92
CA VAL K 1172 -34.49 31.49 -6.99
C VAL K 1172 -34.88 30.40 -7.98
N MET K 1173 -34.00 30.13 -8.93
CA MET K 1173 -34.22 29.13 -9.96
C MET K 1173 -33.13 28.06 -9.84
N ILE K 1174 -33.55 26.81 -9.69
CA ILE K 1174 -32.64 25.67 -9.62
C ILE K 1174 -32.76 24.89 -10.91
N TYR K 1175 -31.62 24.62 -11.55
CA TYR K 1175 -31.55 24.03 -12.88
C TYR K 1175 -30.70 22.77 -12.78
N ARG K 1176 -31.35 21.60 -12.75
CA ARG K 1176 -30.63 20.33 -12.73
C ARG K 1176 -30.28 19.92 -14.15
N PHE K 1177 -29.03 19.48 -14.35
CA PHE K 1177 -28.58 19.04 -15.66
C PHE K 1177 -28.63 17.52 -15.72
N VAL K 1178 -29.42 16.99 -16.65
CA VAL K 1178 -29.63 15.56 -16.79
C VAL K 1178 -29.43 15.20 -18.26
N THR K 1179 -28.55 14.22 -18.52
CA THR K 1179 -28.27 13.80 -19.87
C THR K 1179 -29.28 12.76 -20.33
N ARG K 1180 -29.82 12.96 -21.53
CA ARG K 1180 -30.79 12.01 -22.08
C ARG K 1180 -30.13 10.66 -22.30
N ALA K 1181 -30.86 9.59 -21.97
CA ALA K 1181 -30.44 8.22 -22.24
C ALA K 1181 -29.03 7.97 -21.73
N SER K 1182 -28.88 8.08 -20.41
CA SER K 1182 -27.59 7.87 -19.77
C SER K 1182 -27.83 7.45 -18.33
N VAL K 1183 -26.73 7.19 -17.62
CA VAL K 1183 -26.84 6.82 -16.21
C VAL K 1183 -27.47 7.94 -15.40
N GLU K 1184 -27.30 9.19 -15.83
CA GLU K 1184 -27.86 10.31 -15.09
C GLU K 1184 -29.36 10.17 -14.92
N GLU K 1185 -30.06 9.76 -15.98
CA GLU K 1185 -31.50 9.58 -15.88
C GLU K 1185 -31.83 8.57 -14.78
N ARG K 1186 -31.09 7.47 -14.72
CA ARG K 1186 -31.41 6.42 -13.75
C ARG K 1186 -31.06 6.86 -12.33
N ILE K 1187 -29.97 7.61 -12.14
CA ILE K 1187 -29.65 8.07 -10.80
C ILE K 1187 -30.69 9.08 -10.33
N THR K 1188 -31.18 9.94 -11.22
CA THR K 1188 -32.26 10.85 -10.83
C THR K 1188 -33.53 10.08 -10.50
N GLN K 1189 -33.89 9.08 -11.30
CA GLN K 1189 -35.08 8.29 -11.02
C GLN K 1189 -34.94 7.45 -9.75
N VAL K 1190 -33.72 7.12 -9.34
CA VAL K 1190 -33.53 6.40 -8.10
C VAL K 1190 -33.58 7.35 -6.91
N ALA K 1191 -32.97 8.53 -7.04
CA ALA K 1191 -33.01 9.50 -5.96
C ALA K 1191 -34.42 10.02 -5.74
N LYS K 1192 -35.21 10.17 -6.82
CA LYS K 1192 -36.59 10.62 -6.66
C LYS K 1192 -37.40 9.62 -5.85
N LYS K 1193 -37.30 8.34 -6.20
CA LYS K 1193 -38.01 7.31 -5.44
C LYS K 1193 -37.40 7.08 -4.06
N LYS K 1194 -36.18 7.56 -3.84
CA LYS K 1194 -35.56 7.46 -2.51
C LYS K 1194 -36.26 8.33 -1.48
N MET K 1195 -36.96 9.37 -1.91
CA MET K 1195 -37.59 10.31 -0.99
C MET K 1195 -39.09 10.08 -0.86
N MET K 1196 -39.60 8.93 -1.34
CA MET K 1196 -41.00 8.59 -1.12
C MET K 1196 -41.30 8.30 0.34
N LEU K 1197 -40.31 8.35 1.22
CA LEU K 1197 -40.53 8.25 2.66
C LEU K 1197 -41.02 9.56 3.27
N THR K 1198 -41.08 10.63 2.47
CA THR K 1198 -41.54 11.92 2.98
C THR K 1198 -42.95 11.79 3.55
N HIS K 1199 -43.15 12.35 4.73
CA HIS K 1199 -44.43 12.32 5.43
C HIS K 1199 -44.80 13.73 5.86
N LEU K 1200 -45.94 13.86 6.53
CA LEU K 1200 -46.38 15.16 7.03
C LEU K 1200 -45.40 15.73 8.04
N VAL K 1201 -44.65 14.88 8.74
CA VAL K 1201 -43.63 15.38 9.67
C VAL K 1201 -42.44 15.94 8.91
N VAL K 1202 -42.28 15.60 7.63
CA VAL K 1202 -41.20 16.12 6.82
C VAL K 1202 -41.73 17.24 5.94
N ARG K 1203 -43.00 17.15 5.55
CA ARG K 1203 -43.63 18.16 4.71
C ARG K 1203 -45.08 18.38 5.13
N UNK K 1204 -31.70 22.69 -28.71
CA UNK K 1204 -32.03 23.91 -27.98
C UNK K 1204 -31.39 25.12 -28.64
N UNK K 1205 -32.21 25.95 -29.27
CA UNK K 1205 -31.72 27.13 -29.97
C UNK K 1205 -31.58 28.31 -29.01
N UNK K 1206 -31.84 29.51 -29.51
CA UNK K 1206 -31.74 30.72 -28.70
C UNK K 1206 -33.10 31.08 -28.10
N UNK K 1207 -34.13 31.03 -28.92
CA UNK K 1207 -35.48 31.36 -28.48
C UNK K 1207 -35.99 30.34 -27.48
N UNK K 1208 -35.35 29.17 -27.44
CA UNK K 1208 -35.70 28.12 -26.50
C UNK K 1208 -35.05 28.39 -25.15
N UNK K 1209 -33.76 28.69 -25.18
CA UNK K 1209 -33.02 29.00 -23.97
C UNK K 1209 -33.57 30.26 -23.32
N UNK K 1210 -34.09 31.18 -24.16
CA UNK K 1210 -34.67 32.41 -23.66
C UNK K 1210 -35.88 32.12 -22.79
N UNK K 1211 -36.63 31.08 -23.15
CA UNK K 1211 -37.80 30.68 -22.39
C UNK K 1211 -37.37 29.83 -21.19
N UNK K 1212 -36.32 29.06 -21.37
CA UNK K 1212 -35.79 28.21 -20.30
C UNK K 1212 -35.38 29.04 -19.11
N UNK K 1213 -34.87 30.25 -19.37
CA UNK K 1213 -34.44 31.15 -18.31
C UNK K 1213 -35.58 32.11 -17.94
N UNK K 1214 -36.78 31.56 -17.78
CA UNK K 1214 -37.95 32.36 -17.44
C UNK K 1214 -38.01 32.61 -15.94
N UNK K 1215 -38.49 33.80 -15.56
CA UNK K 1215 -38.60 34.17 -14.16
C UNK K 1215 -37.22 34.24 -13.51
PG ANP L . -28.39 25.82 7.65
O1G ANP L . -27.52 25.48 6.49
O2G ANP L . -28.25 24.69 8.75
O3G ANP L . -29.90 25.92 7.20
PB ANP L . -29.03 27.73 9.50
O1B ANP L . -30.15 26.74 9.52
O2B ANP L . -28.32 27.75 10.88
N3B ANP L . -27.92 27.30 8.32
PA ANP L . -28.78 30.41 9.64
O1A ANP L . -27.43 30.03 10.12
O2A ANP L . -29.63 31.12 10.71
O3A ANP L . -29.60 29.15 9.19
O5' ANP L . -28.63 31.31 8.34
C5' ANP L . -29.60 32.32 8.02
C4' ANP L . -28.93 33.67 7.93
O4' ANP L . -29.86 34.69 8.35
C3' ANP L . -27.69 33.86 8.81
O3' ANP L . -26.78 34.77 8.20
C2' ANP L . -28.28 34.41 10.10
O2' ANP L . -27.35 35.20 10.83
C1' ANP L . -29.42 35.29 9.56
N9 ANP L . -30.56 35.40 10.46
C8 ANP L . -31.43 34.41 10.82
N7 ANP L . -32.36 34.79 11.65
C5 ANP L . -32.09 36.13 11.86
C6 ANP L . -32.73 37.12 12.64
N6 ANP L . -33.80 36.90 13.40
N1 ANP L . -32.19 38.37 12.62
C2 ANP L . -31.12 38.60 11.87
N3 ANP L . -30.44 37.75 11.10
C4 ANP L . -30.98 36.53 11.13
MG MG M . -27.19 26.11 9.98
ZN ZN N . 35.38 41.96 -8.60
ZN ZN O . 35.68 39.50 5.60
#